data_9BYE
# 
_entry.id   9BYE 
# 
_audit_conform.dict_name       mmcif_pdbx.dic 
_audit_conform.dict_version    5.407 
_audit_conform.dict_location   http://mmcif.pdb.org/dictionaries/ascii/mmcif_pdbx.dic 
# 
loop_
_database_2.database_id 
_database_2.database_code 
_database_2.pdbx_database_accession 
_database_2.pdbx_DOI 
PDB   9BYE         pdb_00009bye 10.2210/pdb9bye/pdb 
WWPDB D_1000284348 ?            ?                   
# 
_pdbx_audit_revision_history.ordinal             1 
_pdbx_audit_revision_history.data_content_type   'Structure model' 
_pdbx_audit_revision_history.major_revision      1 
_pdbx_audit_revision_history.minor_revision      0 
_pdbx_audit_revision_history.revision_date       2025-11-26 
_pdbx_audit_revision_history.part_number         ? 
# 
_pdbx_audit_revision_details.ordinal             1 
_pdbx_audit_revision_details.revision_ordinal    1 
_pdbx_audit_revision_details.data_content_type   'Structure model' 
_pdbx_audit_revision_details.provider            repository 
_pdbx_audit_revision_details.type                'Initial release' 
_pdbx_audit_revision_details.description         ? 
_pdbx_audit_revision_details.details             ? 
# 
_pdbx_database_status.status_code                     REL 
_pdbx_database_status.status_code_sf                  REL 
_pdbx_database_status.status_code_mr                  ? 
_pdbx_database_status.entry_id                        9BYE 
_pdbx_database_status.recvd_initial_deposition_date   2024-05-23 
_pdbx_database_status.SG_entry                        N 
_pdbx_database_status.deposit_site                    RCSB 
_pdbx_database_status.process_site                    RCSB 
_pdbx_database_status.status_code_cs                  ? 
_pdbx_database_status.status_code_nmr_data            ? 
_pdbx_database_status.methods_development_category    ? 
_pdbx_database_status.pdb_format_compatible           Y 
# 
_pdbx_contact_author.id                 2 
_pdbx_contact_author.email              nishatseraj@gmail.com 
_pdbx_contact_author.name_first         Nishat 
_pdbx_contact_author.name_last          Seraj 
_pdbx_contact_author.name_mi            ? 
_pdbx_contact_author.role               'principal investigator/group leader' 
_pdbx_contact_author.identifier_ORCID   0000-0002-3292-377X 
# 
loop_
_audit_author.name 
_audit_author.pdbx_ordinal 
_audit_author.identifier_ORCID 
'Seraj, N.'       1 0000-0002-3292-377X 
'Cappelli, L.'    2 ?                   
'Wahome, N.'      3 ?                   
'Cinelli, P.'     4 ?                   
'Fabiola, G.'     5 ?                   
'Cartocci, E.'    6 ?                   
'Harshbarger, W.' 7 ?                   
'Delany, I.'      8 ?                   
'Cozzi, R.'       9 ?                   
# 
_citation.abstract                  ? 
_citation.abstract_id_CAS           ? 
_citation.book_id_ISBN              ? 
_citation.book_publisher            ? 
_citation.book_publisher_city       ? 
_citation.book_title                ? 
_citation.coordinate_linkage        ? 
_citation.country                   ? 
_citation.database_id_Medline       ? 
_citation.details                   ? 
_citation.id                        primary 
_citation.journal_abbrev            'To Be Published' 
_citation.journal_id_ASTM           ? 
_citation.journal_id_CSD            0353 
_citation.journal_id_ISSN           ? 
_citation.journal_full              ? 
_citation.journal_issue             ? 
_citation.journal_volume            ? 
_citation.language                  ? 
_citation.page_first                ? 
_citation.page_last                 ? 
_citation.title                     'In silico Self-assembling Protein Nanoparticles Optimization for Protein Antigen display' 
_citation.year                      ? 
_citation.database_id_CSD           ? 
_citation.pdbx_database_id_DOI      ? 
_citation.pdbx_database_id_PubMed   ? 
_citation.pdbx_database_id_patent   ? 
_citation.unpublished_flag          ? 
# 
loop_
_citation_author.citation_id 
_citation_author.name 
_citation_author.ordinal 
_citation_author.identifier_ORCID 
primary 'Cappelli, L.'    1 ? 
primary 'Wahome, N.'      2 ? 
primary 'Cinelli, P.'     3 ? 
primary 'Giusti, F.'      4 ? 
primary 'Seraj, N.'       5 ? 
primary 'Cartocci, E.'    6 ? 
primary 'Harshbarger, W.' 7 ? 
primary 'Delany, I.'      8 ? 
primary 'Cozzi, R.'       9 ? 
# 
loop_
_entity.id 
_entity.type 
_entity.src_method 
_entity.pdbx_description 
_entity.formula_weight 
_entity.pdbx_number_of_molecules 
_entity.pdbx_ec 
_entity.pdbx_mutation 
_entity.pdbx_fragment 
_entity.details 
1 polymer man 'Bacterial non-heme ferritin' 19049.346 1   1.16.3.2 ? ? ? 
2 water   nat water                         18.015    188 ?        ? ? ? 
# 
_entity_name_com.entity_id   1 
_entity_name_com.name        Ferritin-1 
# 
_entity_poly.entity_id                      1 
_entity_poly.type                           'polypeptide(L)' 
_entity_poly.nstd_linkage                   no 
_entity_poly.nstd_monomer                   no 
_entity_poly.pdbx_seq_one_letter_code       
;GLKPEMIEKLNEQMNLELYSSLLYQQMSAWCSYHGFEGAAAFLRRHAQEEMTHMQRLFDYLTDTGNLPRIDTIPSPFAEY
SSLDELFQETYKHEQLITQKINELAHAAMTNQDYPTFNFLQWYVAEQHEEEKLFKSIIDKLSLAGKSGEGLYFIDKELST
LDT
;
_entity_poly.pdbx_seq_one_letter_code_can   
;GLKPEMIEKLNEQMNLELYSSLLYQQMSAWCSYHGFEGAAAFLRRHAQEEMTHMQRLFDYLTDTGNLPRIDTIPSPFAEY
SSLDELFQETYKHEQLITQKINELAHAAMTNQDYPTFNFLQWYVAEQHEEEKLFKSIIDKLSLAGKSGEGLYFIDKELST
LDT
;
_entity_poly.pdbx_strand_id                 A 
_entity_poly.pdbx_target_identifier         ? 
# 
_pdbx_entity_nonpoly.entity_id   2 
_pdbx_entity_nonpoly.name        water 
_pdbx_entity_nonpoly.comp_id     HOH 
# 
loop_
_entity_poly_seq.entity_id 
_entity_poly_seq.num 
_entity_poly_seq.mon_id 
_entity_poly_seq.hetero 
1 1   GLY n 
1 2   LEU n 
1 3   LYS n 
1 4   PRO n 
1 5   GLU n 
1 6   MET n 
1 7   ILE n 
1 8   GLU n 
1 9   LYS n 
1 10  LEU n 
1 11  ASN n 
1 12  GLU n 
1 13  GLN n 
1 14  MET n 
1 15  ASN n 
1 16  LEU n 
1 17  GLU n 
1 18  LEU n 
1 19  TYR n 
1 20  SER n 
1 21  SER n 
1 22  LEU n 
1 23  LEU n 
1 24  TYR n 
1 25  GLN n 
1 26  GLN n 
1 27  MET n 
1 28  SER n 
1 29  ALA n 
1 30  TRP n 
1 31  CYS n 
1 32  SER n 
1 33  TYR n 
1 34  HIS n 
1 35  GLY n 
1 36  PHE n 
1 37  GLU n 
1 38  GLY n 
1 39  ALA n 
1 40  ALA n 
1 41  ALA n 
1 42  PHE n 
1 43  LEU n 
1 44  ARG n 
1 45  ARG n 
1 46  HIS n 
1 47  ALA n 
1 48  GLN n 
1 49  GLU n 
1 50  GLU n 
1 51  MET n 
1 52  THR n 
1 53  HIS n 
1 54  MET n 
1 55  GLN n 
1 56  ARG n 
1 57  LEU n 
1 58  PHE n 
1 59  ASP n 
1 60  TYR n 
1 61  LEU n 
1 62  THR n 
1 63  ASP n 
1 64  THR n 
1 65  GLY n 
1 66  ASN n 
1 67  LEU n 
1 68  PRO n 
1 69  ARG n 
1 70  ILE n 
1 71  ASP n 
1 72  THR n 
1 73  ILE n 
1 74  PRO n 
1 75  SER n 
1 76  PRO n 
1 77  PHE n 
1 78  ALA n 
1 79  GLU n 
1 80  TYR n 
1 81  SER n 
1 82  SER n 
1 83  LEU n 
1 84  ASP n 
1 85  GLU n 
1 86  LEU n 
1 87  PHE n 
1 88  GLN n 
1 89  GLU n 
1 90  THR n 
1 91  TYR n 
1 92  LYS n 
1 93  HIS n 
1 94  GLU n 
1 95  GLN n 
1 96  LEU n 
1 97  ILE n 
1 98  THR n 
1 99  GLN n 
1 100 LYS n 
1 101 ILE n 
1 102 ASN n 
1 103 GLU n 
1 104 LEU n 
1 105 ALA n 
1 106 HIS n 
1 107 ALA n 
1 108 ALA n 
1 109 MET n 
1 110 THR n 
1 111 ASN n 
1 112 GLN n 
1 113 ASP n 
1 114 TYR n 
1 115 PRO n 
1 116 THR n 
1 117 PHE n 
1 118 ASN n 
1 119 PHE n 
1 120 LEU n 
1 121 GLN n 
1 122 TRP n 
1 123 TYR n 
1 124 VAL n 
1 125 ALA n 
1 126 GLU n 
1 127 GLN n 
1 128 HIS n 
1 129 GLU n 
1 130 GLU n 
1 131 GLU n 
1 132 LYS n 
1 133 LEU n 
1 134 PHE n 
1 135 LYS n 
1 136 SER n 
1 137 ILE n 
1 138 ILE n 
1 139 ASP n 
1 140 LYS n 
1 141 LEU n 
1 142 SER n 
1 143 LEU n 
1 144 ALA n 
1 145 GLY n 
1 146 LYS n 
1 147 SER n 
1 148 GLY n 
1 149 GLU n 
1 150 GLY n 
1 151 LEU n 
1 152 TYR n 
1 153 PHE n 
1 154 ILE n 
1 155 ASP n 
1 156 LYS n 
1 157 GLU n 
1 158 LEU n 
1 159 SER n 
1 160 THR n 
1 161 LEU n 
1 162 ASP n 
1 163 THR n 
# 
_entity_src_gen.entity_id                          1 
_entity_src_gen.pdbx_src_id                        1 
_entity_src_gen.pdbx_alt_source_flag               sample 
_entity_src_gen.pdbx_seq_type                      'Biological sequence' 
_entity_src_gen.pdbx_beg_seq_num                   1 
_entity_src_gen.pdbx_end_seq_num                   163 
_entity_src_gen.gene_src_common_name               ? 
_entity_src_gen.gene_src_genus                     ? 
_entity_src_gen.pdbx_gene_src_gene                 'ftnA, Z2960, ECs2613' 
_entity_src_gen.gene_src_species                   ? 
_entity_src_gen.gene_src_strain                    ? 
_entity_src_gen.gene_src_tissue                    ? 
_entity_src_gen.gene_src_tissue_fraction           ? 
_entity_src_gen.gene_src_details                   ? 
_entity_src_gen.pdbx_gene_src_fragment             ? 
_entity_src_gen.pdbx_gene_src_scientific_name      'Escherichia coli' 
_entity_src_gen.pdbx_gene_src_ncbi_taxonomy_id     562 
_entity_src_gen.pdbx_gene_src_variant              ? 
_entity_src_gen.pdbx_gene_src_cell_line            ? 
_entity_src_gen.pdbx_gene_src_atcc                 ? 
_entity_src_gen.pdbx_gene_src_organ                ? 
_entity_src_gen.pdbx_gene_src_organelle            ? 
_entity_src_gen.pdbx_gene_src_cell                 ? 
_entity_src_gen.pdbx_gene_src_cellular_location    ? 
_entity_src_gen.host_org_common_name               ? 
_entity_src_gen.pdbx_host_org_scientific_name      'Escherichia coli' 
_entity_src_gen.pdbx_host_org_ncbi_taxonomy_id     562 
_entity_src_gen.host_org_genus                     ? 
_entity_src_gen.pdbx_host_org_gene                 ? 
_entity_src_gen.pdbx_host_org_organ                ? 
_entity_src_gen.host_org_species                   ? 
_entity_src_gen.pdbx_host_org_tissue               ? 
_entity_src_gen.pdbx_host_org_tissue_fraction      ? 
_entity_src_gen.pdbx_host_org_strain               ? 
_entity_src_gen.pdbx_host_org_variant              ? 
_entity_src_gen.pdbx_host_org_cell_line            ? 
_entity_src_gen.pdbx_host_org_atcc                 ? 
_entity_src_gen.pdbx_host_org_culture_collection   ? 
_entity_src_gen.pdbx_host_org_cell                 ? 
_entity_src_gen.pdbx_host_org_organelle            ? 
_entity_src_gen.pdbx_host_org_cellular_location    ? 
_entity_src_gen.pdbx_host_org_vector_type          ? 
_entity_src_gen.pdbx_host_org_vector               ? 
_entity_src_gen.host_org_details                   ? 
_entity_src_gen.expression_system_id               ? 
_entity_src_gen.plasmid_name                       ? 
_entity_src_gen.plasmid_details                    ? 
_entity_src_gen.pdbx_description                   ? 
# 
loop_
_chem_comp.id 
_chem_comp.type 
_chem_comp.mon_nstd_flag 
_chem_comp.name 
_chem_comp.pdbx_synonyms 
_chem_comp.formula 
_chem_comp.formula_weight 
ALA 'L-peptide linking' y ALANINE         ? 'C3 H7 N O2'     89.093  
ARG 'L-peptide linking' y ARGININE        ? 'C6 H15 N4 O2 1' 175.209 
ASN 'L-peptide linking' y ASPARAGINE      ? 'C4 H8 N2 O3'    132.118 
ASP 'L-peptide linking' y 'ASPARTIC ACID' ? 'C4 H7 N O4'     133.103 
CYS 'L-peptide linking' y CYSTEINE        ? 'C3 H7 N O2 S'   121.158 
GLN 'L-peptide linking' y GLUTAMINE       ? 'C5 H10 N2 O3'   146.144 
GLU 'L-peptide linking' y 'GLUTAMIC ACID' ? 'C5 H9 N O4'     147.129 
GLY 'peptide linking'   y GLYCINE         ? 'C2 H5 N O2'     75.067  
HIS 'L-peptide linking' y HISTIDINE       ? 'C6 H10 N3 O2 1' 156.162 
HOH non-polymer         . WATER           ? 'H2 O'           18.015  
ILE 'L-peptide linking' y ISOLEUCINE      ? 'C6 H13 N O2'    131.173 
LEU 'L-peptide linking' y LEUCINE         ? 'C6 H13 N O2'    131.173 
LYS 'L-peptide linking' y LYSINE          ? 'C6 H15 N2 O2 1' 147.195 
MET 'L-peptide linking' y METHIONINE      ? 'C5 H11 N O2 S'  149.211 
PHE 'L-peptide linking' y PHENYLALANINE   ? 'C9 H11 N O2'    165.189 
PRO 'L-peptide linking' y PROLINE         ? 'C5 H9 N O2'     115.130 
SER 'L-peptide linking' y SERINE          ? 'C3 H7 N O3'     105.093 
THR 'L-peptide linking' y THREONINE       ? 'C4 H9 N O3'     119.119 
TRP 'L-peptide linking' y TRYPTOPHAN      ? 'C11 H12 N2 O2'  204.225 
TYR 'L-peptide linking' y TYROSINE        ? 'C9 H11 N O3'    181.189 
VAL 'L-peptide linking' y VALINE          ? 'C5 H11 N O2'    117.146 
# 
loop_
_pdbx_poly_seq_scheme.asym_id 
_pdbx_poly_seq_scheme.entity_id 
_pdbx_poly_seq_scheme.seq_id 
_pdbx_poly_seq_scheme.mon_id 
_pdbx_poly_seq_scheme.ndb_seq_num 
_pdbx_poly_seq_scheme.pdb_seq_num 
_pdbx_poly_seq_scheme.auth_seq_num 
_pdbx_poly_seq_scheme.pdb_mon_id 
_pdbx_poly_seq_scheme.auth_mon_id 
_pdbx_poly_seq_scheme.pdb_strand_id 
_pdbx_poly_seq_scheme.pdb_ins_code 
_pdbx_poly_seq_scheme.hetero 
A 1 1   GLY 1   1   1   GLY GLY A . n 
A 1 2   LEU 2   2   2   LEU LEU A . n 
A 1 3   LYS 3   3   3   LYS LYS A . n 
A 1 4   PRO 4   4   4   PRO PRO A . n 
A 1 5   GLU 5   5   5   GLU GLU A . n 
A 1 6   MET 6   6   6   MET MET A . n 
A 1 7   ILE 7   7   7   ILE ILE A . n 
A 1 8   GLU 8   8   8   GLU GLU A . n 
A 1 9   LYS 9   9   9   LYS LYS A . n 
A 1 10  LEU 10  10  10  LEU LEU A . n 
A 1 11  ASN 11  11  11  ASN ASN A . n 
A 1 12  GLU 12  12  12  GLU GLU A . n 
A 1 13  GLN 13  13  13  GLN GLN A . n 
A 1 14  MET 14  14  14  MET MET A . n 
A 1 15  ASN 15  15  15  ASN ASN A . n 
A 1 16  LEU 16  16  16  LEU LEU A . n 
A 1 17  GLU 17  17  17  GLU GLU A . n 
A 1 18  LEU 18  18  18  LEU LEU A . n 
A 1 19  TYR 19  19  19  TYR TYR A . n 
A 1 20  SER 20  20  20  SER SER A . n 
A 1 21  SER 21  21  21  SER SER A . n 
A 1 22  LEU 22  22  22  LEU LEU A . n 
A 1 23  LEU 23  23  23  LEU LEU A . n 
A 1 24  TYR 24  24  24  TYR TYR A . n 
A 1 25  GLN 25  25  25  GLN GLN A . n 
A 1 26  GLN 26  26  26  GLN GLN A . n 
A 1 27  MET 27  27  27  MET MET A . n 
A 1 28  SER 28  28  28  SER SER A . n 
A 1 29  ALA 29  29  29  ALA ALA A . n 
A 1 30  TRP 30  30  30  TRP TRP A . n 
A 1 31  CYS 31  31  31  CYS CYS A . n 
A 1 32  SER 32  32  32  SER SER A . n 
A 1 33  TYR 33  33  33  TYR TYR A . n 
A 1 34  HIS 34  34  34  HIS HIS A . n 
A 1 35  GLY 35  35  35  GLY GLY A . n 
A 1 36  PHE 36  36  36  PHE PHE A . n 
A 1 37  GLU 37  37  37  GLU GLU A . n 
A 1 38  GLY 38  38  38  GLY GLY A . n 
A 1 39  ALA 39  39  39  ALA ALA A . n 
A 1 40  ALA 40  40  40  ALA ALA A . n 
A 1 41  ALA 41  41  41  ALA ALA A . n 
A 1 42  PHE 42  42  42  PHE PHE A . n 
A 1 43  LEU 43  43  43  LEU LEU A . n 
A 1 44  ARG 44  44  44  ARG ARG A . n 
A 1 45  ARG 45  45  45  ARG ARG A . n 
A 1 46  HIS 46  46  46  HIS HIS A . n 
A 1 47  ALA 47  47  47  ALA ALA A . n 
A 1 48  GLN 48  48  48  GLN GLN A . n 
A 1 49  GLU 49  49  49  GLU GLU A . n 
A 1 50  GLU 50  50  50  GLU GLU A . n 
A 1 51  MET 51  51  51  MET MET A . n 
A 1 52  THR 52  52  52  THR THR A . n 
A 1 53  HIS 53  53  53  HIS HIS A . n 
A 1 54  MET 54  54  54  MET MET A . n 
A 1 55  GLN 55  55  55  GLN GLN A . n 
A 1 56  ARG 56  56  56  ARG ARG A . n 
A 1 57  LEU 57  57  57  LEU LEU A . n 
A 1 58  PHE 58  58  58  PHE PHE A . n 
A 1 59  ASP 59  59  59  ASP ASP A . n 
A 1 60  TYR 60  60  60  TYR TYR A . n 
A 1 61  LEU 61  61  61  LEU LEU A . n 
A 1 62  THR 62  62  62  THR THR A . n 
A 1 63  ASP 63  63  63  ASP ASP A . n 
A 1 64  THR 64  64  64  THR THR A . n 
A 1 65  GLY 65  65  65  GLY GLY A . n 
A 1 66  ASN 66  66  66  ASN ASN A . n 
A 1 67  LEU 67  67  67  LEU LEU A . n 
A 1 68  PRO 68  68  68  PRO PRO A . n 
A 1 69  ARG 69  69  69  ARG ARG A . n 
A 1 70  ILE 70  70  70  ILE ILE A . n 
A 1 71  ASP 71  71  71  ASP ASP A . n 
A 1 72  THR 72  72  72  THR THR A . n 
A 1 73  ILE 73  73  73  ILE ILE A . n 
A 1 74  PRO 74  74  74  PRO PRO A . n 
A 1 75  SER 75  75  75  SER SER A . n 
A 1 76  PRO 76  76  76  PRO PRO A . n 
A 1 77  PHE 77  77  77  PHE PHE A . n 
A 1 78  ALA 78  78  78  ALA ALA A . n 
A 1 79  GLU 79  79  79  GLU GLU A . n 
A 1 80  TYR 80  80  80  TYR TYR A . n 
A 1 81  SER 81  81  81  SER SER A . n 
A 1 82  SER 82  82  82  SER SER A . n 
A 1 83  LEU 83  83  83  LEU LEU A . n 
A 1 84  ASP 84  84  84  ASP ASP A . n 
A 1 85  GLU 85  85  85  GLU GLU A . n 
A 1 86  LEU 86  86  86  LEU LEU A . n 
A 1 87  PHE 87  87  87  PHE PHE A . n 
A 1 88  GLN 88  88  88  GLN GLN A . n 
A 1 89  GLU 89  89  89  GLU GLU A . n 
A 1 90  THR 90  90  90  THR THR A . n 
A 1 91  TYR 91  91  91  TYR TYR A . n 
A 1 92  LYS 92  92  92  LYS LYS A . n 
A 1 93  HIS 93  93  93  HIS HIS A . n 
A 1 94  GLU 94  94  94  GLU GLU A . n 
A 1 95  GLN 95  95  95  GLN GLN A . n 
A 1 96  LEU 96  96  96  LEU LEU A . n 
A 1 97  ILE 97  97  97  ILE ILE A . n 
A 1 98  THR 98  98  98  THR THR A . n 
A 1 99  GLN 99  99  99  GLN GLN A . n 
A 1 100 LYS 100 100 100 LYS LYS A . n 
A 1 101 ILE 101 101 101 ILE ILE A . n 
A 1 102 ASN 102 102 102 ASN ASN A . n 
A 1 103 GLU 103 103 103 GLU GLU A . n 
A 1 104 LEU 104 104 104 LEU LEU A . n 
A 1 105 ALA 105 105 105 ALA ALA A . n 
A 1 106 HIS 106 106 106 HIS HIS A . n 
A 1 107 ALA 107 107 107 ALA ALA A . n 
A 1 108 ALA 108 108 108 ALA ALA A . n 
A 1 109 MET 109 109 109 MET MET A . n 
A 1 110 THR 110 110 110 THR THR A . n 
A 1 111 ASN 111 111 111 ASN ASN A . n 
A 1 112 GLN 112 112 112 GLN GLN A . n 
A 1 113 ASP 113 113 113 ASP ASP A . n 
A 1 114 TYR 114 114 114 TYR TYR A . n 
A 1 115 PRO 115 115 115 PRO PRO A . n 
A 1 116 THR 116 116 116 THR THR A . n 
A 1 117 PHE 117 117 117 PHE PHE A . n 
A 1 118 ASN 118 118 118 ASN ASN A . n 
A 1 119 PHE 119 119 119 PHE PHE A . n 
A 1 120 LEU 120 120 120 LEU LEU A . n 
A 1 121 GLN 121 121 121 GLN GLN A . n 
A 1 122 TRP 122 122 122 TRP TRP A . n 
A 1 123 TYR 123 123 123 TYR TYR A . n 
A 1 124 VAL 124 124 124 VAL VAL A . n 
A 1 125 ALA 125 125 125 ALA ALA A . n 
A 1 126 GLU 126 126 126 GLU GLU A . n 
A 1 127 GLN 127 127 127 GLN GLN A . n 
A 1 128 HIS 128 128 128 HIS HIS A . n 
A 1 129 GLU 129 129 129 GLU GLU A . n 
A 1 130 GLU 130 130 130 GLU GLU A . n 
A 1 131 GLU 131 131 131 GLU GLU A . n 
A 1 132 LYS 132 132 132 LYS LYS A . n 
A 1 133 LEU 133 133 133 LEU LEU A . n 
A 1 134 PHE 134 134 134 PHE PHE A . n 
A 1 135 LYS 135 135 135 LYS LYS A . n 
A 1 136 SER 136 136 136 SER SER A . n 
A 1 137 ILE 137 137 137 ILE ILE A . n 
A 1 138 ILE 138 138 138 ILE ILE A . n 
A 1 139 ASP 139 139 139 ASP ASP A . n 
A 1 140 LYS 140 140 140 LYS LYS A . n 
A 1 141 LEU 141 141 141 LEU LEU A . n 
A 1 142 SER 142 142 142 SER SER A . n 
A 1 143 LEU 143 143 143 LEU LEU A . n 
A 1 144 ALA 144 144 144 ALA ALA A . n 
A 1 145 GLY 145 145 145 GLY GLY A . n 
A 1 146 LYS 146 146 146 LYS LYS A . n 
A 1 147 SER 147 147 147 SER SER A . n 
A 1 148 GLY 148 148 148 GLY GLY A . n 
A 1 149 GLU 149 149 149 GLU GLU A . n 
A 1 150 GLY 150 150 150 GLY GLY A . n 
A 1 151 LEU 151 151 151 LEU LEU A . n 
A 1 152 TYR 152 152 152 TYR TYR A . n 
A 1 153 PHE 153 153 153 PHE PHE A . n 
A 1 154 ILE 154 154 154 ILE ILE A . n 
A 1 155 ASP 155 155 155 ASP ASP A . n 
A 1 156 LYS 156 156 156 LYS LYS A . n 
A 1 157 GLU 157 157 157 GLU GLU A . n 
A 1 158 LEU 158 158 158 LEU LEU A . n 
A 1 159 SER 159 159 159 SER SER A . n 
A 1 160 THR 160 160 160 THR THR A . n 
A 1 161 LEU 161 161 161 LEU LEU A . n 
A 1 162 ASP 162 162 162 ASP ASP A . n 
A 1 163 THR 163 163 163 THR THR A . n 
# 
loop_
_pdbx_nonpoly_scheme.asym_id 
_pdbx_nonpoly_scheme.entity_id 
_pdbx_nonpoly_scheme.mon_id 
_pdbx_nonpoly_scheme.ndb_seq_num 
_pdbx_nonpoly_scheme.pdb_seq_num 
_pdbx_nonpoly_scheme.auth_seq_num 
_pdbx_nonpoly_scheme.pdb_mon_id 
_pdbx_nonpoly_scheme.auth_mon_id 
_pdbx_nonpoly_scheme.pdb_strand_id 
_pdbx_nonpoly_scheme.pdb_ins_code 
B 2 HOH 1   201 81  HOH HOH A . 
B 2 HOH 2   202 57  HOH HOH A . 
B 2 HOH 3   203 182 HOH HOH A . 
B 2 HOH 4   204 1   HOH HOH A . 
B 2 HOH 5   205 124 HOH HOH A . 
B 2 HOH 6   206 132 HOH HOH A . 
B 2 HOH 7   207 88  HOH HOH A . 
B 2 HOH 8   208 47  HOH HOH A . 
B 2 HOH 9   209 120 HOH HOH A . 
B 2 HOH 10  210 110 HOH HOH A . 
B 2 HOH 11  211 101 HOH HOH A . 
B 2 HOH 12  212 10  HOH HOH A . 
B 2 HOH 13  213 27  HOH HOH A . 
B 2 HOH 14  214 50  HOH HOH A . 
B 2 HOH 15  215 64  HOH HOH A . 
B 2 HOH 16  216 59  HOH HOH A . 
B 2 HOH 17  217 99  HOH HOH A . 
B 2 HOH 18  218 163 HOH HOH A . 
B 2 HOH 19  219 164 HOH HOH A . 
B 2 HOH 20  220 17  HOH HOH A . 
B 2 HOH 21  221 106 HOH HOH A . 
B 2 HOH 22  222 43  HOH HOH A . 
B 2 HOH 23  223 66  HOH HOH A . 
B 2 HOH 24  224 154 HOH HOH A . 
B 2 HOH 25  225 8   HOH HOH A . 
B 2 HOH 26  226 94  HOH HOH A . 
B 2 HOH 27  227 25  HOH HOH A . 
B 2 HOH 28  228 160 HOH HOH A . 
B 2 HOH 29  229 30  HOH HOH A . 
B 2 HOH 30  230 131 HOH HOH A . 
B 2 HOH 31  231 44  HOH HOH A . 
B 2 HOH 32  232 70  HOH HOH A . 
B 2 HOH 33  233 34  HOH HOH A . 
B 2 HOH 34  234 16  HOH HOH A . 
B 2 HOH 35  235 7   HOH HOH A . 
B 2 HOH 36  236 21  HOH HOH A . 
B 2 HOH 37  237 26  HOH HOH A . 
B 2 HOH 38  238 155 HOH HOH A . 
B 2 HOH 39  239 35  HOH HOH A . 
B 2 HOH 40  240 90  HOH HOH A . 
B 2 HOH 41  241 86  HOH HOH A . 
B 2 HOH 42  242 4   HOH HOH A . 
B 2 HOH 43  243 55  HOH HOH A . 
B 2 HOH 44  244 18  HOH HOH A . 
B 2 HOH 45  245 83  HOH HOH A . 
B 2 HOH 46  246 9   HOH HOH A . 
B 2 HOH 47  247 3   HOH HOH A . 
B 2 HOH 48  248 20  HOH HOH A . 
B 2 HOH 49  249 84  HOH HOH A . 
B 2 HOH 50  250 116 HOH HOH A . 
B 2 HOH 51  251 52  HOH HOH A . 
B 2 HOH 52  252 60  HOH HOH A . 
B 2 HOH 53  253 36  HOH HOH A . 
B 2 HOH 54  254 138 HOH HOH A . 
B 2 HOH 55  255 5   HOH HOH A . 
B 2 HOH 56  256 100 HOH HOH A . 
B 2 HOH 57  257 147 HOH HOH A . 
B 2 HOH 58  258 39  HOH HOH A . 
B 2 HOH 59  259 72  HOH HOH A . 
B 2 HOH 60  260 153 HOH HOH A . 
B 2 HOH 61  261 13  HOH HOH A . 
B 2 HOH 62  262 33  HOH HOH A . 
B 2 HOH 63  263 15  HOH HOH A . 
B 2 HOH 64  264 151 HOH HOH A . 
B 2 HOH 65  265 135 HOH HOH A . 
B 2 HOH 66  266 109 HOH HOH A . 
B 2 HOH 67  267 77  HOH HOH A . 
B 2 HOH 68  268 82  HOH HOH A . 
B 2 HOH 69  269 54  HOH HOH A . 
B 2 HOH 70  270 56  HOH HOH A . 
B 2 HOH 71  271 24  HOH HOH A . 
B 2 HOH 72  272 2   HOH HOH A . 
B 2 HOH 73  273 181 HOH HOH A . 
B 2 HOH 74  274 49  HOH HOH A . 
B 2 HOH 75  275 85  HOH HOH A . 
B 2 HOH 76  276 71  HOH HOH A . 
B 2 HOH 77  277 141 HOH HOH A . 
B 2 HOH 78  278 103 HOH HOH A . 
B 2 HOH 79  279 14  HOH HOH A . 
B 2 HOH 80  280 11  HOH HOH A . 
B 2 HOH 81  281 162 HOH HOH A . 
B 2 HOH 82  282 79  HOH HOH A . 
B 2 HOH 83  283 62  HOH HOH A . 
B 2 HOH 84  284 113 HOH HOH A . 
B 2 HOH 85  285 61  HOH HOH A . 
B 2 HOH 86  286 102 HOH HOH A . 
B 2 HOH 87  287 41  HOH HOH A . 
B 2 HOH 88  288 115 HOH HOH A . 
B 2 HOH 89  289 143 HOH HOH A . 
B 2 HOH 90  290 159 HOH HOH A . 
B 2 HOH 91  291 134 HOH HOH A . 
B 2 HOH 92  292 42  HOH HOH A . 
B 2 HOH 93  293 53  HOH HOH A . 
B 2 HOH 94  294 144 HOH HOH A . 
B 2 HOH 95  295 40  HOH HOH A . 
B 2 HOH 96  296 108 HOH HOH A . 
B 2 HOH 97  297 29  HOH HOH A . 
B 2 HOH 98  298 63  HOH HOH A . 
B 2 HOH 99  299 125 HOH HOH A . 
B 2 HOH 100 300 38  HOH HOH A . 
B 2 HOH 101 301 156 HOH HOH A . 
B 2 HOH 102 302 91  HOH HOH A . 
B 2 HOH 103 303 23  HOH HOH A . 
B 2 HOH 104 304 6   HOH HOH A . 
B 2 HOH 105 305 19  HOH HOH A . 
B 2 HOH 106 306 45  HOH HOH A . 
B 2 HOH 107 307 180 HOH HOH A . 
B 2 HOH 108 308 73  HOH HOH A . 
B 2 HOH 109 309 31  HOH HOH A . 
B 2 HOH 110 310 92  HOH HOH A . 
B 2 HOH 111 311 51  HOH HOH A . 
B 2 HOH 112 312 136 HOH HOH A . 
B 2 HOH 113 313 37  HOH HOH A . 
B 2 HOH 114 314 107 HOH HOH A . 
B 2 HOH 115 315 67  HOH HOH A . 
B 2 HOH 116 316 74  HOH HOH A . 
B 2 HOH 117 317 46  HOH HOH A . 
B 2 HOH 118 318 65  HOH HOH A . 
B 2 HOH 119 319 58  HOH HOH A . 
B 2 HOH 120 320 167 HOH HOH A . 
B 2 HOH 121 321 28  HOH HOH A . 
B 2 HOH 122 322 166 HOH HOH A . 
B 2 HOH 123 323 170 HOH HOH A . 
B 2 HOH 124 324 126 HOH HOH A . 
B 2 HOH 125 325 172 HOH HOH A . 
B 2 HOH 126 326 104 HOH HOH A . 
B 2 HOH 127 327 146 HOH HOH A . 
B 2 HOH 128 328 175 HOH HOH A . 
B 2 HOH 129 329 173 HOH HOH A . 
B 2 HOH 130 330 161 HOH HOH A . 
B 2 HOH 131 331 176 HOH HOH A . 
B 2 HOH 132 332 139 HOH HOH A . 
B 2 HOH 133 333 111 HOH HOH A . 
B 2 HOH 134 334 140 HOH HOH A . 
B 2 HOH 135 335 118 HOH HOH A . 
B 2 HOH 136 336 89  HOH HOH A . 
B 2 HOH 137 337 114 HOH HOH A . 
B 2 HOH 138 338 105 HOH HOH A . 
B 2 HOH 139 339 121 HOH HOH A . 
B 2 HOH 140 340 97  HOH HOH A . 
B 2 HOH 141 341 149 HOH HOH A . 
B 2 HOH 142 342 32  HOH HOH A . 
B 2 HOH 143 343 123 HOH HOH A . 
B 2 HOH 144 344 168 HOH HOH A . 
B 2 HOH 145 345 158 HOH HOH A . 
B 2 HOH 146 346 78  HOH HOH A . 
B 2 HOH 147 347 183 HOH HOH A . 
B 2 HOH 148 348 186 HOH HOH A . 
B 2 HOH 149 349 142 HOH HOH A . 
B 2 HOH 150 350 80  HOH HOH A . 
B 2 HOH 151 351 185 HOH HOH A . 
B 2 HOH 152 352 98  HOH HOH A . 
B 2 HOH 153 353 122 HOH HOH A . 
B 2 HOH 154 354 22  HOH HOH A . 
B 2 HOH 155 355 96  HOH HOH A . 
B 2 HOH 156 356 137 HOH HOH A . 
B 2 HOH 157 357 75  HOH HOH A . 
B 2 HOH 158 358 148 HOH HOH A . 
B 2 HOH 159 359 69  HOH HOH A . 
B 2 HOH 160 360 129 HOH HOH A . 
B 2 HOH 161 361 76  HOH HOH A . 
B 2 HOH 162 362 93  HOH HOH A . 
B 2 HOH 163 363 117 HOH HOH A . 
B 2 HOH 164 364 188 HOH HOH A . 
B 2 HOH 165 365 177 HOH HOH A . 
B 2 HOH 166 366 179 HOH HOH A . 
B 2 HOH 167 367 95  HOH HOH A . 
B 2 HOH 168 368 68  HOH HOH A . 
B 2 HOH 169 369 48  HOH HOH A . 
B 2 HOH 170 370 145 HOH HOH A . 
B 2 HOH 171 371 87  HOH HOH A . 
B 2 HOH 172 372 119 HOH HOH A . 
B 2 HOH 173 373 174 HOH HOH A . 
B 2 HOH 174 374 152 HOH HOH A . 
B 2 HOH 175 375 12  HOH HOH A . 
B 2 HOH 176 376 184 HOH HOH A . 
B 2 HOH 177 377 150 HOH HOH A . 
B 2 HOH 178 378 133 HOH HOH A . 
B 2 HOH 179 379 171 HOH HOH A . 
B 2 HOH 180 380 112 HOH HOH A . 
B 2 HOH 181 381 178 HOH HOH A . 
B 2 HOH 182 382 130 HOH HOH A . 
B 2 HOH 183 383 165 HOH HOH A . 
B 2 HOH 184 384 128 HOH HOH A . 
B 2 HOH 185 385 127 HOH HOH A . 
B 2 HOH 186 386 169 HOH HOH A . 
B 2 HOH 187 387 157 HOH HOH A . 
B 2 HOH 188 388 187 HOH HOH A . 
# 
loop_
_software.citation_id 
_software.classification 
_software.compiler_name 
_software.compiler_version 
_software.contact_author 
_software.contact_author_email 
_software.date 
_software.description 
_software.dependencies 
_software.hardware 
_software.language 
_software.location 
_software.mods 
_software.name 
_software.os 
_software.os_version 
_software.type 
_software.version 
_software.pdbx_ordinal 
? refinement       ? ? ? ? ? ? ? ? ? ? ? PHENIX   ? ? ? 1.17.1_3660 1 
? 'data scaling'   ? ? ? ? ? ? ? ? ? ? ? HKL-2000 ? ? ? .           2 
? phasing          ? ? ? ? ? ? ? ? ? ? ? PHASER   ? ? ? .           3 
? 'model building' ? ? ? ? ? ? ? ? ? ? ? Coot     ? ? ? .           4 
? 'data reduction' ? ? ? ? ? ? ? ? ? ? ? HKL-2000 ? ? ? .           5 
# 
_cell.angle_alpha                  90.000 
_cell.angle_alpha_esd              ? 
_cell.angle_beta                   90.000 
_cell.angle_beta_esd               ? 
_cell.angle_gamma                  90.000 
_cell.angle_gamma_esd              ? 
_cell.entry_id                     9BYE 
_cell.details                      ? 
_cell.formula_units_Z              ? 
_cell.length_a                     180.373 
_cell.length_a_esd                 ? 
_cell.length_b                     180.373 
_cell.length_b_esd                 ? 
_cell.length_c                     180.373 
_cell.length_c_esd                 ? 
_cell.volume                       5868330.782 
_cell.volume_esd                   ? 
_cell.Z_PDB                        96 
_cell.reciprocal_angle_alpha       ? 
_cell.reciprocal_angle_beta        ? 
_cell.reciprocal_angle_gamma       ? 
_cell.reciprocal_angle_alpha_esd   ? 
_cell.reciprocal_angle_beta_esd    ? 
_cell.reciprocal_angle_gamma_esd   ? 
_cell.reciprocal_length_a          ? 
_cell.reciprocal_length_b          ? 
_cell.reciprocal_length_c          ? 
_cell.reciprocal_length_a_esd      ? 
_cell.reciprocal_length_b_esd      ? 
_cell.reciprocal_length_c_esd      ? 
_cell.pdbx_unique_axis             ? 
_cell.pdbx_esd_method              ? 
# 
_symmetry.entry_id                         9BYE 
_symmetry.cell_setting                     ? 
_symmetry.Int_Tables_number                209 
_symmetry.space_group_name_Hall            'F 4 2 3' 
_symmetry.space_group_name_H-M             'F 4 3 2' 
_symmetry.pdbx_full_space_group_name_H-M   ? 
# 
_exptl.absorpt_coefficient_mu     ? 
_exptl.absorpt_correction_T_max   ? 
_exptl.absorpt_correction_T_min   ? 
_exptl.absorpt_correction_type    ? 
_exptl.absorpt_process_details    ? 
_exptl.entry_id                   9BYE 
_exptl.crystals_number            1 
_exptl.details                    ? 
_exptl.method                     'X-RAY DIFFRACTION' 
_exptl.method_details             ? 
# 
_exptl_crystal.colour                       ? 
_exptl_crystal.density_diffrn               ? 
_exptl_crystal.density_Matthews             3.21 
_exptl_crystal.density_method               ? 
_exptl_crystal.density_percent_sol          61.67 
_exptl_crystal.description                  ? 
_exptl_crystal.F_000                        ? 
_exptl_crystal.id                           1 
_exptl_crystal.preparation                  ? 
_exptl_crystal.size_max                     ? 
_exptl_crystal.size_mid                     ? 
_exptl_crystal.size_min                     ? 
_exptl_crystal.size_rad                     ? 
_exptl_crystal.colour_lustre                ? 
_exptl_crystal.colour_modifier              ? 
_exptl_crystal.colour_primary               ? 
_exptl_crystal.density_meas                 ? 
_exptl_crystal.density_meas_esd             ? 
_exptl_crystal.density_meas_gt              ? 
_exptl_crystal.density_meas_lt              ? 
_exptl_crystal.density_meas_temp            ? 
_exptl_crystal.density_meas_temp_esd        ? 
_exptl_crystal.density_meas_temp_gt         ? 
_exptl_crystal.density_meas_temp_lt         ? 
_exptl_crystal.pdbx_crystal_image_url       ? 
_exptl_crystal.pdbx_crystal_image_format    ? 
_exptl_crystal.pdbx_mosaicity               ? 
_exptl_crystal.pdbx_mosaicity_esd           ? 
_exptl_crystal.pdbx_mosaic_method           ? 
_exptl_crystal.pdbx_mosaic_block_size       ? 
_exptl_crystal.pdbx_mosaic_block_size_esd   ? 
# 
_exptl_crystal_grow.apparatus       ? 
_exptl_crystal_grow.atmosphere      ? 
_exptl_crystal_grow.crystal_id      1 
_exptl_crystal_grow.details         ? 
_exptl_crystal_grow.method          'VAPOR DIFFUSION, SITTING DROP' 
_exptl_crystal_grow.method_ref      ? 
_exptl_crystal_grow.pH              7 
_exptl_crystal_grow.pressure        ? 
_exptl_crystal_grow.pressure_esd    ? 
_exptl_crystal_grow.seeding         ? 
_exptl_crystal_grow.seeding_ref     ? 
_exptl_crystal_grow.temp_details    ? 
_exptl_crystal_grow.temp_esd        ? 
_exptl_crystal_grow.time            ? 
_exptl_crystal_grow.pdbx_details    '0.1 M HEPES pH 7, 1% w/v PEG MME 2K, 1M Na2 Succ' 
_exptl_crystal_grow.pdbx_pH_range   ? 
_exptl_crystal_grow.temp            293 
# 
_diffrn.ambient_environment              ? 
_diffrn.ambient_temp                     100 
_diffrn.ambient_temp_details             ? 
_diffrn.ambient_temp_esd                 ? 
_diffrn.crystal_id                       1 
_diffrn.crystal_support                  ? 
_diffrn.crystal_treatment                ? 
_diffrn.details                          ? 
_diffrn.id                               1 
_diffrn.ambient_pressure                 ? 
_diffrn.ambient_pressure_esd             ? 
_diffrn.ambient_pressure_gt              ? 
_diffrn.ambient_pressure_lt              ? 
_diffrn.ambient_temp_gt                  ? 
_diffrn.ambient_temp_lt                  ? 
_diffrn.pdbx_serial_crystal_experiment   N 
# 
_diffrn_detector.details                      ? 
_diffrn_detector.detector                     PIXEL 
_diffrn_detector.diffrn_id                    1 
_diffrn_detector.type                         'DECTRIS EIGER X 16M' 
_diffrn_detector.area_resol_mean              ? 
_diffrn_detector.dtime                        ? 
_diffrn_detector.pdbx_frames_total            ? 
_diffrn_detector.pdbx_collection_time_total   ? 
_diffrn_detector.pdbx_collection_date         2021-03-31 
_diffrn_detector.pdbx_frequency               ? 
_diffrn_detector.id                           ? 
_diffrn_detector.number_of_axes               ? 
# 
_diffrn_radiation.collimation                      ? 
_diffrn_radiation.diffrn_id                        1 
_diffrn_radiation.filter_edge                      ? 
_diffrn_radiation.inhomogeneity                    ? 
_diffrn_radiation.monochromator                    ? 
_diffrn_radiation.polarisn_norm                    ? 
_diffrn_radiation.polarisn_ratio                   ? 
_diffrn_radiation.probe                            ? 
_diffrn_radiation.type                             ? 
_diffrn_radiation.xray_symbol                      ? 
_diffrn_radiation.wavelength_id                    1 
_diffrn_radiation.pdbx_monochromatic_or_laue_m_l   M 
_diffrn_radiation.pdbx_wavelength_list             ? 
_diffrn_radiation.pdbx_wavelength                  ? 
_diffrn_radiation.pdbx_diffrn_protocol             'SINGLE WAVELENGTH' 
_diffrn_radiation.pdbx_analyzer                    ? 
_diffrn_radiation.pdbx_scattering_type             x-ray 
# 
_diffrn_radiation_wavelength.id           1 
_diffrn_radiation_wavelength.wavelength   1 
_diffrn_radiation_wavelength.wt           1.0 
# 
_diffrn_source.current                     ? 
_diffrn_source.details                     ? 
_diffrn_source.diffrn_id                   1 
_diffrn_source.power                       ? 
_diffrn_source.size                        ? 
_diffrn_source.source                      SYNCHROTRON 
_diffrn_source.target                      ? 
_diffrn_source.type                        'APS BEAMLINE 22-ID' 
_diffrn_source.voltage                     ? 
_diffrn_source.take-off_angle              ? 
_diffrn_source.pdbx_wavelength_list        1 
_diffrn_source.pdbx_wavelength             ? 
_diffrn_source.pdbx_synchrotron_beamline   22-ID 
_diffrn_source.pdbx_synchrotron_site       APS 
# 
_reflns.B_iso_Wilson_estimate                          17.25 
_reflns.entry_id                                       9BYE 
_reflns.data_reduction_details                         ? 
_reflns.data_reduction_method                          ? 
_reflns.d_resolution_high                              1.75 
_reflns.d_resolution_low                               41.38 
_reflns.details                                        ? 
_reflns.limit_h_max                                    ? 
_reflns.limit_h_min                                    ? 
_reflns.limit_k_max                                    ? 
_reflns.limit_k_min                                    ? 
_reflns.limit_l_max                                    ? 
_reflns.limit_l_min                                    ? 
_reflns.number_all                                     ? 
_reflns.number_obs                                     25810 
_reflns.observed_criterion                             ? 
_reflns.observed_criterion_F_max                       ? 
_reflns.observed_criterion_F_min                       ? 
_reflns.observed_criterion_I_max                       ? 
_reflns.observed_criterion_I_min                       ? 
_reflns.observed_criterion_sigma_F                     ? 
_reflns.observed_criterion_sigma_I                     ? 
_reflns.percent_possible_obs                           99.96 
_reflns.R_free_details                                 ? 
_reflns.Rmerge_F_all                                   ? 
_reflns.Rmerge_F_obs                                   ? 
_reflns.Friedel_coverage                               ? 
_reflns.number_gt                                      ? 
_reflns.threshold_expression                           ? 
_reflns.pdbx_redundancy                                3.8 
_reflns.pdbx_netI_over_av_sigmaI                       ? 
_reflns.pdbx_netI_over_sigmaI                          7.9 
_reflns.pdbx_res_netI_over_av_sigmaI_2                 ? 
_reflns.pdbx_res_netI_over_sigmaI_2                    ? 
_reflns.pdbx_chi_squared                               ? 
_reflns.pdbx_scaling_rejects                           ? 
_reflns.pdbx_d_res_high_opt                            ? 
_reflns.pdbx_d_res_low_opt                             ? 
_reflns.pdbx_d_res_opt_method                          ? 
_reflns.phase_calculation_details                      ? 
_reflns.pdbx_Rrim_I_all                                0.095 
_reflns.pdbx_Rpim_I_all                                ? 
_reflns.pdbx_d_opt                                     ? 
_reflns.pdbx_number_measured_all                       ? 
_reflns.pdbx_diffrn_id                                 1 
_reflns.pdbx_ordinal                                   1 
_reflns.pdbx_CC_half                                   1 
_reflns.pdbx_CC_star                                   ? 
_reflns.pdbx_R_split                                   ? 
_reflns.pdbx_Rmerge_I_obs                              ? 
_reflns.pdbx_Rmerge_I_all                              ? 
_reflns.pdbx_Rsym_value                                ? 
_reflns.pdbx_CC_split_method                           ? 
_reflns.pdbx_aniso_diffraction_limit_axis_1_ortho[1]   ? 
_reflns.pdbx_aniso_diffraction_limit_axis_1_ortho[2]   ? 
_reflns.pdbx_aniso_diffraction_limit_axis_1_ortho[3]   ? 
_reflns.pdbx_aniso_diffraction_limit_axis_2_ortho[1]   ? 
_reflns.pdbx_aniso_diffraction_limit_axis_2_ortho[2]   ? 
_reflns.pdbx_aniso_diffraction_limit_axis_2_ortho[3]   ? 
_reflns.pdbx_aniso_diffraction_limit_axis_3_ortho[1]   ? 
_reflns.pdbx_aniso_diffraction_limit_axis_3_ortho[2]   ? 
_reflns.pdbx_aniso_diffraction_limit_axis_3_ortho[3]   ? 
_reflns.pdbx_aniso_diffraction_limit_1                 ? 
_reflns.pdbx_aniso_diffraction_limit_2                 ? 
_reflns.pdbx_aniso_diffraction_limit_3                 ? 
_reflns.pdbx_aniso_B_tensor_eigenvector_1_ortho[1]     ? 
_reflns.pdbx_aniso_B_tensor_eigenvector_1_ortho[2]     ? 
_reflns.pdbx_aniso_B_tensor_eigenvector_1_ortho[3]     ? 
_reflns.pdbx_aniso_B_tensor_eigenvector_2_ortho[1]     ? 
_reflns.pdbx_aniso_B_tensor_eigenvector_2_ortho[2]     ? 
_reflns.pdbx_aniso_B_tensor_eigenvector_2_ortho[3]     ? 
_reflns.pdbx_aniso_B_tensor_eigenvector_3_ortho[1]     ? 
_reflns.pdbx_aniso_B_tensor_eigenvector_3_ortho[2]     ? 
_reflns.pdbx_aniso_B_tensor_eigenvector_3_ortho[3]     ? 
_reflns.pdbx_aniso_B_tensor_eigenvalue_1               ? 
_reflns.pdbx_aniso_B_tensor_eigenvalue_2               ? 
_reflns.pdbx_aniso_B_tensor_eigenvalue_3               ? 
_reflns.pdbx_orthogonalization_convention              ? 
_reflns.pdbx_percent_possible_ellipsoidal              ? 
_reflns.pdbx_percent_possible_spherical                ? 
_reflns.pdbx_percent_possible_ellipsoidal_anomalous    ? 
_reflns.pdbx_percent_possible_spherical_anomalous      ? 
_reflns.pdbx_redundancy_anomalous                      ? 
_reflns.pdbx_CC_half_anomalous                         ? 
_reflns.pdbx_absDiff_over_sigma_anomalous              ? 
_reflns.pdbx_percent_possible_anomalous                ? 
_reflns.pdbx_observed_signal_threshold                 ? 
_reflns.pdbx_signal_type                               ? 
_reflns.pdbx_signal_details                            ? 
_reflns.pdbx_signal_software_id                        ? 
# 
_reflns_shell.d_res_high                                    1.75 
_reflns_shell.d_res_low                                     1.78 
_reflns_shell.meanI_over_sigI_all                           ? 
_reflns_shell.meanI_over_sigI_obs                           ? 
_reflns_shell.number_measured_all                           ? 
_reflns_shell.number_measured_obs                           ? 
_reflns_shell.number_possible                               ? 
_reflns_shell.number_unique_all                             ? 
_reflns_shell.number_unique_obs                             1268 
_reflns_shell.percent_possible_obs                          ? 
_reflns_shell.Rmerge_F_all                                  ? 
_reflns_shell.Rmerge_F_obs                                  ? 
_reflns_shell.meanI_over_sigI_gt                            ? 
_reflns_shell.meanI_over_uI_all                             ? 
_reflns_shell.meanI_over_uI_gt                              ? 
_reflns_shell.number_measured_gt                            ? 
_reflns_shell.number_unique_gt                              ? 
_reflns_shell.percent_possible_gt                           ? 
_reflns_shell.Rmerge_F_gt                                   ? 
_reflns_shell.Rmerge_I_gt                                   ? 
_reflns_shell.pdbx_redundancy                               ? 
_reflns_shell.pdbx_chi_squared                              ? 
_reflns_shell.pdbx_netI_over_sigmaI_all                     ? 
_reflns_shell.pdbx_netI_over_sigmaI_obs                     ? 
_reflns_shell.pdbx_Rrim_I_all                               ? 
_reflns_shell.pdbx_Rpim_I_all                               ? 
_reflns_shell.pdbx_rejects                                  ? 
_reflns_shell.pdbx_ordinal                                  1 
_reflns_shell.pdbx_diffrn_id                                1 
_reflns_shell.pdbx_CC_half                                  0.967 
_reflns_shell.pdbx_CC_star                                  ? 
_reflns_shell.pdbx_R_split                                  ? 
_reflns_shell.percent_possible_all                          ? 
_reflns_shell.Rmerge_I_all                                  ? 
_reflns_shell.Rmerge_I_obs                                  ? 
_reflns_shell.pdbx_Rsym_value                               ? 
_reflns_shell.pdbx_percent_possible_ellipsoidal             ? 
_reflns_shell.pdbx_percent_possible_spherical               ? 
_reflns_shell.pdbx_percent_possible_ellipsoidal_anomalous   ? 
_reflns_shell.pdbx_percent_possible_spherical_anomalous     ? 
_reflns_shell.pdbx_redundancy_anomalous                     ? 
_reflns_shell.pdbx_CC_half_anomalous                        ? 
_reflns_shell.pdbx_absDiff_over_sigma_anomalous             ? 
_reflns_shell.pdbx_percent_possible_anomalous               ? 
# 
_refine.aniso_B[1][1]                            ? 
_refine.aniso_B[1][2]                            ? 
_refine.aniso_B[1][3]                            ? 
_refine.aniso_B[2][2]                            ? 
_refine.aniso_B[2][3]                            ? 
_refine.aniso_B[3][3]                            ? 
_refine.B_iso_max                                ? 
_refine.B_iso_mean                               21.19 
_refine.B_iso_min                                ? 
_refine.correlation_coeff_Fo_to_Fc               ? 
_refine.correlation_coeff_Fo_to_Fc_free          ? 
_refine.details                                  ? 
_refine.diff_density_max                         ? 
_refine.diff_density_max_esd                     ? 
_refine.diff_density_min                         ? 
_refine.diff_density_min_esd                     ? 
_refine.diff_density_rms                         ? 
_refine.diff_density_rms_esd                     ? 
_refine.entry_id                                 9BYE 
_refine.pdbx_refine_id                           'X-RAY DIFFRACTION' 
_refine.ls_abs_structure_details                 ? 
_refine.ls_abs_structure_Flack                   ? 
_refine.ls_abs_structure_Flack_esd               ? 
_refine.ls_abs_structure_Rogers                  ? 
_refine.ls_abs_structure_Rogers_esd              ? 
_refine.ls_d_res_high                            1.75 
_refine.ls_d_res_low                             41.38 
_refine.ls_extinction_coef                       ? 
_refine.ls_extinction_coef_esd                   ? 
_refine.ls_extinction_expression                 ? 
_refine.ls_extinction_method                     ? 
_refine.ls_goodness_of_fit_all                   ? 
_refine.ls_goodness_of_fit_all_esd               ? 
_refine.ls_goodness_of_fit_obs                   ? 
_refine.ls_goodness_of_fit_obs_esd               ? 
_refine.ls_hydrogen_treatment                    ? 
_refine.ls_matrix_type                           ? 
_refine.ls_number_constraints                    ? 
_refine.ls_number_parameters                     ? 
_refine.ls_number_reflns_all                     ? 
_refine.ls_number_reflns_obs                     25810 
_refine.ls_number_reflns_R_free                  2783 
_refine.ls_number_reflns_R_work                  33064 
_refine.ls_number_restraints                     ? 
_refine.ls_percent_reflns_obs                    75.13 
_refine.ls_percent_reflns_R_free                 7.76 
_refine.ls_R_factor_all                          ? 
_refine.ls_R_factor_obs                          0.1794 
_refine.ls_R_factor_R_free                       0.2010 
_refine.ls_R_factor_R_free_error                 ? 
_refine.ls_R_factor_R_free_error_details         ? 
_refine.ls_R_factor_R_work                       0.1776 
_refine.ls_R_Fsqd_factor_obs                     ? 
_refine.ls_R_I_factor_obs                        ? 
_refine.ls_redundancy_reflns_all                 ? 
_refine.ls_redundancy_reflns_obs                 ? 
_refine.ls_restrained_S_all                      ? 
_refine.ls_restrained_S_obs                      ? 
_refine.ls_shift_over_esd_max                    ? 
_refine.ls_shift_over_esd_mean                   ? 
_refine.ls_structure_factor_coef                 ? 
_refine.ls_weighting_details                     ? 
_refine.ls_weighting_scheme                      ? 
_refine.ls_wR_factor_all                         ? 
_refine.ls_wR_factor_obs                         ? 
_refine.ls_wR_factor_R_free                      ? 
_refine.ls_wR_factor_R_work                      ? 
_refine.occupancy_max                            ? 
_refine.occupancy_min                            ? 
_refine.solvent_model_details                    'FLAT BULK SOLVENT MODEL' 
_refine.solvent_model_param_bsol                 ? 
_refine.solvent_model_param_ksol                 ? 
_refine.pdbx_R_complete                          ? 
_refine.ls_R_factor_gt                           ? 
_refine.ls_goodness_of_fit_gt                    ? 
_refine.ls_goodness_of_fit_ref                   ? 
_refine.ls_shift_over_su_max                     ? 
_refine.ls_shift_over_su_max_lt                  ? 
_refine.ls_shift_over_su_mean                    ? 
_refine.ls_shift_over_su_mean_lt                 ? 
_refine.pdbx_ls_sigma_I                          ? 
_refine.pdbx_ls_sigma_F                          1.37 
_refine.pdbx_ls_sigma_Fsqd                       ? 
_refine.pdbx_data_cutoff_high_absF               ? 
_refine.pdbx_data_cutoff_high_rms_absF           ? 
_refine.pdbx_data_cutoff_low_absF                ? 
_refine.pdbx_isotropic_thermal_model             ? 
_refine.pdbx_ls_cross_valid_method               'FREE R-VALUE' 
_refine.pdbx_method_to_determine_struct          'MOLECULAR REPLACEMENT' 
_refine.pdbx_starting_model                      ? 
_refine.pdbx_stereochemistry_target_values       'GeoStd + Monomer Library + CDL v1.2' 
_refine.pdbx_R_Free_selection_details            ? 
_refine.pdbx_stereochem_target_val_spec_case     ? 
_refine.pdbx_overall_ESU_R                       ? 
_refine.pdbx_overall_ESU_R_Free                  ? 
_refine.pdbx_solvent_vdw_probe_radii             1.1100 
_refine.pdbx_solvent_ion_probe_radii             ? 
_refine.pdbx_solvent_shrinkage_radii             0.9000 
_refine.pdbx_real_space_R                        ? 
_refine.pdbx_density_correlation                 ? 
_refine.pdbx_pd_number_of_powder_patterns        ? 
_refine.pdbx_pd_number_of_points                 ? 
_refine.pdbx_pd_meas_number_of_points            ? 
_refine.pdbx_pd_proc_ls_prof_R_factor            ? 
_refine.pdbx_pd_proc_ls_prof_wR_factor           ? 
_refine.pdbx_pd_Marquardt_correlation_coeff      ? 
_refine.pdbx_pd_Fsqrd_R_factor                   ? 
_refine.pdbx_pd_ls_matrix_band_width             ? 
_refine.pdbx_overall_phase_error                 20.4025 
_refine.pdbx_overall_SU_R_free_Cruickshank_DPI   ? 
_refine.pdbx_overall_SU_R_free_Blow_DPI          ? 
_refine.pdbx_overall_SU_R_Blow_DPI               ? 
_refine.pdbx_TLS_residual_ADP_flag               ? 
_refine.pdbx_diffrn_id                           1 
_refine.overall_SU_B                             ? 
_refine.overall_SU_ML                            0.1571 
_refine.overall_SU_R_Cruickshank_DPI             ? 
_refine.overall_SU_R_free                        ? 
_refine.overall_FOM_free_R_set                   ? 
_refine.overall_FOM_work_R_set                   ? 
_refine.pdbx_average_fsc_overall                 ? 
_refine.pdbx_average_fsc_work                    ? 
_refine.pdbx_average_fsc_free                    ? 
# 
_refine_hist.pdbx_refine_id                   'X-RAY DIFFRACTION' 
_refine_hist.cycle_id                         LAST 
_refine_hist.details                          ? 
_refine_hist.d_res_high                       1.75 
_refine_hist.d_res_low                        41.38 
_refine_hist.number_atoms_solvent             188 
_refine_hist.number_atoms_total               1528 
_refine_hist.number_reflns_all                ? 
_refine_hist.number_reflns_obs                ? 
_refine_hist.number_reflns_R_free             ? 
_refine_hist.number_reflns_R_work             ? 
_refine_hist.R_factor_all                     ? 
_refine_hist.R_factor_obs                     ? 
_refine_hist.R_factor_R_free                  ? 
_refine_hist.R_factor_R_work                  ? 
_refine_hist.pdbx_number_residues_total       ? 
_refine_hist.pdbx_B_iso_mean_ligand           ? 
_refine_hist.pdbx_B_iso_mean_solvent          ? 
_refine_hist.pdbx_number_atoms_protein        1340 
_refine_hist.pdbx_number_atoms_nucleic_acid   0 
_refine_hist.pdbx_number_atoms_ligand         0 
_refine_hist.pdbx_number_atoms_lipid          ? 
_refine_hist.pdbx_number_atoms_carb           ? 
_refine_hist.pdbx_pseudo_atom_details         ? 
# 
loop_
_refine_ls_restr.pdbx_refine_id 
_refine_ls_restr.criterion 
_refine_ls_restr.dev_ideal 
_refine_ls_restr.dev_ideal_target 
_refine_ls_restr.number 
_refine_ls_restr.rejects 
_refine_ls_restr.type 
_refine_ls_restr.weight 
_refine_ls_restr.pdbx_restraint_function 
'X-RAY DIFFRACTION' ? 0.0090  ? 1372 ? f_bond_d           ? ? 
'X-RAY DIFFRACTION' ? 0.8601  ? 1853 ? f_angle_d          ? ? 
'X-RAY DIFFRACTION' ? 0.0496  ? 196  ? f_chiral_restr     ? ? 
'X-RAY DIFFRACTION' ? 0.0055  ? 240  ? f_plane_restr      ? ? 
'X-RAY DIFFRACTION' ? 13.0385 ? 508  ? f_dihedral_angle_d ? ? 
# 
loop_
_refine_ls_shell.pdbx_refine_id 
_refine_ls_shell.d_res_high 
_refine_ls_shell.d_res_low 
_refine_ls_shell.number_reflns_all 
_refine_ls_shell.number_reflns_obs 
_refine_ls_shell.number_reflns_R_free 
_refine_ls_shell.number_reflns_R_work 
_refine_ls_shell.percent_reflns_obs 
_refine_ls_shell.percent_reflns_R_free 
_refine_ls_shell.R_factor_all 
_refine_ls_shell.R_factor_obs 
_refine_ls_shell.R_factor_R_free_error 
_refine_ls_shell.R_factor_R_work 
_refine_ls_shell.redundancy_reflns_all 
_refine_ls_shell.redundancy_reflns_obs 
_refine_ls_shell.wR_factor_all 
_refine_ls_shell.wR_factor_obs 
_refine_ls_shell.wR_factor_R_free 
_refine_ls_shell.wR_factor_R_work 
_refine_ls_shell.pdbx_R_complete 
_refine_ls_shell.pdbx_total_number_of_bins_used 
_refine_ls_shell.pdbx_phase_error 
_refine_ls_shell.pdbx_fsc_work 
_refine_ls_shell.pdbx_fsc_free 
_refine_ls_shell.R_factor_R_free 
'X-RAY DIFFRACTION' 1.75 1.78  . . 98  1176 52.71 . . . . 0.1968 . . . . . . . . . . . 0.2122 
'X-RAY DIFFRACTION' 1.78 1.81  . . 96  1139 52.80 . . . . 0.1988 . . . . . . . . . . . 0.2093 
'X-RAY DIFFRACTION' 1.81 1.85  . . 99  1181 52.89 . . . . 0.1913 . . . . . . . . . . . 0.2414 
'X-RAY DIFFRACTION' 1.85 1.89  . . 97  1152 52.95 . . . . 0.1929 . . . . . . . . . . . 0.2038 
'X-RAY DIFFRACTION' 1.89 1.93  . . 97  1164 53.03 . . . . 0.1904 . . . . . . . . . . . 0.2250 
'X-RAY DIFFRACTION' 1.93 1.97  . . 100 1182 53.55 . . . . 0.1977 . . . . . . . . . . . 0.2457 
'X-RAY DIFFRACTION' 1.97 2.02  . . 103 1259 57.18 . . . . 0.1973 . . . . . . . . . . . 0.2113 
'X-RAY DIFFRACTION' 2.02 2.08  . . 111 1421 65.67 . . . . 0.1914 . . . . . . . . . . . 0.2042 
'X-RAY DIFFRACTION' 2.08 2.14  . . 144 1701 77.36 . . . . 0.1899 . . . . . . . . . . . 0.2434 
'X-RAY DIFFRACTION' 2.14 2.21  . . 151 1771 80.65 . . . . 0.1860 . . . . . . . . . . . 0.2340 
'X-RAY DIFFRACTION' 2.21 2.29  . . 162 1893 86.97 . . . . 0.1800 . . . . . . . . . . . 0.2067 
'X-RAY DIFFRACTION' 2.29 2.38  . . 169 1936 88.41 . . . . 0.1766 . . . . . . . . . . . 0.2345 
'X-RAY DIFFRACTION' 2.38 2.49  . . 168 2003 91.14 . . . . 0.1941 . . . . . . . . . . . 0.2042 
'X-RAY DIFFRACTION' 2.49 2.62  . . 170 2039 92.31 . . . . 0.1799 . . . . . . . . . . . 0.2306 
'X-RAY DIFFRACTION' 2.62 2.78  . . 176 2030 92.69 . . . . 0.1880 . . . . . . . . . . . 0.2090 
'X-RAY DIFFRACTION' 2.78 3.00  . . 170 1995 91.04 . . . . 0.1771 . . . . . . . . . . . 0.2187 
'X-RAY DIFFRACTION' 3.00 3.30  . . 168 2000 90.60 . . . . 0.1725 . . . . . . . . . . . 0.1954 
'X-RAY DIFFRACTION' 3.30 3.77  . . 156 1920 87.15 . . . . 0.1715 . . . . . . . . . . . 0.1609 
'X-RAY DIFFRACTION' 3.77 4.75  . . 161 1964 88.50 . . . . 0.1572 . . . . . . . . . . . 0.1650 
'X-RAY DIFFRACTION' 4.75 41.38 . . 187 2138 96.55 . . . . 0.1699 . . . . . . . . . . . 0.1936 
# 
_struct.entry_id                     9BYE 
_struct.title                        'Nanoparticle Crystal Structure of a Thermostabilized Mutant E.coli Ferritin ECFTNA' 
_struct.pdbx_model_details           ? 
_struct.pdbx_formula_weight          ? 
_struct.pdbx_formula_weight_method   ? 
_struct.pdbx_model_type_details      ? 
_struct.pdbx_CASP_flag               N 
# 
_struct_keywords.entry_id        9BYE 
_struct_keywords.text            'flavoprotein, nanoparticle' 
_struct_keywords.pdbx_keywords   FLAVOPROTEIN 
# 
loop_
_struct_asym.id 
_struct_asym.pdbx_blank_PDB_chainid_flag 
_struct_asym.pdbx_modified 
_struct_asym.entity_id 
_struct_asym.details 
A N N 1 ? 
B N N 2 ? 
# 
_struct_ref.id                         1 
_struct_ref.db_name                    UNP 
_struct_ref.db_code                    FTNA_ECO57 
_struct_ref.pdbx_db_accession          P0A9A0 
_struct_ref.pdbx_db_isoform            ? 
_struct_ref.entity_id                  1 
_struct_ref.pdbx_seq_one_letter_code   
;LKPEMIEKLNEQMNLELYSSLLYQQMSAWCSYHTFEGAAAFLRRHAQEEMTHMQRLFDYLTDTGNLPRINTVESPFAEYS
SLDELFQETYKHEQLITQKINELAHAAMTNQDYPTFNFLQWYVSEQHEEEKLFKSIIDKLSLAGKSGEGLYFIDKELSTL
DT
;
_struct_ref.pdbx_align_begin           2 
# 
_struct_ref_seq.align_id                      1 
_struct_ref_seq.ref_id                        1 
_struct_ref_seq.pdbx_PDB_id_code              9BYE 
_struct_ref_seq.pdbx_strand_id                A 
_struct_ref_seq.seq_align_beg                 2 
_struct_ref_seq.pdbx_seq_align_beg_ins_code   ? 
_struct_ref_seq.seq_align_end                 163 
_struct_ref_seq.pdbx_seq_align_end_ins_code   ? 
_struct_ref_seq.pdbx_db_accession             P0A9A0 
_struct_ref_seq.db_align_beg                  2 
_struct_ref_seq.pdbx_db_align_beg_ins_code    ? 
_struct_ref_seq.db_align_end                  163 
_struct_ref_seq.pdbx_db_align_end_ins_code    ? 
_struct_ref_seq.pdbx_auth_seq_align_beg       2 
_struct_ref_seq.pdbx_auth_seq_align_end       163 
# 
loop_
_struct_ref_seq_dif.align_id 
_struct_ref_seq_dif.pdbx_pdb_id_code 
_struct_ref_seq_dif.mon_id 
_struct_ref_seq_dif.pdbx_pdb_strand_id 
_struct_ref_seq_dif.seq_num 
_struct_ref_seq_dif.pdbx_pdb_ins_code 
_struct_ref_seq_dif.pdbx_seq_db_name 
_struct_ref_seq_dif.pdbx_seq_db_accession_code 
_struct_ref_seq_dif.db_mon_id 
_struct_ref_seq_dif.pdbx_seq_db_seq_num 
_struct_ref_seq_dif.details 
_struct_ref_seq_dif.pdbx_auth_seq_num 
_struct_ref_seq_dif.pdbx_ordinal 
1 9BYE GLY A 1   ? UNP P0A9A0 ?   ?   'expression tag' 1   1 
1 9BYE GLY A 35  ? UNP P0A9A0 THR 35  conflict         35  2 
1 9BYE ASP A 71  ? UNP P0A9A0 ASN 71  conflict         71  3 
1 9BYE ILE A 73  ? UNP P0A9A0 VAL 73  conflict         73  4 
1 9BYE PRO A 74  ? UNP P0A9A0 GLU 74  conflict         74  5 
1 9BYE ALA A 125 ? UNP P0A9A0 SER 125 conflict         125 6 
# 
_pdbx_struct_assembly.id                   1 
_pdbx_struct_assembly.details              author_and_software_defined_assembly 
_pdbx_struct_assembly.method_details       PISA 
_pdbx_struct_assembly.oligomeric_details   24-meric 
_pdbx_struct_assembly.oligomeric_count     24 
# 
loop_
_pdbx_struct_assembly_prop.biol_id 
_pdbx_struct_assembly_prop.type 
_pdbx_struct_assembly_prop.value 
_pdbx_struct_assembly_prop.details 
1 'ABSA (A^2)' 66760  ? 
1 MORE         -498   ? 
1 'SSA (A^2)'  144850 ? 
# 
_pdbx_struct_assembly_gen.assembly_id       1 
_pdbx_struct_assembly_gen.oper_expression   1,2,3,4,5,6,7,8,9,10,11,12,13,14,15,16,17,18,19,20,21,22,23,24 
_pdbx_struct_assembly_gen.asym_id_list      A,B 
# 
loop_
_pdbx_struct_oper_list.id 
_pdbx_struct_oper_list.type 
_pdbx_struct_oper_list.name 
_pdbx_struct_oper_list.symmetry_operation 
_pdbx_struct_oper_list.matrix[1][1] 
_pdbx_struct_oper_list.matrix[1][2] 
_pdbx_struct_oper_list.matrix[1][3] 
_pdbx_struct_oper_list.vector[1] 
_pdbx_struct_oper_list.matrix[2][1] 
_pdbx_struct_oper_list.matrix[2][2] 
_pdbx_struct_oper_list.matrix[2][3] 
_pdbx_struct_oper_list.vector[2] 
_pdbx_struct_oper_list.matrix[3][1] 
_pdbx_struct_oper_list.matrix[3][2] 
_pdbx_struct_oper_list.matrix[3][3] 
_pdbx_struct_oper_list.vector[3] 
1  'identity operation'         1_555  x,y,z    1.0000000000  0.0000000000  0.0000000000  0.0000000000  0.0000000000  1.0000000000  0.0000000000  0.0000000000   0.0000000000  0.0000000000  1.0000000000  0.0000000000   
2  'crystal symmetry operation' 2_555  -x,-y,z  -0.4603548487 0.1108520636  0.8807867127  64.2507944387 0.1108520636  -0.9772291478 0.1809281978  28.2333651652  0.8807867127  0.1809281978  0.4375839964  -42.9188541706 
3  'crystal symmetry operation' 3_555  -x,y,-z  0.4110434422  0.1991699651  -0.8895923862 25.9336590738 0.1991699651  -0.9718869924 -0.1255667113 24.6831107015  -0.8895923862 -0.1255667113 -0.4391564498 46.6614311309  
4  'crystal symmetry operation' 4_555  x,-y,-z  -0.9506885935 -0.3100220287 0.0088056735  96.1470510337 -0.3100220287 0.9491161402  -0.0553614866 15.4294781987  0.0088056735  -0.0553614866 -0.9984275467 4.8073344036   
5  'crystal symmetry operation' 5_555  z,x,y    0.2228546783  0.8740303783  -0.4317484107 22.1904069004 0.5838027477  0.2350292829  0.7771329281  -15.7856521246 0.7807113065  -0.4252436171 -0.4578839612 -25.9856632485 
6  'crystal symmetry operation' 6_555  z,-x,-y  -0.3859824240 -0.9075395226 0.1654979857  79.7159629368 0.4417854125  -0.0243564664 0.8967900601  -4.9938490333  -0.8098414769 0.4192597970  0.4103388903  31.8214550555  
7  'crystal symmetry operation' 7_555  -z,-x,y  0.6497636529  -0.7508595692 -0.1183938460 29.3976340042 -0.4045524709 -0.2097279561 -0.8901412712 41.4178777136  0.6435405921  0.6262779669  -0.4400356968 -37.6008185880 
8  'crystal symmetry operation' 8_555  -z,x,-y  -0.4866359072 0.7843687135  0.3846442709  55.0275007047 -0.6210356893 -0.0009448605 -0.7837817169 47.7075775097  -0.6144104218 -0.6202941468 0.4875807677  40.3149381449  
9  'crystal symmetry operation' 9_555  y,z,x    0.2228546783  0.5838027477  0.7807113065  24.5577721999 0.8740303783  0.2350292829  -0.4252436171 -26.7352366725 -0.4317484107 0.7771329281  -0.4578839612 9.9498045464   
10 'crystal symmetry operation' 10_555 -y,z,-x  0.6497636529  -0.4045524709 0.6435405921  21.8518437686 -0.7508595692 -0.2097279561 0.6262779669  54.3085458593  -0.1183938460 -0.8901412712 -0.4400356968 23.8025588623  
11 'crystal symmetry operation' 11_555 y,-z,-x  -0.4866359072 -0.6210356893 -0.6144104218 81.1763841616 0.7843687135  -0.0009448605 -0.6202941468 -18.1096527665 0.3846442709  -0.7837817169 0.4875807677  -3.4304743690  
12 'crystal symmetry operation' 12_555 -y,-z,x  -0.3859824240 0.4417854125  -0.8098414769 58.7455044160 -0.9075395226 -0.0243564664 0.4192597970  58.8822976450  0.1654979857  0.8967900601  0.4103388903  -21.7719776759 
13 'crystal symmetry operation' 13_555 y,x,-z   -0.5336038046 0.7551570433  -0.3807949838 59.3506347640 0.7551570433  0.2226989963  -0.6165573753 -20.5781646095 -0.3807949838 -0.6165573753 -0.6890951917 31.8837296222  
14 'crystal symmetry operation' 14_555 -y,-x,-z -0.0060413467 -0.8660091069 -0.4999917289 62.7300753435 -0.8660091069 -0.2454698485 0.4356291775  60.6907535097  -0.4999917289 0.4356291775  -0.7484888047 19.5850359123  
15 'crystal symmetry operation' 15_555 y,-x,z   0.2698225757  -0.7923899849 0.5470958686  46.3835215976 0.9032420485  0.0113854261  -0.4289803886 -24.2667248294 0.3336908441  0.6099085865  0.7187919982  -25.3643994448 
16 'crystal symmetry operation' 16_555 -y,x,z   0.2698225757  0.9032420485  0.3336908441  17.8672728411 -0.7923899849 0.0113854261  0.6099085865  52.5000899946  0.5470958686  -0.4289803886 0.7187919982  -17.5544547258 
17 'crystal symmetry operation' 17_555 x,z,-y   0.0246557032  -0.1269712805 0.9915999144  45.4843130488 -0.1830507482 0.9745580701  0.1293406032  8.6852808983   -0.9827942409 -0.1847020897 0.0007862267  51.0730898244  
18 'crystal symmetry operation' 18_555 -x,z,y   0.8479626279  0.3062215573  0.4326519843  0.9253029197  0.3062215573  -0.9492567432 0.0716937466  18.8880282886  0.4326519843  0.0716937466  -0.8987058847 -17.3207264157 
19 'crystal symmetry operation' 19_555 -x,-z,-y -0.8972740344 0.0038004714  -0.4414576578 89.2591505928 0.0038004714  -0.9998593970 -0.0163322600 34.0284475781  -0.4414576578 -0.0163322600 0.8971334314  21.0633033759  
20 'crystal symmetry operation' 20_555 x,-z,y   0.0246557032  -0.1830507482 -0.9827942409 50.6627379849 -0.1269712805 0.9745580701  -0.1847020897 6.7441973004   0.9915999144  0.1293406032  0.0007862267  -46.2657554208 
21 'crystal symmetry operation' 21_555 z,y,-x   0.7055217211  -0.4299636697 -0.5633563204 22.2683761475 0.6291336348  0.0140565038  0.7771700485  -14.1217257145 -0.3262360658 -0.9027367598 0.2804217751  32.1596980337  
22 'crystal symmetry operation' 22_555 z,-y,x   -0.8686494668 0.3964545254  0.2971058955  79.6379936897 0.3964545254  0.1966163128  0.8967529397  -6.6577754434  0.2971058955  0.8967529397  -0.3279668460 -26.3239062267 
23 'crystal symmetry operation' 23_555 -z,y,x   0.7055217211  0.6291336348  -0.3262360658 3.6652829263  -0.4299636697 0.0140565038  -0.9027367598 38.8048364159  -0.5633563204 0.7771700485  0.2804217751  14.5017330972  
24 'crystal symmetry operation' 24_555 -z,-y,-x -0.5423939754 -0.5956244905 0.5924864908  80.7598517827 -0.5956244905 -0.2247293203 -0.7711862284 50.3206188073  0.5924864908  -0.7711862284 -0.2328767042 -11.7876135403 
# 
loop_
_struct_conf.conf_type_id 
_struct_conf.id 
_struct_conf.pdbx_PDB_helix_id 
_struct_conf.beg_label_comp_id 
_struct_conf.beg_label_asym_id 
_struct_conf.beg_label_seq_id 
_struct_conf.pdbx_beg_PDB_ins_code 
_struct_conf.end_label_comp_id 
_struct_conf.end_label_asym_id 
_struct_conf.end_label_seq_id 
_struct_conf.pdbx_end_PDB_ins_code 
_struct_conf.beg_auth_comp_id 
_struct_conf.beg_auth_asym_id 
_struct_conf.beg_auth_seq_id 
_struct_conf.end_auth_comp_id 
_struct_conf.end_auth_asym_id 
_struct_conf.end_auth_seq_id 
_struct_conf.pdbx_PDB_helix_class 
_struct_conf.details 
_struct_conf.pdbx_PDB_helix_length 
HELX_P HELX_P1 AA1 LYS A 3   ? HIS A 34  ? LYS A 3   HIS A 34  1 ? 32 
HELX_P HELX_P2 AA2 PHE A 36  ? THR A 64  ? PHE A 36  THR A 64  1 ? 29 
HELX_P HELX_P3 AA3 SER A 82  ? ASN A 111 ? SER A 82  ASN A 111 1 ? 30 
HELX_P HELX_P4 AA4 ASP A 113 ? GLY A 145 ? ASP A 113 GLY A 145 1 ? 33 
HELX_P HELX_P5 AA5 SER A 147 ? LEU A 161 ? SER A 147 LEU A 161 1 ? 15 
# 
_struct_conf_type.id          HELX_P 
_struct_conf_type.criteria    ? 
_struct_conf_type.reference   ? 
# 
_pdbx_entry_details.entry_id                   9BYE 
_pdbx_entry_details.compound_details           ? 
_pdbx_entry_details.source_details             ? 
_pdbx_entry_details.nonpolymer_details         ? 
_pdbx_entry_details.sequence_details           ? 
_pdbx_entry_details.has_ligand_of_interest     ? 
_pdbx_entry_details.has_protein_modification   N 
# 
loop_
_pdbx_validate_close_contact.id 
_pdbx_validate_close_contact.PDB_model_num 
_pdbx_validate_close_contact.auth_atom_id_1 
_pdbx_validate_close_contact.auth_asym_id_1 
_pdbx_validate_close_contact.auth_comp_id_1 
_pdbx_validate_close_contact.auth_seq_id_1 
_pdbx_validate_close_contact.PDB_ins_code_1 
_pdbx_validate_close_contact.label_alt_id_1 
_pdbx_validate_close_contact.auth_atom_id_2 
_pdbx_validate_close_contact.auth_asym_id_2 
_pdbx_validate_close_contact.auth_comp_id_2 
_pdbx_validate_close_contact.auth_seq_id_2 
_pdbx_validate_close_contact.PDB_ins_code_2 
_pdbx_validate_close_contact.label_alt_id_2 
_pdbx_validate_close_contact.dist 
1 1 O   A HOH 290 ? ? O A HOH 320 ? ? 1.96 
2 1 O   A HOH 326 ? ? O A HOH 367 ? ? 2.10 
3 1 O   A HOH 219 ? ? O A HOH 338 ? ? 2.11 
4 1 OH  A TYR 91  ? ? O A HOH 201 ? ? 2.14 
5 1 OE1 A GLU 37  ? ? O A HOH 202 ? ? 2.16 
6 1 O   A HOH 332 ? ? O A HOH 348 ? ? 2.16 
# 
_pdbx_validate_symm_contact.id                1 
_pdbx_validate_symm_contact.PDB_model_num     1 
_pdbx_validate_symm_contact.auth_atom_id_1    O 
_pdbx_validate_symm_contact.auth_asym_id_1    A 
_pdbx_validate_symm_contact.auth_comp_id_1    HOH 
_pdbx_validate_symm_contact.auth_seq_id_1     322 
_pdbx_validate_symm_contact.PDB_ins_code_1    ? 
_pdbx_validate_symm_contact.label_alt_id_1    ? 
_pdbx_validate_symm_contact.site_symmetry_1   1_555 
_pdbx_validate_symm_contact.auth_atom_id_2    O 
_pdbx_validate_symm_contact.auth_asym_id_2    A 
_pdbx_validate_symm_contact.auth_comp_id_2    HOH 
_pdbx_validate_symm_contact.auth_seq_id_2     322 
_pdbx_validate_symm_contact.PDB_ins_code_2    ? 
_pdbx_validate_symm_contact.label_alt_id_2    ? 
_pdbx_validate_symm_contact.site_symmetry_2   28_555 
_pdbx_validate_symm_contact.dist              1.95 
# 
loop_
_pdbx_struct_special_symmetry.id 
_pdbx_struct_special_symmetry.PDB_model_num 
_pdbx_struct_special_symmetry.auth_asym_id 
_pdbx_struct_special_symmetry.auth_comp_id 
_pdbx_struct_special_symmetry.auth_seq_id 
_pdbx_struct_special_symmetry.PDB_ins_code 
_pdbx_struct_special_symmetry.label_asym_id 
_pdbx_struct_special_symmetry.label_comp_id 
_pdbx_struct_special_symmetry.label_seq_id 
1 1 A HOH 220 ? B HOH . 
2 1 A HOH 375 ? B HOH . 
# 
loop_
_space_group_symop.id 
_space_group_symop.operation_xyz 
1  x,y,z            
2  x,-z,y           
3  x,z,-y           
4  z,y,-x           
5  -z,y,x           
6  -y,x,z           
7  y,-x,z           
8  z,x,y            
9  y,z,x            
10 -y,-z,x          
11 z,-x,-y          
12 -y,z,-x          
13 -z,-x,y          
14 -z,x,-y          
15 y,-z,-x          
16 x,-y,-z          
17 -x,y,-z          
18 -x,-y,z          
19 y,x,-z           
20 -y,-x,-z         
21 z,-y,x           
22 -z,-y,-x         
23 -x,z,y           
24 -x,-z,-y         
25 x,y+1/2,z+1/2    
26 x,-z+1/2,y+1/2   
27 x,z+1/2,-y+1/2   
28 z,y+1/2,-x+1/2   
29 -z,y+1/2,x+1/2   
30 -y,x+1/2,z+1/2   
31 y,-x+1/2,z+1/2   
32 z,x+1/2,y+1/2    
33 y,z+1/2,x+1/2    
34 -y,-z+1/2,x+1/2  
35 z,-x+1/2,-y+1/2  
36 -y,z+1/2,-x+1/2  
37 -z,-x+1/2,y+1/2  
38 -z,x+1/2,-y+1/2  
39 y,-z+1/2,-x+1/2  
40 x,-y+1/2,-z+1/2  
41 -x,y+1/2,-z+1/2  
42 -x,-y+1/2,z+1/2  
43 y,x+1/2,-z+1/2   
44 -y,-x+1/2,-z+1/2 
45 z,-y+1/2,x+1/2   
46 -z,-y+1/2,-x+1/2 
47 -x,z+1/2,y+1/2   
48 -x,-z+1/2,-y+1/2 
49 x+1/2,y,z+1/2    
50 x+1/2,-z,y+1/2   
51 x+1/2,z,-y+1/2   
52 z+1/2,y,-x+1/2   
53 -z+1/2,y,x+1/2   
54 -y+1/2,x,z+1/2   
55 y+1/2,-x,z+1/2   
56 z+1/2,x,y+1/2    
57 y+1/2,z,x+1/2    
58 -y+1/2,-z,x+1/2  
59 z+1/2,-x,-y+1/2  
60 -y+1/2,z,-x+1/2  
61 -z+1/2,-x,y+1/2  
62 -z+1/2,x,-y+1/2  
63 y+1/2,-z,-x+1/2  
64 x+1/2,-y,-z+1/2  
65 -x+1/2,y,-z+1/2  
66 -x+1/2,-y,z+1/2  
67 y+1/2,x,-z+1/2   
68 -y+1/2,-x,-z+1/2 
69 z+1/2,-y,x+1/2   
70 -z+1/2,-y,-x+1/2 
71 -x+1/2,z,y+1/2   
72 -x+1/2,-z,-y+1/2 
73 x+1/2,y+1/2,z    
74 x+1/2,-z+1/2,y   
75 x+1/2,z+1/2,-y   
76 z+1/2,y+1/2,-x   
77 -z+1/2,y+1/2,x   
78 -y+1/2,x+1/2,z   
79 y+1/2,-x+1/2,z   
80 z+1/2,x+1/2,y    
81 y+1/2,z+1/2,x    
82 -y+1/2,-z+1/2,x  
83 z+1/2,-x+1/2,-y  
84 -y+1/2,z+1/2,-x  
85 -z+1/2,-x+1/2,y  
86 -z+1/2,x+1/2,-y  
87 y+1/2,-z+1/2,-x  
88 x+1/2,-y+1/2,-z  
89 -x+1/2,y+1/2,-z  
90 -x+1/2,-y+1/2,z  
91 y+1/2,x+1/2,-z   
92 -y+1/2,-x+1/2,-z 
93 z+1/2,-y+1/2,x   
94 -z+1/2,-y+1/2,-x 
95 -x+1/2,z+1/2,y   
96 -x+1/2,-z+1/2,-y 
# 
_pdbx_distant_solvent_atoms.id                                1 
_pdbx_distant_solvent_atoms.PDB_model_num                     1 
_pdbx_distant_solvent_atoms.auth_atom_id                      O 
_pdbx_distant_solvent_atoms.label_alt_id                      ? 
_pdbx_distant_solvent_atoms.auth_asym_id                      A 
_pdbx_distant_solvent_atoms.auth_comp_id                      HOH 
_pdbx_distant_solvent_atoms.auth_seq_id                       388 
_pdbx_distant_solvent_atoms.PDB_ins_code                      ? 
_pdbx_distant_solvent_atoms.neighbor_macromolecule_distance   6.65 
_pdbx_distant_solvent_atoms.neighbor_ligand_distance          . 
# 
loop_
_chem_comp_atom.comp_id 
_chem_comp_atom.atom_id 
_chem_comp_atom.type_symbol 
_chem_comp_atom.pdbx_aromatic_flag 
_chem_comp_atom.pdbx_stereo_config 
_chem_comp_atom.pdbx_ordinal 
ALA N    N N N 1   
ALA CA   C N S 2   
ALA C    C N N 3   
ALA O    O N N 4   
ALA CB   C N N 5   
ALA OXT  O N N 6   
ALA H    H N N 7   
ALA H2   H N N 8   
ALA HA   H N N 9   
ALA HB1  H N N 10  
ALA HB2  H N N 11  
ALA HB3  H N N 12  
ALA HXT  H N N 13  
ARG N    N N N 14  
ARG CA   C N S 15  
ARG C    C N N 16  
ARG O    O N N 17  
ARG CB   C N N 18  
ARG CG   C N N 19  
ARG CD   C N N 20  
ARG NE   N N N 21  
ARG CZ   C N N 22  
ARG NH1  N N N 23  
ARG NH2  N N N 24  
ARG OXT  O N N 25  
ARG H    H N N 26  
ARG H2   H N N 27  
ARG HA   H N N 28  
ARG HB2  H N N 29  
ARG HB3  H N N 30  
ARG HG2  H N N 31  
ARG HG3  H N N 32  
ARG HD2  H N N 33  
ARG HD3  H N N 34  
ARG HE   H N N 35  
ARG HH11 H N N 36  
ARG HH12 H N N 37  
ARG HH21 H N N 38  
ARG HH22 H N N 39  
ARG HXT  H N N 40  
ASN N    N N N 41  
ASN CA   C N S 42  
ASN C    C N N 43  
ASN O    O N N 44  
ASN CB   C N N 45  
ASN CG   C N N 46  
ASN OD1  O N N 47  
ASN ND2  N N N 48  
ASN OXT  O N N 49  
ASN H    H N N 50  
ASN H2   H N N 51  
ASN HA   H N N 52  
ASN HB2  H N N 53  
ASN HB3  H N N 54  
ASN HD21 H N N 55  
ASN HD22 H N N 56  
ASN HXT  H N N 57  
ASP N    N N N 58  
ASP CA   C N S 59  
ASP C    C N N 60  
ASP O    O N N 61  
ASP CB   C N N 62  
ASP CG   C N N 63  
ASP OD1  O N N 64  
ASP OD2  O N N 65  
ASP OXT  O N N 66  
ASP H    H N N 67  
ASP H2   H N N 68  
ASP HA   H N N 69  
ASP HB2  H N N 70  
ASP HB3  H N N 71  
ASP HD2  H N N 72  
ASP HXT  H N N 73  
CYS N    N N N 74  
CYS CA   C N R 75  
CYS C    C N N 76  
CYS O    O N N 77  
CYS CB   C N N 78  
CYS SG   S N N 79  
CYS OXT  O N N 80  
CYS H    H N N 81  
CYS H2   H N N 82  
CYS HA   H N N 83  
CYS HB2  H N N 84  
CYS HB3  H N N 85  
CYS HG   H N N 86  
CYS HXT  H N N 87  
GLN N    N N N 88  
GLN CA   C N S 89  
GLN C    C N N 90  
GLN O    O N N 91  
GLN CB   C N N 92  
GLN CG   C N N 93  
GLN CD   C N N 94  
GLN OE1  O N N 95  
GLN NE2  N N N 96  
GLN OXT  O N N 97  
GLN H    H N N 98  
GLN H2   H N N 99  
GLN HA   H N N 100 
GLN HB2  H N N 101 
GLN HB3  H N N 102 
GLN HG2  H N N 103 
GLN HG3  H N N 104 
GLN HE21 H N N 105 
GLN HE22 H N N 106 
GLN HXT  H N N 107 
GLU N    N N N 108 
GLU CA   C N S 109 
GLU C    C N N 110 
GLU O    O N N 111 
GLU CB   C N N 112 
GLU CG   C N N 113 
GLU CD   C N N 114 
GLU OE1  O N N 115 
GLU OE2  O N N 116 
GLU OXT  O N N 117 
GLU H    H N N 118 
GLU H2   H N N 119 
GLU HA   H N N 120 
GLU HB2  H N N 121 
GLU HB3  H N N 122 
GLU HG2  H N N 123 
GLU HG3  H N N 124 
GLU HE2  H N N 125 
GLU HXT  H N N 126 
GLY N    N N N 127 
GLY CA   C N N 128 
GLY C    C N N 129 
GLY O    O N N 130 
GLY OXT  O N N 131 
GLY H    H N N 132 
GLY H2   H N N 133 
GLY HA2  H N N 134 
GLY HA3  H N N 135 
GLY HXT  H N N 136 
HIS N    N N N 137 
HIS CA   C N S 138 
HIS C    C N N 139 
HIS O    O N N 140 
HIS CB   C N N 141 
HIS CG   C Y N 142 
HIS ND1  N Y N 143 
HIS CD2  C Y N 144 
HIS CE1  C Y N 145 
HIS NE2  N Y N 146 
HIS OXT  O N N 147 
HIS H    H N N 148 
HIS H2   H N N 149 
HIS HA   H N N 150 
HIS HB2  H N N 151 
HIS HB3  H N N 152 
HIS HD1  H N N 153 
HIS HD2  H N N 154 
HIS HE1  H N N 155 
HIS HE2  H N N 156 
HIS HXT  H N N 157 
HOH O    O N N 158 
HOH H1   H N N 159 
HOH H2   H N N 160 
ILE N    N N N 161 
ILE CA   C N S 162 
ILE C    C N N 163 
ILE O    O N N 164 
ILE CB   C N S 165 
ILE CG1  C N N 166 
ILE CG2  C N N 167 
ILE CD1  C N N 168 
ILE OXT  O N N 169 
ILE H    H N N 170 
ILE H2   H N N 171 
ILE HA   H N N 172 
ILE HB   H N N 173 
ILE HG12 H N N 174 
ILE HG13 H N N 175 
ILE HG21 H N N 176 
ILE HG22 H N N 177 
ILE HG23 H N N 178 
ILE HD11 H N N 179 
ILE HD12 H N N 180 
ILE HD13 H N N 181 
ILE HXT  H N N 182 
LEU N    N N N 183 
LEU CA   C N S 184 
LEU C    C N N 185 
LEU O    O N N 186 
LEU CB   C N N 187 
LEU CG   C N N 188 
LEU CD1  C N N 189 
LEU CD2  C N N 190 
LEU OXT  O N N 191 
LEU H    H N N 192 
LEU H2   H N N 193 
LEU HA   H N N 194 
LEU HB2  H N N 195 
LEU HB3  H N N 196 
LEU HG   H N N 197 
LEU HD11 H N N 198 
LEU HD12 H N N 199 
LEU HD13 H N N 200 
LEU HD21 H N N 201 
LEU HD22 H N N 202 
LEU HD23 H N N 203 
LEU HXT  H N N 204 
LYS N    N N N 205 
LYS CA   C N S 206 
LYS C    C N N 207 
LYS O    O N N 208 
LYS CB   C N N 209 
LYS CG   C N N 210 
LYS CD   C N N 211 
LYS CE   C N N 212 
LYS NZ   N N N 213 
LYS OXT  O N N 214 
LYS H    H N N 215 
LYS H2   H N N 216 
LYS HA   H N N 217 
LYS HB2  H N N 218 
LYS HB3  H N N 219 
LYS HG2  H N N 220 
LYS HG3  H N N 221 
LYS HD2  H N N 222 
LYS HD3  H N N 223 
LYS HE2  H N N 224 
LYS HE3  H N N 225 
LYS HZ1  H N N 226 
LYS HZ2  H N N 227 
LYS HZ3  H N N 228 
LYS HXT  H N N 229 
MET N    N N N 230 
MET CA   C N S 231 
MET C    C N N 232 
MET O    O N N 233 
MET CB   C N N 234 
MET CG   C N N 235 
MET SD   S N N 236 
MET CE   C N N 237 
MET OXT  O N N 238 
MET H    H N N 239 
MET H2   H N N 240 
MET HA   H N N 241 
MET HB2  H N N 242 
MET HB3  H N N 243 
MET HG2  H N N 244 
MET HG3  H N N 245 
MET HE1  H N N 246 
MET HE2  H N N 247 
MET HE3  H N N 248 
MET HXT  H N N 249 
PHE N    N N N 250 
PHE CA   C N S 251 
PHE C    C N N 252 
PHE O    O N N 253 
PHE CB   C N N 254 
PHE CG   C Y N 255 
PHE CD1  C Y N 256 
PHE CD2  C Y N 257 
PHE CE1  C Y N 258 
PHE CE2  C Y N 259 
PHE CZ   C Y N 260 
PHE OXT  O N N 261 
PHE H    H N N 262 
PHE H2   H N N 263 
PHE HA   H N N 264 
PHE HB2  H N N 265 
PHE HB3  H N N 266 
PHE HD1  H N N 267 
PHE HD2  H N N 268 
PHE HE1  H N N 269 
PHE HE2  H N N 270 
PHE HZ   H N N 271 
PHE HXT  H N N 272 
PRO N    N N N 273 
PRO CA   C N S 274 
PRO C    C N N 275 
PRO O    O N N 276 
PRO CB   C N N 277 
PRO CG   C N N 278 
PRO CD   C N N 279 
PRO OXT  O N N 280 
PRO H    H N N 281 
PRO HA   H N N 282 
PRO HB2  H N N 283 
PRO HB3  H N N 284 
PRO HG2  H N N 285 
PRO HG3  H N N 286 
PRO HD2  H N N 287 
PRO HD3  H N N 288 
PRO HXT  H N N 289 
SER N    N N N 290 
SER CA   C N S 291 
SER C    C N N 292 
SER O    O N N 293 
SER CB   C N N 294 
SER OG   O N N 295 
SER OXT  O N N 296 
SER H    H N N 297 
SER H2   H N N 298 
SER HA   H N N 299 
SER HB2  H N N 300 
SER HB3  H N N 301 
SER HG   H N N 302 
SER HXT  H N N 303 
THR N    N N N 304 
THR CA   C N S 305 
THR C    C N N 306 
THR O    O N N 307 
THR CB   C N R 308 
THR OG1  O N N 309 
THR CG2  C N N 310 
THR OXT  O N N 311 
THR H    H N N 312 
THR H2   H N N 313 
THR HA   H N N 314 
THR HB   H N N 315 
THR HG1  H N N 316 
THR HG21 H N N 317 
THR HG22 H N N 318 
THR HG23 H N N 319 
THR HXT  H N N 320 
TRP N    N N N 321 
TRP CA   C N S 322 
TRP C    C N N 323 
TRP O    O N N 324 
TRP CB   C N N 325 
TRP CG   C Y N 326 
TRP CD1  C Y N 327 
TRP CD2  C Y N 328 
TRP NE1  N Y N 329 
TRP CE2  C Y N 330 
TRP CE3  C Y N 331 
TRP CZ2  C Y N 332 
TRP CZ3  C Y N 333 
TRP CH2  C Y N 334 
TRP OXT  O N N 335 
TRP H    H N N 336 
TRP H2   H N N 337 
TRP HA   H N N 338 
TRP HB2  H N N 339 
TRP HB3  H N N 340 
TRP HD1  H N N 341 
TRP HE1  H N N 342 
TRP HE3  H N N 343 
TRP HZ2  H N N 344 
TRP HZ3  H N N 345 
TRP HH2  H N N 346 
TRP HXT  H N N 347 
TYR N    N N N 348 
TYR CA   C N S 349 
TYR C    C N N 350 
TYR O    O N N 351 
TYR CB   C N N 352 
TYR CG   C Y N 353 
TYR CD1  C Y N 354 
TYR CD2  C Y N 355 
TYR CE1  C Y N 356 
TYR CE2  C Y N 357 
TYR CZ   C Y N 358 
TYR OH   O N N 359 
TYR OXT  O N N 360 
TYR H    H N N 361 
TYR H2   H N N 362 
TYR HA   H N N 363 
TYR HB2  H N N 364 
TYR HB3  H N N 365 
TYR HD1  H N N 366 
TYR HD2  H N N 367 
TYR HE1  H N N 368 
TYR HE2  H N N 369 
TYR HH   H N N 370 
TYR HXT  H N N 371 
VAL N    N N N 372 
VAL CA   C N S 373 
VAL C    C N N 374 
VAL O    O N N 375 
VAL CB   C N N 376 
VAL CG1  C N N 377 
VAL CG2  C N N 378 
VAL OXT  O N N 379 
VAL H    H N N 380 
VAL H2   H N N 381 
VAL HA   H N N 382 
VAL HB   H N N 383 
VAL HG11 H N N 384 
VAL HG12 H N N 385 
VAL HG13 H N N 386 
VAL HG21 H N N 387 
VAL HG22 H N N 388 
VAL HG23 H N N 389 
VAL HXT  H N N 390 
# 
loop_
_chem_comp_bond.comp_id 
_chem_comp_bond.atom_id_1 
_chem_comp_bond.atom_id_2 
_chem_comp_bond.value_order 
_chem_comp_bond.pdbx_aromatic_flag 
_chem_comp_bond.pdbx_stereo_config 
_chem_comp_bond.pdbx_ordinal 
ALA N   CA   sing N N 1   
ALA N   H    sing N N 2   
ALA N   H2   sing N N 3   
ALA CA  C    sing N N 4   
ALA CA  CB   sing N N 5   
ALA CA  HA   sing N N 6   
ALA C   O    doub N N 7   
ALA C   OXT  sing N N 8   
ALA CB  HB1  sing N N 9   
ALA CB  HB2  sing N N 10  
ALA CB  HB3  sing N N 11  
ALA OXT HXT  sing N N 12  
ARG N   CA   sing N N 13  
ARG N   H    sing N N 14  
ARG N   H2   sing N N 15  
ARG CA  C    sing N N 16  
ARG CA  CB   sing N N 17  
ARG CA  HA   sing N N 18  
ARG C   O    doub N N 19  
ARG C   OXT  sing N N 20  
ARG CB  CG   sing N N 21  
ARG CB  HB2  sing N N 22  
ARG CB  HB3  sing N N 23  
ARG CG  CD   sing N N 24  
ARG CG  HG2  sing N N 25  
ARG CG  HG3  sing N N 26  
ARG CD  NE   sing N N 27  
ARG CD  HD2  sing N N 28  
ARG CD  HD3  sing N N 29  
ARG NE  CZ   sing N N 30  
ARG NE  HE   sing N N 31  
ARG CZ  NH1  sing N N 32  
ARG CZ  NH2  doub N N 33  
ARG NH1 HH11 sing N N 34  
ARG NH1 HH12 sing N N 35  
ARG NH2 HH21 sing N N 36  
ARG NH2 HH22 sing N N 37  
ARG OXT HXT  sing N N 38  
ASN N   CA   sing N N 39  
ASN N   H    sing N N 40  
ASN N   H2   sing N N 41  
ASN CA  C    sing N N 42  
ASN CA  CB   sing N N 43  
ASN CA  HA   sing N N 44  
ASN C   O    doub N N 45  
ASN C   OXT  sing N N 46  
ASN CB  CG   sing N N 47  
ASN CB  HB2  sing N N 48  
ASN CB  HB3  sing N N 49  
ASN CG  OD1  doub N N 50  
ASN CG  ND2  sing N N 51  
ASN ND2 HD21 sing N N 52  
ASN ND2 HD22 sing N N 53  
ASN OXT HXT  sing N N 54  
ASP N   CA   sing N N 55  
ASP N   H    sing N N 56  
ASP N   H2   sing N N 57  
ASP CA  C    sing N N 58  
ASP CA  CB   sing N N 59  
ASP CA  HA   sing N N 60  
ASP C   O    doub N N 61  
ASP C   OXT  sing N N 62  
ASP CB  CG   sing N N 63  
ASP CB  HB2  sing N N 64  
ASP CB  HB3  sing N N 65  
ASP CG  OD1  doub N N 66  
ASP CG  OD2  sing N N 67  
ASP OD2 HD2  sing N N 68  
ASP OXT HXT  sing N N 69  
CYS N   CA   sing N N 70  
CYS N   H    sing N N 71  
CYS N   H2   sing N N 72  
CYS CA  C    sing N N 73  
CYS CA  CB   sing N N 74  
CYS CA  HA   sing N N 75  
CYS C   O    doub N N 76  
CYS C   OXT  sing N N 77  
CYS CB  SG   sing N N 78  
CYS CB  HB2  sing N N 79  
CYS CB  HB3  sing N N 80  
CYS SG  HG   sing N N 81  
CYS OXT HXT  sing N N 82  
GLN N   CA   sing N N 83  
GLN N   H    sing N N 84  
GLN N   H2   sing N N 85  
GLN CA  C    sing N N 86  
GLN CA  CB   sing N N 87  
GLN CA  HA   sing N N 88  
GLN C   O    doub N N 89  
GLN C   OXT  sing N N 90  
GLN CB  CG   sing N N 91  
GLN CB  HB2  sing N N 92  
GLN CB  HB3  sing N N 93  
GLN CG  CD   sing N N 94  
GLN CG  HG2  sing N N 95  
GLN CG  HG3  sing N N 96  
GLN CD  OE1  doub N N 97  
GLN CD  NE2  sing N N 98  
GLN NE2 HE21 sing N N 99  
GLN NE2 HE22 sing N N 100 
GLN OXT HXT  sing N N 101 
GLU N   CA   sing N N 102 
GLU N   H    sing N N 103 
GLU N   H2   sing N N 104 
GLU CA  C    sing N N 105 
GLU CA  CB   sing N N 106 
GLU CA  HA   sing N N 107 
GLU C   O    doub N N 108 
GLU C   OXT  sing N N 109 
GLU CB  CG   sing N N 110 
GLU CB  HB2  sing N N 111 
GLU CB  HB3  sing N N 112 
GLU CG  CD   sing N N 113 
GLU CG  HG2  sing N N 114 
GLU CG  HG3  sing N N 115 
GLU CD  OE1  doub N N 116 
GLU CD  OE2  sing N N 117 
GLU OE2 HE2  sing N N 118 
GLU OXT HXT  sing N N 119 
GLY N   CA   sing N N 120 
GLY N   H    sing N N 121 
GLY N   H2   sing N N 122 
GLY CA  C    sing N N 123 
GLY CA  HA2  sing N N 124 
GLY CA  HA3  sing N N 125 
GLY C   O    doub N N 126 
GLY C   OXT  sing N N 127 
GLY OXT HXT  sing N N 128 
HIS N   CA   sing N N 129 
HIS N   H    sing N N 130 
HIS N   H2   sing N N 131 
HIS CA  C    sing N N 132 
HIS CA  CB   sing N N 133 
HIS CA  HA   sing N N 134 
HIS C   O    doub N N 135 
HIS C   OXT  sing N N 136 
HIS CB  CG   sing N N 137 
HIS CB  HB2  sing N N 138 
HIS CB  HB3  sing N N 139 
HIS CG  ND1  sing Y N 140 
HIS CG  CD2  doub Y N 141 
HIS ND1 CE1  doub Y N 142 
HIS ND1 HD1  sing N N 143 
HIS CD2 NE2  sing Y N 144 
HIS CD2 HD2  sing N N 145 
HIS CE1 NE2  sing Y N 146 
HIS CE1 HE1  sing N N 147 
HIS NE2 HE2  sing N N 148 
HIS OXT HXT  sing N N 149 
HOH O   H1   sing N N 150 
HOH O   H2   sing N N 151 
ILE N   CA   sing N N 152 
ILE N   H    sing N N 153 
ILE N   H2   sing N N 154 
ILE CA  C    sing N N 155 
ILE CA  CB   sing N N 156 
ILE CA  HA   sing N N 157 
ILE C   O    doub N N 158 
ILE C   OXT  sing N N 159 
ILE CB  CG1  sing N N 160 
ILE CB  CG2  sing N N 161 
ILE CB  HB   sing N N 162 
ILE CG1 CD1  sing N N 163 
ILE CG1 HG12 sing N N 164 
ILE CG1 HG13 sing N N 165 
ILE CG2 HG21 sing N N 166 
ILE CG2 HG22 sing N N 167 
ILE CG2 HG23 sing N N 168 
ILE CD1 HD11 sing N N 169 
ILE CD1 HD12 sing N N 170 
ILE CD1 HD13 sing N N 171 
ILE OXT HXT  sing N N 172 
LEU N   CA   sing N N 173 
LEU N   H    sing N N 174 
LEU N   H2   sing N N 175 
LEU CA  C    sing N N 176 
LEU CA  CB   sing N N 177 
LEU CA  HA   sing N N 178 
LEU C   O    doub N N 179 
LEU C   OXT  sing N N 180 
LEU CB  CG   sing N N 181 
LEU CB  HB2  sing N N 182 
LEU CB  HB3  sing N N 183 
LEU CG  CD1  sing N N 184 
LEU CG  CD2  sing N N 185 
LEU CG  HG   sing N N 186 
LEU CD1 HD11 sing N N 187 
LEU CD1 HD12 sing N N 188 
LEU CD1 HD13 sing N N 189 
LEU CD2 HD21 sing N N 190 
LEU CD2 HD22 sing N N 191 
LEU CD2 HD23 sing N N 192 
LEU OXT HXT  sing N N 193 
LYS N   CA   sing N N 194 
LYS N   H    sing N N 195 
LYS N   H2   sing N N 196 
LYS CA  C    sing N N 197 
LYS CA  CB   sing N N 198 
LYS CA  HA   sing N N 199 
LYS C   O    doub N N 200 
LYS C   OXT  sing N N 201 
LYS CB  CG   sing N N 202 
LYS CB  HB2  sing N N 203 
LYS CB  HB3  sing N N 204 
LYS CG  CD   sing N N 205 
LYS CG  HG2  sing N N 206 
LYS CG  HG3  sing N N 207 
LYS CD  CE   sing N N 208 
LYS CD  HD2  sing N N 209 
LYS CD  HD3  sing N N 210 
LYS CE  NZ   sing N N 211 
LYS CE  HE2  sing N N 212 
LYS CE  HE3  sing N N 213 
LYS NZ  HZ1  sing N N 214 
LYS NZ  HZ2  sing N N 215 
LYS NZ  HZ3  sing N N 216 
LYS OXT HXT  sing N N 217 
MET N   CA   sing N N 218 
MET N   H    sing N N 219 
MET N   H2   sing N N 220 
MET CA  C    sing N N 221 
MET CA  CB   sing N N 222 
MET CA  HA   sing N N 223 
MET C   O    doub N N 224 
MET C   OXT  sing N N 225 
MET CB  CG   sing N N 226 
MET CB  HB2  sing N N 227 
MET CB  HB3  sing N N 228 
MET CG  SD   sing N N 229 
MET CG  HG2  sing N N 230 
MET CG  HG3  sing N N 231 
MET SD  CE   sing N N 232 
MET CE  HE1  sing N N 233 
MET CE  HE2  sing N N 234 
MET CE  HE3  sing N N 235 
MET OXT HXT  sing N N 236 
PHE N   CA   sing N N 237 
PHE N   H    sing N N 238 
PHE N   H2   sing N N 239 
PHE CA  C    sing N N 240 
PHE CA  CB   sing N N 241 
PHE CA  HA   sing N N 242 
PHE C   O    doub N N 243 
PHE C   OXT  sing N N 244 
PHE CB  CG   sing N N 245 
PHE CB  HB2  sing N N 246 
PHE CB  HB3  sing N N 247 
PHE CG  CD1  doub Y N 248 
PHE CG  CD2  sing Y N 249 
PHE CD1 CE1  sing Y N 250 
PHE CD1 HD1  sing N N 251 
PHE CD2 CE2  doub Y N 252 
PHE CD2 HD2  sing N N 253 
PHE CE1 CZ   doub Y N 254 
PHE CE1 HE1  sing N N 255 
PHE CE2 CZ   sing Y N 256 
PHE CE2 HE2  sing N N 257 
PHE CZ  HZ   sing N N 258 
PHE OXT HXT  sing N N 259 
PRO N   CA   sing N N 260 
PRO N   CD   sing N N 261 
PRO N   H    sing N N 262 
PRO CA  C    sing N N 263 
PRO CA  CB   sing N N 264 
PRO CA  HA   sing N N 265 
PRO C   O    doub N N 266 
PRO C   OXT  sing N N 267 
PRO CB  CG   sing N N 268 
PRO CB  HB2  sing N N 269 
PRO CB  HB3  sing N N 270 
PRO CG  CD   sing N N 271 
PRO CG  HG2  sing N N 272 
PRO CG  HG3  sing N N 273 
PRO CD  HD2  sing N N 274 
PRO CD  HD3  sing N N 275 
PRO OXT HXT  sing N N 276 
SER N   CA   sing N N 277 
SER N   H    sing N N 278 
SER N   H2   sing N N 279 
SER CA  C    sing N N 280 
SER CA  CB   sing N N 281 
SER CA  HA   sing N N 282 
SER C   O    doub N N 283 
SER C   OXT  sing N N 284 
SER CB  OG   sing N N 285 
SER CB  HB2  sing N N 286 
SER CB  HB3  sing N N 287 
SER OG  HG   sing N N 288 
SER OXT HXT  sing N N 289 
THR N   CA   sing N N 290 
THR N   H    sing N N 291 
THR N   H2   sing N N 292 
THR CA  C    sing N N 293 
THR CA  CB   sing N N 294 
THR CA  HA   sing N N 295 
THR C   O    doub N N 296 
THR C   OXT  sing N N 297 
THR CB  OG1  sing N N 298 
THR CB  CG2  sing N N 299 
THR CB  HB   sing N N 300 
THR OG1 HG1  sing N N 301 
THR CG2 HG21 sing N N 302 
THR CG2 HG22 sing N N 303 
THR CG2 HG23 sing N N 304 
THR OXT HXT  sing N N 305 
TRP N   CA   sing N N 306 
TRP N   H    sing N N 307 
TRP N   H2   sing N N 308 
TRP CA  C    sing N N 309 
TRP CA  CB   sing N N 310 
TRP CA  HA   sing N N 311 
TRP C   O    doub N N 312 
TRP C   OXT  sing N N 313 
TRP CB  CG   sing N N 314 
TRP CB  HB2  sing N N 315 
TRP CB  HB3  sing N N 316 
TRP CG  CD1  doub Y N 317 
TRP CG  CD2  sing Y N 318 
TRP CD1 NE1  sing Y N 319 
TRP CD1 HD1  sing N N 320 
TRP CD2 CE2  doub Y N 321 
TRP CD2 CE3  sing Y N 322 
TRP NE1 CE2  sing Y N 323 
TRP NE1 HE1  sing N N 324 
TRP CE2 CZ2  sing Y N 325 
TRP CE3 CZ3  doub Y N 326 
TRP CE3 HE3  sing N N 327 
TRP CZ2 CH2  doub Y N 328 
TRP CZ2 HZ2  sing N N 329 
TRP CZ3 CH2  sing Y N 330 
TRP CZ3 HZ3  sing N N 331 
TRP CH2 HH2  sing N N 332 
TRP OXT HXT  sing N N 333 
TYR N   CA   sing N N 334 
TYR N   H    sing N N 335 
TYR N   H2   sing N N 336 
TYR CA  C    sing N N 337 
TYR CA  CB   sing N N 338 
TYR CA  HA   sing N N 339 
TYR C   O    doub N N 340 
TYR C   OXT  sing N N 341 
TYR CB  CG   sing N N 342 
TYR CB  HB2  sing N N 343 
TYR CB  HB3  sing N N 344 
TYR CG  CD1  doub Y N 345 
TYR CG  CD2  sing Y N 346 
TYR CD1 CE1  sing Y N 347 
TYR CD1 HD1  sing N N 348 
TYR CD2 CE2  doub Y N 349 
TYR CD2 HD2  sing N N 350 
TYR CE1 CZ   doub Y N 351 
TYR CE1 HE1  sing N N 352 
TYR CE2 CZ   sing Y N 353 
TYR CE2 HE2  sing N N 354 
TYR CZ  OH   sing N N 355 
TYR OH  HH   sing N N 356 
TYR OXT HXT  sing N N 357 
VAL N   CA   sing N N 358 
VAL N   H    sing N N 359 
VAL N   H2   sing N N 360 
VAL CA  C    sing N N 361 
VAL CA  CB   sing N N 362 
VAL CA  HA   sing N N 363 
VAL C   O    doub N N 364 
VAL C   OXT  sing N N 365 
VAL CB  CG1  sing N N 366 
VAL CB  CG2  sing N N 367 
VAL CB  HB   sing N N 368 
VAL CG1 HG11 sing N N 369 
VAL CG1 HG12 sing N N 370 
VAL CG1 HG13 sing N N 371 
VAL CG2 HG21 sing N N 372 
VAL CG2 HG22 sing N N 373 
VAL CG2 HG23 sing N N 374 
VAL OXT HXT  sing N N 375 
# 
_pdbx_audit_support.funding_organization   'Other private' 
_pdbx_audit_support.country                'United States' 
_pdbx_audit_support.grant_number           ? 
_pdbx_audit_support.ordinal                1 
# 
_pdbx_initial_refinement_model.id               1 
_pdbx_initial_refinement_model.entity_id_list   ? 
_pdbx_initial_refinement_model.type             'experimental model' 
_pdbx_initial_refinement_model.source_name      PDB 
_pdbx_initial_refinement_model.accession_code   1EUM 
_pdbx_initial_refinement_model.details          ? 
# 
_space_group.name_H-M_alt     'F 4 3 2' 
_space_group.name_Hall        'F 4 2 3' 
_space_group.IT_number        209 
_space_group.crystal_system   cubic 
_space_group.id               1 
# 
_atom_sites.entry_id                    9BYE 
_atom_sites.Cartn_transf_matrix[1][1]   ? 
_atom_sites.Cartn_transf_matrix[1][2]   ? 
_atom_sites.Cartn_transf_matrix[1][3]   ? 
_atom_sites.Cartn_transf_matrix[2][1]   ? 
_atom_sites.Cartn_transf_matrix[2][2]   ? 
_atom_sites.Cartn_transf_matrix[2][3]   ? 
_atom_sites.Cartn_transf_matrix[3][1]   ? 
_atom_sites.Cartn_transf_matrix[3][2]   ? 
_atom_sites.Cartn_transf_matrix[3][3]   ? 
_atom_sites.Cartn_transf_vector[1]      ? 
_atom_sites.Cartn_transf_vector[2]      ? 
_atom_sites.Cartn_transf_vector[3]      ? 
_atom_sites.Cartn_transform_axes        ? 
_atom_sites.fract_transf_matrix[1][1]   0.00087053 
_atom_sites.fract_transf_matrix[1][2]   -0.00547302 
_atom_sites.fract_transf_matrix[1][3]   0.00015545 
_atom_sites.fract_transf_matrix[2][1]   -0.00465670 
_atom_sites.fract_transf_matrix[2][2]   -0.00065730 
_atom_sites.fract_transf_matrix[2][3]   0.00293582 
_atom_sites.fract_transf_matrix[3][1]   -0.00287980 
_atom_sites.fract_transf_matrix[3][2]   -0.00059156 
_atom_sites.fract_transf_matrix[3][3]   -0.00470029 
_atom_sites.fract_transf_vector[1]      0.052631 
_atom_sites.fract_transf_vector[2]      0.221878 
_atom_sites.fract_transf_vector[3]      0.154304 
_atom_sites.solution_primary            ? 
_atom_sites.solution_secondary          ? 
_atom_sites.solution_hydrogens          ? 
_atom_sites.special_details             ? 
# 
loop_
_atom_type.symbol 
_atom_type.scat_dispersion_real 
_atom_type.scat_dispersion_imag 
_atom_type.scat_Cromer_Mann_a1 
_atom_type.scat_Cromer_Mann_a2 
_atom_type.scat_Cromer_Mann_a3 
_atom_type.scat_Cromer_Mann_a4 
_atom_type.scat_Cromer_Mann_b1 
_atom_type.scat_Cromer_Mann_b2 
_atom_type.scat_Cromer_Mann_b3 
_atom_type.scat_Cromer_Mann_b4 
_atom_type.scat_Cromer_Mann_c 
_atom_type.scat_source 
_atom_type.scat_dispersion_source 
C ? ? 3.54356 2.42580 ? ? 25.62398 1.50364  ? ? 0.0 
;2-Gaussian fit: Grosse-Kunstleve RW, Sauter NK, Adams PD: Newsletter of the IUCr Commission on Crystallographic Computing 2004, 3, 22-31.
;
? 
N ? ? 4.01032 2.96436 ? ? 19.97189 1.75589  ? ? 0.0 
;2-Gaussian fit: Grosse-Kunstleve RW, Sauter NK, Adams PD: Newsletter of the IUCr Commission on Crystallographic Computing 2004, 3, 22-31.
;
? 
O ? ? 4.49882 3.47563 ? ? 15.80542 1.70748  ? ? 0.0 
;2-Gaussian fit: Grosse-Kunstleve RW, Sauter NK, Adams PD: Newsletter of the IUCr Commission on Crystallographic Computing 2004, 3, 22-31.
;
? 
S ? ? 9.55732 6.39887 ? ? 1.23737  29.19336 ? ? 0.0 
;2-Gaussian fit: Grosse-Kunstleve RW, Sauter NK, Adams PD: Newsletter of the IUCr Commission on Crystallographic Computing 2004, 3, 22-31.
;
? 
# 
loop_
_atom_site.group_PDB 
_atom_site.id 
_atom_site.type_symbol 
_atom_site.label_atom_id 
_atom_site.label_alt_id 
_atom_site.label_comp_id 
_atom_site.label_asym_id 
_atom_site.label_entity_id 
_atom_site.label_seq_id 
_atom_site.pdbx_PDB_ins_code 
_atom_site.Cartn_x 
_atom_site.Cartn_y 
_atom_site.Cartn_z 
_atom_site.occupancy 
_atom_site.B_iso_or_equiv 
_atom_site.pdbx_formal_charge 
_atom_site.auth_seq_id 
_atom_site.auth_comp_id 
_atom_site.auth_asym_id 
_atom_site.auth_atom_id 
_atom_site.pdbx_PDB_model_num 
ATOM   1    N N   . GLY A 1 1   ? 5.33973   -15.65869 -23.73991 1.000 31.37432 ? 1   GLY A N   1 
ATOM   2    C CA  . GLY A 1 1   ? 4.77183   -14.36562 -23.36734 1.000 30.93223 ? 1   GLY A CA  1 
ATOM   3    C C   . GLY A 1 1   ? 3.70095   -14.45532 -22.29431 1.000 32.24002 ? 1   GLY A C   1 
ATOM   4    O O   . GLY A 1 1   ? 3.50972   -15.51989 -21.70920 1.000 33.54674 ? 1   GLY A O   1 
ATOM   5    N N   . LEU A 1 2   ? 2.99683   -13.35478 -22.01927 1.000 25.41106 ? 2   LEU A N   1 
ATOM   6    C CA  . LEU A 1 2   ? 2.01111   -13.35416 -20.94520 1.000 24.55211 ? 2   LEU A CA  1 
ATOM   7    C C   . LEU A 1 2   ? 0.67210   -13.88489 -21.43494 1.000 23.63737 ? 2   LEU A C   1 
ATOM   8    O O   . LEU A 1 2   ? 0.18317   -13.48860 -22.49812 1.000 26.30555 ? 2   LEU A O   1 
ATOM   9    C CB  . LEU A 1 2   ? 1.83361   -11.94767 -20.37698 1.000 25.20357 ? 2   LEU A CB  1 
ATOM   10   C CG  . LEU A 1 2   ? 3.06525   -11.24788 -19.80499 1.000 23.97593 ? 2   LEU A CG  1 
ATOM   11   C CD1 . LEU A 1 2   ? 2.69333   -9.83749  -19.31161 1.000 26.91758 ? 2   LEU A CD1 1 
ATOM   12   C CD2 . LEU A 1 2   ? 3.65796   -12.06841 -18.67306 1.000 20.04707 ? 2   LEU A CD2 1 
ATOM   13   N N   . LYS A 1 3   ? 0.07370   -14.75749 -20.65072 1.000 20.86908 ? 3   LYS A N   1 
ATOM   14   C CA  . LYS A 1 3   ? -1.24703  -15.27182 -20.94905 1.000 21.60481 ? 3   LYS A CA  1 
ATOM   15   C C   . LYS A 1 3   ? -2.31425  -14.24082 -20.58391 1.000 26.24578 ? 3   LYS A C   1 
ATOM   16   O O   . LYS A 1 3   ? -2.06376  -13.33226 -19.78704 1.000 21.87064 ? 3   LYS A O   1 
ATOM   17   C CB  . LYS A 1 3   ? -1.46259  -16.57038 -20.19332 1.000 23.74198 ? 3   LYS A CB  1 
ATOM   18   C CG  . LYS A 1 3   ? -0.51687  -17.66079 -20.68047 1.000 26.01002 ? 3   LYS A CG  1 
ATOM   19   C CD  . LYS A 1 3   ? -0.78083  -18.97428 -19.98973 1.000 26.54148 ? 3   LYS A CD  1 
ATOM   20   C CE  . LYS A 1 3   ? 0.15575   -20.03642 -20.53153 1.000 30.42750 ? 3   LYS A CE  1 
ATOM   21   N NZ  . LYS A 1 3   ? 0.18112   -21.22570 -19.64515 1.000 34.38888 ? 3   LYS A NZ  1 
ATOM   22   N N   . PRO A 1 4   ? -3.51114  -14.34827 -21.17357 1.000 26.06540 ? 4   PRO A N   1 
ATOM   23   C CA  . PRO A 1 4   ? -4.52701  -13.30309 -20.94537 1.000 25.49558 ? 4   PRO A CA  1 
ATOM   24   C C   . PRO A 1 4   ? -4.89193  -13.10456 -19.48480 1.000 22.70679 ? 4   PRO A C   1 
ATOM   25   O O   . PRO A 1 4   ? -5.04998  -11.95086 -19.05579 1.000 21.29034 ? 4   PRO A O   1 
ATOM   26   C CB  . PRO A 1 4   ? -5.72409  -13.79821 -21.77444 1.000 28.37822 ? 4   PRO A CB  1 
ATOM   27   C CG  . PRO A 1 4   ? -5.10258  -14.62150 -22.86772 1.000 30.15331 ? 4   PRO A CG  1 
ATOM   28   C CD  . PRO A 1 4   ? -3.92258  -15.30460 -22.22172 1.000 26.27005 ? 4   PRO A CD  1 
ATOM   29   N N   . GLU A 1 5   ? -5.03611  -14.19322 -18.71462 1.000 21.32593 ? 5   GLU A N   1 
ATOM   30   C CA  . GLU A 1 5   ? -5.29989  -14.07114 -17.28407 1.000 24.14798 ? 5   GLU A CA  1 
ATOM   31   C C   . GLU A 1 5   ? -4.20200  -13.27294 -16.59139 1.000 20.74985 ? 5   GLU A C   1 
ATOM   32   O O   . GLU A 1 5   ? -4.48281  -12.46501 -15.69489 1.000 18.91834 ? 5   GLU A O   1 
ATOM   33   C CB  . GLU A 1 5   ? -5.42164  -15.45108 -16.62291 1.000 24.72389 ? 5   GLU A CB  1 
ATOM   34   C CG  . GLU A 1 5   ? -5.45492  -15.37896 -15.06656 1.000 28.14509 ? 5   GLU A CG  1 
ATOM   35   C CD  . GLU A 1 5   ? -5.44584  -16.73814 -14.34624 1.000 31.86801 ? 5   GLU A CD  1 
ATOM   36   O OE1 . GLU A 1 5   ? -5.13321  -17.78235 -14.95285 1.000 31.77963 ? 5   GLU A OE1 1 
ATOM   37   O OE2 . GLU A 1 5   ? -5.75925  -16.76275 -13.14083 1.000 37.26477 ? 5   GLU A OE2 1 
ATOM   38   N N   . MET A 1 6   ? -2.94194  -13.49297 -16.98766 1.000 18.99610 ? 6   MET A N   1 
ATOM   39   C CA  . MET A 1 6   ? -1.84511  -12.82263 -16.30344 1.000 17.37266 ? 6   MET A CA  1 
ATOM   40   C C   . MET A 1 6   ? -1.79921  -11.34770 -16.66554 1.000 16.11330 ? 6   MET A C   1 
ATOM   41   O O   . MET A 1 6   ? -1.57800  -10.50692 -15.79454 1.000 14.71747 ? 6   MET A O   1 
ATOM   42   C CB  . MET A 1 6   ? -0.50599  -13.49438 -16.61190 1.000 15.84052 ? 6   MET A CB  1 
ATOM   43   C CG  . MET A 1 6   ? -0.40026  -14.90591 -16.03827 1.000 19.53120 ? 6   MET A CG  1 
ATOM   44   S SD  . MET A 1 6   ? -0.72277  -15.00415 -14.24677 1.000 20.39952 ? 6   MET A SD  1 
ATOM   45   C CE  . MET A 1 6   ? 0.58518   -13.93469 -13.62749 1.000 16.91621 ? 6   MET A CE  1 
ATOM   46   N N   . ILE A 1 7   ? -2.00285  -11.01484 -17.94036 1.000 16.73627 ? 7   ILE A N   1 
ATOM   47   C CA  . ILE A 1 7   ? -2.09858  -9.60617  -18.32808 1.000 17.79722 ? 7   ILE A CA  1 
ATOM   48   C C   . ILE A 1 7   ? -3.19146  -8.91336  -17.52227 1.000 16.12310 ? 7   ILE A C   1 
ATOM   49   O O   . ILE A 1 7   ? -2.99665  -7.81181  -16.99549 1.000 16.22967 ? 7   ILE A O   1 
ATOM   50   C CB  . ILE A 1 7   ? -2.35558  -9.47770  -19.84391 1.000 19.81108 ? 7   ILE A CB  1 
ATOM   51   C CG1 . ILE A 1 7   ? -1.15937  -9.99100  -20.64504 1.000 23.15211 ? 7   ILE A CG1 1 
ATOM   52   C CG2 . ILE A 1 7   ? -2.61820  -8.01543  -20.22577 1.000 22.20770 ? 7   ILE A CG2 1 
ATOM   53   C CD1 . ILE A 1 7   ? -1.52439  -10.38328 -22.10198 1.000 25.63547 ? 7   ILE A CD1 1 
ATOM   54   N N   . GLU A 1 8   ? -4.35406  -9.55604  -17.40677 1.000 16.45505 ? 8   GLU A N   1 
ATOM   55   C CA  . GLU A 1 8   ? -5.46293  -8.94946  -16.67895 1.000 17.93437 ? 8   GLU A CA  1 
ATOM   56   C C   . GLU A 1 8   ? -5.11345  -8.73705  -15.20596 1.000 18.61849 ? 8   GLU A C   1 
ATOM   57   O O   . GLU A 1 8   ? -5.34490  -7.65367  -14.64372 1.000 15.36634 ? 8   GLU A O   1 
ATOM   58   C CB  . GLU A 1 8   ? -6.69971  -9.83090  -16.82478 1.000 22.83582 ? 8   GLU A CB  1 
ATOM   59   C CG  . GLU A 1 8   ? -7.91042  -9.34439  -16.06362 1.000 30.44279 ? 8   GLU A CG  1 
ATOM   60   C CD  . GLU A 1 8   ? -9.11497  -10.23872 -16.30156 1.000 42.43792 ? 8   GLU A CD  1 
ATOM   61   O OE1 . GLU A 1 8   ? -9.04904  -11.10999 -17.20696 1.000 44.29743 ? 8   GLU A OE1 1 
ATOM   62   O OE2 . GLU A 1 8   ? -10.12323 -10.07222 -15.58182 1.000 57.34357 ? 8   GLU A OE2 1 
ATOM   63   N N   . LYS A 1 9   ? -4.56092  -9.76579  -14.55532 1.000 17.05805 ? 9   LYS A N   1 
ATOM   64   C CA  . LYS A 1 9   ? -4.25368  -9.63485  -13.13085 1.000 15.05987 ? 9   LYS A CA  1 
ATOM   65   C C   . LYS A 1 9   ? -3.12943  -8.62779  -12.88512 1.000 14.10782 ? 9   LYS A C   1 
ATOM   66   O O   . LYS A 1 9   ? -3.14247  -7.91210  -11.87491 1.000 13.59084 ? 9   LYS A O   1 
ATOM   67   C CB  . LYS A 1 9   ? -3.89476  -10.99190 -12.53415 1.000 15.60606 ? 9   LYS A CB  1 
ATOM   68   C CG  . LYS A 1 9   ? -5.06649  -11.94206 -12.39492 1.000 20.48696 ? 9   LYS A CG  1 
ATOM   69   C CD  . LYS A 1 9   ? -4.66562  -13.09156 -11.45310 1.000 24.63851 ? 9   LYS A CD  1 
ATOM   70   C CE  . LYS A 1 9   ? -5.64536  -14.25222 -11.49579 1.000 35.28037 ? 9   LYS A CE  1 
ATOM   71   N NZ  . LYS A 1 9   ? -6.98867  -13.92725 -10.97584 1.000 37.78136 ? 9   LYS A NZ  1 
ATOM   72   N N   . LEU A 1 10  ? -2.14269  -8.56147  -13.78098 1.000 13.01483 ? 10  LEU A N   1 
ATOM   73   C CA  . LEU A 1 10  ? -1.06222  -7.59140  -13.59729 1.000 12.23308 ? 10  LEU A CA  1 
ATOM   74   C C   . LEU A 1 10  ? -1.57807  -6.16337  -13.74872 1.000 12.97408 ? 10  LEU A C   1 
ATOM   75   O O   . LEU A 1 10  ? -1.22201  -5.28194  -12.95139 1.000 12.41289 ? 10  LEU A O   1 
ATOM   76   C CB  . LEU A 1 10  ? 0.06822   -7.87339  -14.59274 1.000 12.74041 ? 10  LEU A CB  1 
ATOM   77   C CG  . LEU A 1 10  ? 0.87821   -9.14084  -14.27282 1.000 12.48882 ? 10  LEU A CG  1 
ATOM   78   C CD1 . LEU A 1 10  ? 1.68814   -9.58583  -15.50069 1.000 13.51661 ? 10  LEU A CD1 1 
ATOM   79   C CD2 . LEU A 1 10  ? 1.80750   -8.90137  -13.06797 1.000 13.03670 ? 10  LEU A CD2 1 
ATOM   80   N N   . ASN A 1 11  ? -2.41422  -5.91312  -14.76919 1.000 12.48322 ? 11  ASN A N   1 
ATOM   81   C CA  . ASN A 1 11  ? -3.02342  -4.58686  -14.91248 1.000 13.54732 ? 11  ASN A CA  1 
ATOM   82   C C   . ASN A 1 11  ? -3.89860  -4.24867  -13.71531 1.000 13.68362 ? 11  ASN A C   1 
ATOM   83   O O   . ASN A 1 11  ? -3.90266  -3.10116  -13.24208 1.000 13.08233 ? 11  ASN A O   1 
ATOM   84   C CB  . ASN A 1 11  ? -3.86424  -4.51195  -16.18639 1.000 14.26880 ? 11  ASN A CB  1 
ATOM   85   C CG  . ASN A 1 11  ? -3.07113  -4.05441  -17.36020 1.000 19.18828 ? 11  ASN A CG  1 
ATOM   86   O OD1 . ASN A 1 11  ? -2.71542  -2.86768  -17.47157 1.000 16.41488 ? 11  ASN A OD1 1 
ATOM   87   N ND2 . ASN A 1 11  ? -2.75155  -4.99643  -18.24987 1.000 20.24125 ? 11  ASN A ND2 1 
ATOM   88   N N   . GLU A 1 12  ? -4.65028  -5.23464  -13.21861 1.000 11.83126 ? 12  GLU A N   1 
ATOM   89   C CA  . GLU A 1 12  ? -5.49987  -5.01360  -12.05470 1.000 13.73400 ? 12  GLU A CA  1 
ATOM   90   C C   . GLU A 1 12  ? -4.66340  -4.59534  -10.84670 1.000 14.67328 ? 12  GLU A C   1 
ATOM   91   O O   . GLU A 1 12  ? -4.99475  -3.62842  -10.14761 1.000 12.83575 ? 12  GLU A O   1 
ATOM   92   C CB  . GLU A 1 12  ? -6.29849  -6.28033  -11.75669 1.000 16.92632 ? 12  GLU A CB  1 
ATOM   93   C CG  . GLU A 1 12  ? -7.15317  -6.19467  -10.50299 1.000 23.14597 ? 12  GLU A CG  1 
ATOM   94   C CD  . GLU A 1 12  ? -7.88248  -7.50359  -10.20997 1.000 36.68096 ? 12  GLU A CD  1 
ATOM   95   O OE1 . GLU A 1 12  ? -7.23185  -8.58993  -10.14104 1.000 30.53663 ? 12  GLU A OE1 1 
ATOM   96   O OE2 . GLU A 1 12  ? -9.12085  -7.43464  -10.05241 1.000 38.25644 ? 12  GLU A OE2 1 
ATOM   97   N N   . GLN A 1 13  ? -3.55953  -5.30396  -10.60126 1.000 11.88779 ? 13  GLN A N   1 
ATOM   98   C CA  . GLN A 1 13  ? -2.70272  -4.95653  -9.46835  1.000 10.55872 ? 13  GLN A CA  1 
ATOM   99   C C   . GLN A 1 13  ? -2.03675  -3.59670  -9.66737  1.000 11.13457 ? 13  GLN A C   1 
ATOM   100  O O   . GLN A 1 13  ? -1.87840  -2.84266  -8.70311  1.000 11.96490 ? 13  GLN A O   1 
ATOM   101  C CB  . GLN A 1 13  ? -1.64374  -6.04335  -9.25869  1.000 11.28367 ? 13  GLN A CB  1 
ATOM   102  C CG  . GLN A 1 13  ? -0.74415  -5.81207  -8.03392  1.000 12.00800 ? 13  GLN A CG  1 
ATOM   103  C CD  . GLN A 1 13  ? -1.48587  -5.98833  -6.73973  1.000 15.87362 ? 13  GLN A CD  1 
ATOM   104  O OE1 . GLN A 1 13  ? -2.48131  -6.71652  -6.67521  1.000 17.86442 ? 13  GLN A OE1 1 
ATOM   105  N NE2 . GLN A 1 13  ? -1.01269  -5.32495  -5.69168  1.000 15.03368 ? 13  GLN A NE2 1 
ATOM   106  N N   . MET A 1 14  ? -1.63019  -3.26636  -10.89748 1.000 10.77253 ? 14  MET A N   1 
ATOM   107  C CA  . MET A 1 14  ? -1.05775  -1.94506  -11.15978 1.000 12.09660 ? 14  MET A CA  1 
ATOM   108  C C   . MET A 1 14  ? -2.04022  -0.85040  -10.76402 1.000 12.01095 ? 14  MET A C   1 
ATOM   109  O O   . MET A 1 14  ? -1.68129  0.12377   -10.08374 1.000 11.90234 ? 14  MET A O   1 
ATOM   110  C CB  . MET A 1 14  ? -0.69108  -1.81958  -12.64330 1.000 10.95114 ? 14  MET A CB  1 
ATOM   111  C CG  . MET A 1 14  ? 0.00287   -0.51297  -13.02519 1.000 12.40952 ? 14  MET A CG  1 
ATOM   112  S SD  . MET A 1 14  ? 0.04550   -0.34094  -14.82536 1.000 20.70416 ? 14  MET A SD  1 
ATOM   113  C CE  . MET A 1 14  ? -1.70209  -0.00529  -15.20075 1.000 14.10950 ? 14  MET A CE  1 
ATOM   114  N N   . ASN A 1 15  ? -3.30490  -1.02545  -11.15452 1.000 11.62786 ? 15  ASN A N   1 
ATOM   115  C CA  . ASN A 1 15  ? -4.31240  -0.03617  -10.80371 1.000 10.56801 ? 15  ASN A CA  1 
ATOM   116  C C   . ASN A 1 15  ? -4.64269  -0.04115  -9.31678  1.000 11.39874 ? 15  ASN A C   1 
ATOM   117  O O   . ASN A 1 15  ? -4.97297  1.01363   -8.75638  1.000 13.00733 ? 15  ASN A O   1 
ATOM   118  C CB  . ASN A 1 15  ? -5.55553  -0.26123  -11.66486 1.000 10.89637 ? 15  ASN A CB  1 
ATOM   119  C CG  . ASN A 1 15  ? -5.35916  0.29128   -13.05175 1.000 13.45641 ? 15  ASN A CG  1 
ATOM   120  O OD1 . ASN A 1 15  ? -5.30521  1.51226   -13.22862 1.000 16.11058 ? 15  ASN A OD1 1 
ATOM   121  N ND2 . ASN A 1 15  ? -5.18902  -0.58925  -14.03906 1.000 12.66642 ? 15  ASN A ND2 1 
ATOM   122  N N   . LEU A 1 16  ? -4.56947  -1.19838  -8.65944  1.000 11.49017 ? 16  LEU A N   1 
ATOM   123  C CA  . LEU A 1 16  ? -4.76909  -1.22466  -7.21777  1.000 10.57601 ? 16  LEU A CA  1 
ATOM   124  C C   . LEU A 1 16  ? -3.63252  -0.49042  -6.50459  1.000 10.48416 ? 16  LEU A C   1 
ATOM   125  O O   . LEU A 1 16  ? -3.86969  0.21672   -5.52477  1.000 13.01665 ? 16  LEU A O   1 
ATOM   126  C CB  . LEU A 1 16  ? -4.89272  -2.67337  -6.72296  1.000 11.08240 ? 16  LEU A CB  1 
ATOM   127  C CG  . LEU A 1 16  ? -4.89942  -2.83715  -5.19824  1.000 12.80001 ? 16  LEU A CG  1 
ATOM   128  C CD1 . LEU A 1 16  ? -6.14875  -2.19438  -4.61047  1.000 15.17020 ? 16  LEU A CD1 1 
ATOM   129  C CD2 . LEU A 1 16  ? -4.80846  -4.34105  -4.83253  1.000 12.88038 ? 16  LEU A CD2 1 
ATOM   130  N N   . GLU A 1 17  ? -2.39173  -0.63124  -6.98954  1.000 11.22325 ? 17  GLU A N   1 
ATOM   131  C CA  . GLU A 1 17  ? -1.28101  0.11022   -6.38845  1.000 11.52085 ? 17  GLU A CA  1 
ATOM   132  C C   . GLU A 1 17  ? -1.46097  1.61574   -6.56058  1.000 12.01664 ? 17  GLU A C   1 
ATOM   133  O O   . GLU A 1 17  ? -1.17021  2.39628   -5.64377  1.000 12.78824 ? 17  GLU A O   1 
ATOM   134  C CB  . GLU A 1 17  ? 0.05179   -0.32676  -7.00217  1.000 12.46101 ? 17  GLU A CB  1 
ATOM   135  C CG  . GLU A 1 17  ? 0.40382   -1.81333  -6.77490  1.000 13.32182 ? 17  GLU A CG  1 
ATOM   136  C CD  . GLU A 1 17  ? 0.77620   -2.13814  -5.33620  1.000 17.48327 ? 17  GLU A CD  1 
ATOM   137  O OE1 . GLU A 1 17  ? 0.87936   -1.19427  -4.51733  1.000 17.16341 ? 17  GLU A OE1 1 
ATOM   138  O OE2 . GLU A 1 17  ? 0.96967   -3.33360  -5.02913  1.000 16.48668 ? 17  GLU A OE2 1 
ATOM   139  N N   . LEU A 1 18  ? -1.92917  2.03462   -7.73658  1.000 11.21653 ? 18  LEU A N   1 
ATOM   140  C CA  . LEU A 1 18  ? -2.22355  3.45168   -7.96792  1.000 12.43048 ? 18  LEU A CA  1 
ATOM   141  C C   . LEU A 1 18  ? -3.30748  3.95859   -7.01149  1.000 11.50630 ? 18  LEU A C   1 
ATOM   142  O O   . LEU A 1 18  ? -3.14024  4.99578   -6.33967  1.000 11.90613 ? 18  LEU A O   1 
ATOM   143  C CB  . LEU A 1 18  ? -2.63289  3.63448   -9.43715  1.000 13.58519 ? 18  LEU A CB  1 
ATOM   144  C CG  . LEU A 1 18  ? -3.14354  4.98493   -9.93915  1.000 19.57629 ? 18  LEU A CG  1 
ATOM   145  C CD1 . LEU A 1 18  ? -2.34819  6.15788   -9.43002  1.000 21.60399 ? 18  LEU A CD1 1 
ATOM   146  C CD2 . LEU A 1 18  ? -3.16614  4.95703   -11.48933 1.000 20.43974 ? 18  LEU A CD2 1 
ATOM   147  N N   . TYR A 1 19  ? -4.42779  3.22263   -6.92083  1.000 11.58397 ? 19  TYR A N   1 
ATOM   148  C CA  . TYR A 1 19  ? -5.48165  3.59630   -5.98555  1.000 11.67507 ? 19  TYR A CA  1 
ATOM   149  C C   . TYR A 1 19  ? -4.94116  3.68350   -4.56597  1.000 12.35343 ? 19  TYR A C   1 
ATOM   150  O O   . TYR A 1 19  ? -5.24853  4.63415   -3.83884  1.000 12.53612 ? 19  TYR A O   1 
ATOM   151  C CB  . TYR A 1 19  ? -6.64484  2.60165   -6.04054  1.000 11.25296 ? 19  TYR A CB  1 
ATOM   152  C CG  . TYR A 1 19  ? -7.63659  2.85701   -4.92843  1.000 12.56967 ? 19  TYR A CG  1 
ATOM   153  C CD1 . TYR A 1 19  ? -8.59573  3.86200   -5.05169  1.000 13.99386 ? 19  TYR A CD1 1 
ATOM   154  C CD2 . TYR A 1 19  ? -7.59746  2.12426   -3.74420  1.000 13.91885 ? 19  TYR A CD2 1 
ATOM   155  C CE1 . TYR A 1 19  ? -9.50238  4.11133   -4.03177  1.000 13.75465 ? 19  TYR A CE1 1 
ATOM   156  C CE2 . TYR A 1 19  ? -8.49190  2.37456   -2.71852  1.000 16.64017 ? 19  TYR A CE2 1 
ATOM   157  C CZ  . TYR A 1 19  ? -9.44001  3.37573   -2.87100  1.000 16.43233 ? 19  TYR A CZ  1 
ATOM   158  O OH  . TYR A 1 19  ? -10.33943 3.63693   -1.85771  1.000 18.39220 ? 19  TYR A OH  1 
ATOM   159  N N   . SER A 1 20  ? -4.12836  2.69896   -4.16333  1.000 12.06925 ? 20  SER A N   1 
ATOM   160  C CA  . SER A 1 20  ? -3.58618  2.65953   -2.81267  1.000 12.87372 ? 20  SER A CA  1 
ATOM   161  C C   . SER A 1 20  ? -2.73889  3.88892   -2.52150  1.000 11.24793 ? 20  SER A C   1 
ATOM   162  O O   . SER A 1 20  ? -2.84749  4.47599   -1.44778  1.000 11.97512 ? 20  SER A O   1 
ATOM   163  C CB  . SER A 1 20  ? -2.76580  1.37698   -2.62686  1.000 12.85801 ? 20  SER A CB  1 
ATOM   164  O OG  . SER A 1 20  ? -3.56202  0.22489   -2.86159  1.000 13.43510 ? 20  SER A OG  1 
ATOM   165  N N   . SER A 1 21  ? -1.88594  4.28752   -3.46747  1.000 11.38416 ? 21  SER A N   1 
ATOM   166  C CA  . SER A 1 21  ? -1.08733  5.49374   -3.28536  1.000 11.47249 ? 21  SER A CA  1 
ATOM   167  C C   . SER A 1 21  ? -1.98126  6.69560   -3.01876  1.000 13.96890 ? 21  SER A C   1 
ATOM   168  O O   . SER A 1 21  ? -1.74875  7.47060   -2.07343  1.000 12.44593 ? 21  SER A O   1 
ATOM   169  C CB  . SER A 1 21  ? -0.20663  5.72911   -4.51784  1.000 11.19782 ? 21  SER A CB  1 
ATOM   170  O OG  . SER A 1 21  ? 0.47585   6.96870   -4.40723  1.000 13.73259 ? 21  SER A OG  1 
ATOM   171  N N   . LEU A 1 22  ? -3.05551  6.82636   -3.80101  1.000 11.22434 ? 22  LEU A N   1 
ATOM   172  C CA  . LEU A 1 22  ? -3.94614  7.97126   -3.58634  1.000 11.36105 ? 22  LEU A CA  1 
ATOM   173  C C   . LEU A 1 22  ? -4.72072  7.85540   -2.27150  1.000 13.15559 ? 22  LEU A C   1 
ATOM   174  O O   . LEU A 1 22  ? -5.03332  8.87727   -1.63920  1.000 12.50834 ? 22  LEU A O   1 
ATOM   175  C CB  . LEU A 1 22  ? -4.90977  8.11122   -4.77132  1.000 12.37950 ? 22  LEU A CB  1 
ATOM   176  C CG  . LEU A 1 22  ? -4.21060  8.31462   -6.12610  1.000 13.67893 ? 22  LEU A CG  1 
ATOM   177  C CD1 . LEU A 1 22  ? -5.24467  8.44955   -7.23770  1.000 17.08341 ? 22  LEU A CD1 1 
ATOM   178  C CD2 . LEU A 1 22  ? -3.25470  9.51499   -6.14025  1.000 15.31632 ? 22  LEU A CD2 1 
ATOM   179  N N   . LEU A 1 23  ? -5.07280  6.62980   -1.86932  1.000 11.93663 ? 23  LEU A N   1 
ATOM   180  C CA  . LEU A 1 23  ? -5.73025  6.41081   -0.58188  1.000 12.00882 ? 23  LEU A CA  1 
ATOM   181  C C   . LEU A 1 23  ? -4.83500  6.87644   0.55813   1.000 12.27792 ? 23  LEU A C   1 
ATOM   182  O O   . LEU A 1 23  ? -5.29360  7.55438   1.48738   1.000 12.66795 ? 23  LEU A O   1 
ATOM   183  C CB  . LEU A 1 23  ? -6.07616  4.92132   -0.41596  1.000 12.46547 ? 23  LEU A CB  1 
ATOM   184  C CG  . LEU A 1 23  ? -6.60449  4.52059   0.97077   1.000 12.54720 ? 23  LEU A CG  1 
ATOM   185  C CD1 . LEU A 1 23  ? -7.95994  5.16178   1.22220   1.000 14.04156 ? 23  LEU A CD1 1 
ATOM   186  C CD2 . LEU A 1 23  ? -6.67505  2.99281   1.10725   1.000 13.83841 ? 23  LEU A CD2 1 
ATOM   187  N N   . TYR A 1 24  ? -3.54170  6.54814   0.48234   1.000 11.22069 ? 24  TYR A N   1 
ATOM   188  C CA  . TYR A 1 24  ? -2.61763  6.96211   1.53583   1.000 13.27917 ? 24  TYR A CA  1 
ATOM   189  C C   . TYR A 1 24  ? -2.44902  8.47960   1.54267   1.000 13.64066 ? 24  TYR A C   1 
ATOM   190  O O   . TYR A 1 24  ? -2.34915  9.09663   2.61334   1.000 13.53536 ? 24  TYR A O   1 
ATOM   191  C CB  . TYR A 1 24  ? -1.26974  6.24865   1.36566   1.000 12.75757 ? 24  TYR A CB  1 
ATOM   192  C CG  . TYR A 1 24  ? -1.39200  4.74265   1.37726   1.000 13.21500 ? 24  TYR A CG  1 
ATOM   193  C CD1 . TYR A 1 24  ? -2.41974  4.11224   2.07027   1.000 14.93765 ? 24  TYR A CD1 1 
ATOM   194  C CD2 . TYR A 1 24  ? -0.48296  3.95068   0.68977   1.000 14.80059 ? 24  TYR A CD2 1 
ATOM   195  C CE1 . TYR A 1 24  ? -2.53881  2.70841   2.07034   1.000 16.12228 ? 24  TYR A CE1 1 
ATOM   196  C CE2 . TYR A 1 24  ? -0.58393  2.55189   0.69870   1.000 15.36552 ? 24  TYR A CE2 1 
ATOM   197  C CZ  . TYR A 1 24  ? -1.61321  1.94644   1.38993   1.000 15.37648 ? 24  TYR A CZ  1 
ATOM   198  O OH  . TYR A 1 24  ? -1.74047  0.57277   1.39626   1.000 16.71114 ? 24  TYR A OH  1 
ATOM   199  N N   . GLN A 1 25  ? -2.43836  9.09804   0.35410   1.000 13.75533 ? 25  GLN A N   1 
ATOM   200  C CA  . GLN A 1 25  ? -2.43327  10.56149  0.26961   1.000 12.61649 ? 25  GLN A CA  1 
ATOM   201  C C   . GLN A 1 25  ? -3.67094  11.16335  0.95522   1.000 14.52269 ? 25  GLN A C   1 
ATOM   202  O O   . GLN A 1 25  ? -3.56947  12.08783  1.78505   1.000 13.04753 ? 25  GLN A O   1 
ATOM   203  C CB  . GLN A 1 25  ? -2.35614  10.96302  -1.21442  1.000 16.03393 ? 25  GLN A CB  1 
ATOM   204  C CG  . GLN A 1 25  ? -2.16048  12.44885  -1.47320  1.000 18.20876 ? 25  GLN A CG  1 
ATOM   205  C CD  . GLN A 1 25  ? -0.74759  12.91252  -1.15362  1.000 25.16701 ? 25  GLN A CD  1 
ATOM   206  O OE1 . GLN A 1 25  ? 0.17936   12.11748  -1.09478  1.000 24.76316 ? 25  GLN A OE1 1 
ATOM   207  N NE2 . GLN A 1 25  ? -0.58666  14.21285  -0.94271  1.000 26.79728 ? 25  GLN A NE2 1 
ATOM   208  N N   . GLN A 1 26  ? -4.85852  10.63618  0.63069   1.000 12.32130 ? 26  GLN A N   1 
ATOM   209  C CA  . GLN A 1 26  ? -6.09646  11.12985  1.23667   1.000 14.28378 ? 26  GLN A CA  1 
ATOM   210  C C   . GLN A 1 26  ? -6.10601  10.94270  2.75716   1.000 15.87472 ? 26  GLN A C   1 
ATOM   211  O O   . GLN A 1 26  ? -6.55794  11.82883  3.50976   1.000 15.12898 ? 26  GLN A O   1 
ATOM   212  C CB  . GLN A 1 26  ? -7.29406  10.41646  0.61445   1.000 12.92129 ? 26  GLN A CB  1 
ATOM   213  C CG  . GLN A 1 26  ? -8.63299  11.08367  0.94938   1.000 14.97836 ? 26  GLN A CG  1 
ATOM   214  C CD  . GLN A 1 26  ? -8.71499  12.51669  0.40729   1.000 15.70035 ? 26  GLN A CD  1 
ATOM   215  O OE1 . GLN A 1 26  ? -8.82530  13.50022  1.16430   1.000 19.80744 ? 26  GLN A OE1 1 
ATOM   216  N NE2 . GLN A 1 26  ? -8.67169  12.63717  -0.89192  1.000 11.03625 ? 26  GLN A NE2 1 
ATOM   217  N N   . MET A 1 27  ? -5.62762  9.78420   3.22849   1.000 14.44498 ? 27  MET A N   1 
ATOM   218  C CA  . MET A 1 27  ? -5.49769  9.56551   4.67147   1.000 13.47249 ? 27  MET A CA  1 
ATOM   219  C C   . MET A 1 27  ? -4.56930  10.59716  5.30068   1.000 13.66061 ? 27  MET A C   1 
ATOM   220  O O   . MET A 1 27  ? -4.82926  11.08526  6.41416   1.000 14.72909 ? 27  MET A O   1 
ATOM   221  C CB  . MET A 1 27  ? -4.99345  8.15021   4.95754   1.000 12.26680 ? 27  MET A CB  1 
ATOM   222  C CG  . MET A 1 27  ? -6.01180  7.05627   4.72244   1.000 14.56373 ? 27  MET A CG  1 
ATOM   223  S SD  . MET A 1 27  ? -5.20925  5.44315   4.70191   1.000 16.02037 ? 27  MET A SD  1 
ATOM   224  C CE  . MET A 1 27  ? -6.64299  4.38343   4.86968   1.000 16.82342 ? 27  MET A CE  1 
ATOM   225  N N   . SER A 1 28  ? -3.47556  10.94058  4.61254   1.000 12.79425 ? 28  SER A N   1 
ATOM   226  C CA  . SER A 1 28  ? -2.58274  11.96405  5.15471   1.000 14.15968 ? 28  SER A CA  1 
ATOM   227  C C   . SER A 1 28  ? -3.31801  13.29296  5.30209   1.000 15.27742 ? 28  SER A C   1 
ATOM   228  O O   . SER A 1 28  ? -3.06271  14.05017  6.24424   1.000 16.58645 ? 28  SER A O   1 
ATOM   229  C CB  . SER A 1 28  ? -1.33705  12.12827  4.28102   1.000 14.96400 ? 28  SER A CB  1 
ATOM   230  O OG  . SER A 1 28  ? -1.55521  13.07334  3.24111   1.000 21.82898 ? 28  SER A OG  1 
ATOM   231  N N   . ALA A 1 29  ? -4.23787  13.59283  4.37662   1.000 14.59856 ? 29  ALA A N   1 
ATOM   232  C CA  . ALA A 1 29  ? -5.02206  14.82487  4.50850   1.000 15.79251 ? 29  ALA A CA  1 
ATOM   233  C C   . ALA A 1 29  ? -5.90440  14.79486  5.75066   1.000 17.33106 ? 29  ALA A C   1 
ATOM   234  O O   . ALA A 1 29  ? -6.06116  15.82116  6.44012   1.000 18.71426 ? 29  ALA A O   1 
ATOM   235  C CB  . ALA A 1 29  ? -5.88879  15.05976  3.26949   1.000 16.20185 ? 29  ALA A CB  1 
ATOM   236  N N   . TRP A 1 30  ? -6.52818  13.64063  6.03124   1.000 15.65908 ? 30  TRP A N   1 
ATOM   237  C CA  . TRP A 1 30  ? -7.27678  13.51767  7.28893   1.000 16.40917 ? 30  TRP A CA  1 
ATOM   238  C C   . TRP A 1 30  ? -6.38300  13.82157  8.48140   1.000 16.78007 ? 30  TRP A C   1 
ATOM   239  O O   . TRP A 1 30  ? -6.77935  14.55022  9.39876   1.000 17.20288 ? 30  TRP A O   1 
ATOM   240  C CB  . TRP A 1 30  ? -7.87377  12.11886  7.45218   1.000 17.16943 ? 30  TRP A CB  1 
ATOM   241  C CG  . TRP A 1 30  ? -8.82505  11.98216  8.63921   1.000 18.49858 ? 30  TRP A CG  1 
ATOM   242  C CD1 . TRP A 1 30  ? -10.18794 12.06493  8.60316   1.000 20.05901 ? 30  TRP A CD1 1 
ATOM   243  C CD2 . TRP A 1 30  ? -8.47514  11.72341  10.01595  1.000 16.42840 ? 30  TRP A CD2 1 
ATOM   244  N NE1 . TRP A 1 30  ? -10.71079 11.87520  9.86243   1.000 18.35225 ? 30  TRP A NE1 1 
ATOM   245  C CE2 . TRP A 1 30  ? -9.68341  11.66812  10.74808  1.000 21.10302 ? 30  TRP A CE2 1 
ATOM   246  C CE3 . TRP A 1 30  ? -7.26327  11.53272  10.69445  1.000 17.37149 ? 30  TRP A CE3 1 
ATOM   247  C CZ2 . TRP A 1 30  ? -9.71310  11.43921  12.13133  1.000 20.92578 ? 30  TRP A CZ2 1 
ATOM   248  C CZ3 . TRP A 1 30  ? -7.29524  11.30333  12.07686  1.000 20.42623 ? 30  TRP A CZ3 1 
ATOM   249  C CH2 . TRP A 1 30  ? -8.51304  11.26602  12.77332  1.000 21.21262 ? 30  TRP A CH2 1 
ATOM   250  N N   . CYS A 1 31  ? -5.16912  13.26555  8.48206   1.000 15.68322 ? 31  CYS A N   1 
ATOM   251  C CA  . CYS A 1 31  ? -4.24512  13.50354  9.58977   1.000 16.32727 ? 31  CYS A CA  1 
ATOM   252  C C   . CYS A 1 31  ? -3.89676  14.98782  9.73335   1.000 19.20067 ? 31  CYS A C   1 
ATOM   253  O O   . CYS A 1 31  ? -3.93743  15.53790  10.83924  1.000 19.16188 ? 31  CYS A O   1 
ATOM   254  C CB  . CYS A 1 31  ? -2.98118  12.67345  9.40589   1.000 15.98765 ? 31  CYS A CB  1 
ATOM   255  S SG  . CYS A 1 31  ? -3.30130  10.91340  9.60669   1.000 17.23734 ? 31  CYS A SG  1 
ATOM   256  N N   . SER A 1 32  ? -3.53177  15.64327  8.63037   1.000 16.38212 ? 32  SER A N   1 
ATOM   257  C CA  . SER A 1 32  ? -3.25452  17.08425  8.67987   1.000 19.02727 ? 32  SER A CA  1 
ATOM   258  C C   . SER A 1 32  ? -4.44209  17.85670  9.24728   1.000 19.40999 ? 32  SER A C   1 
ATOM   259  O O   . SER A 1 32  ? -4.28020  18.74263  10.09458  1.000 21.01569 ? 32  SER A O   1 
ATOM   260  C CB  . SER A 1 32  ? -2.92623  17.61512  7.28066   1.000 20.16401 ? 32  SER A CB  1 
ATOM   261  O OG  . SER A 1 32  ? -1.70524  17.09615  6.79143   1.000 21.37453 ? 32  SER A OG  1 
ATOM   262  N N   . TYR A 1 33  ? -5.64692  17.54060  8.77517   1.000 17.87209 ? 33  TYR A N   1 
ATOM   263  C CA  . TYR A 1 33  ? -6.84183  18.26657  9.18275   1.000 18.96854 ? 33  TYR A CA  1 
ATOM   264  C C   . TYR A 1 33  ? -7.09166  18.15027  10.67770  1.000 23.77923 ? 33  TYR A C   1 
ATOM   265  O O   . TYR A 1 33  ? -7.59124  19.09596  11.30033  1.000 23.88438 ? 33  TYR A O   1 
ATOM   266  C CB  . TYR A 1 33  ? -8.03873  17.73532  8.40405   1.000 19.50493 ? 33  TYR A CB  1 
ATOM   267  C CG  . TYR A 1 33  ? -9.29086  18.56873  8.51387   1.000 22.00782 ? 33  TYR A CG  1 
ATOM   268  C CD1 . TYR A 1 33  ? -9.42324  19.74669  7.79533   1.000 26.10725 ? 33  TYR A CD1 1 
ATOM   269  C CD2 . TYR A 1 33  ? -10.34397 18.16997  9.32138   1.000 27.34837 ? 33  TYR A CD2 1 
ATOM   270  C CE1 . TYR A 1 33  ? -10.57442 20.50702  7.87815   1.000 25.49650 ? 33  TYR A CE1 1 
ATOM   271  C CE2 . TYR A 1 33  ? -11.50063 18.93042  9.42032   1.000 32.26580 ? 33  TYR A CE2 1 
ATOM   272  C CZ  . TYR A 1 33  ? -11.60549 20.09943  8.69546   1.000 30.57564 ? 33  TYR A CZ  1 
ATOM   273  O OH  . TYR A 1 33  ? -12.74631 20.85841  8.77499   1.000 38.53981 ? 33  TYR A OH  1 
ATOM   274  N N   . HIS A 1 34  ? -6.74929  17.00888  11.27294  1.000 21.76988 ? 34  HIS A N   1 
ATOM   275  C CA  . HIS A 1 34  ? -6.98460  16.76728  12.68811  1.000 19.88728 ? 34  HIS A CA  1 
ATOM   276  C C   . HIS A 1 34  ? -5.75680  17.03138  13.54074  1.000 20.75993 ? 34  HIS A C   1 
ATOM   277  O O   . HIS A 1 34  ? -5.73824  16.67446  14.72668  1.000 23.54427 ? 34  HIS A O   1 
ATOM   278  C CB  . HIS A 1 34  ? -7.50374  15.34570  12.87623  1.000 20.87242 ? 34  HIS A CB  1 
ATOM   279  C CG  . HIS A 1 34  ? -8.94316  15.21080  12.51374  1.000 22.00805 ? 34  HIS A CG  1 
ATOM   280  N ND1 . HIS A 1 34  ? -9.36772  14.85028  11.25389  1.000 22.38181 ? 34  HIS A ND1 1 
ATOM   281  C CD2 . HIS A 1 34  ? -10.06286 15.45804  13.23236  1.000 25.34554 ? 34  HIS A CD2 1 
ATOM   282  C CE1 . HIS A 1 34  ? -10.68880 14.84835  11.21949  1.000 21.69269 ? 34  HIS A CE1 1 
ATOM   283  N NE2 . HIS A 1 34  ? -11.13324 15.21469  12.40751  1.000 31.42775 ? 34  HIS A NE2 1 
ATOM   284  N N   . GLY A 1 35  ? -4.73662  17.65722  12.96892  1.000 20.09147 ? 35  GLY A N   1 
ATOM   285  C CA  . GLY A 1 35  ? -3.58566  18.10976  13.71865  1.000 24.79391 ? 35  GLY A CA  1 
ATOM   286  C C   . GLY A 1 35  ? -2.49737  17.08665  13.94494  1.000 27.47385 ? 35  GLY A C   1 
ATOM   287  O O   . GLY A 1 35  ? -1.59875  17.33340  14.76121  1.000 28.88872 ? 35  GLY A O   1 
ATOM   288  N N   . PHE A 1 36  ? -2.53068  15.95551  13.24347  1.000 18.58223 ? 36  PHE A N   1 
ATOM   289  C CA  . PHE A 1 36  ? -1.48710  14.94329  13.37444  1.000 19.72800 ? 36  PHE A CA  1 
ATOM   290  C C   . PHE A 1 36  ? -0.49367  15.08502  12.21988  1.000 19.71686 ? 36  PHE A C   1 
ATOM   291  O O   . PHE A 1 36  ? -0.48631  14.29999  11.26982  1.000 18.52126 ? 36  PHE A O   1 
ATOM   292  C CB  . PHE A 1 36  ? -2.10410  13.54841  13.41547  1.000 18.26309 ? 36  PHE A CB  1 
ATOM   293  C CG  . PHE A 1 36  ? -3.06916  13.34289  14.53117  1.000 19.41651 ? 36  PHE A CG  1 
ATOM   294  C CD1 . PHE A 1 36  ? -2.61324  13.20255  15.84243  1.000 20.89272 ? 36  PHE A CD1 1 
ATOM   295  C CD2 . PHE A 1 36  ? -4.43552  13.25737  14.27863  1.000 19.85239 ? 36  PHE A CD2 1 
ATOM   296  C CE1 . PHE A 1 36  ? -3.51690  13.00022  16.87333  1.000 19.22238 ? 36  PHE A CE1 1 
ATOM   297  C CE2 . PHE A 1 36  ? -5.34367  13.04512  15.30503  1.000 22.99453 ? 36  PHE A CE2 1 
ATOM   298  C CZ  . PHE A 1 36  ? -4.87989  12.91921  16.60644  1.000 20.93598 ? 36  PHE A CZ  1 
ATOM   299  N N   . GLU A 1 37  ? 0.38785   16.08512  12.33691  1.000 19.16367 ? 37  GLU A N   1 
ATOM   300  C CA  . GLU A 1 37  ? 1.35788   16.39133  11.27942  1.000 23.87775 ? 37  GLU A CA  1 
ATOM   301  C C   . GLU A 1 37  ? 2.37703   15.27905  11.05906  1.000 20.83124 ? 37  GLU A C   1 
ATOM   302  O O   . GLU A 1 37  ? 2.83546   15.06975  9.92634   1.000 18.97880 ? 37  GLU A O   1 
ATOM   303  C CB  . GLU A 1 37  ? 2.09386   17.69237  11.61223  1.000 27.72443 ? 37  GLU A CB  1 
ATOM   304  C CG  . GLU A 1 37  ? 1.33424   18.91733  11.18985  1.000 36.44042 ? 37  GLU A CG  1 
ATOM   305  C CD  . GLU A 1 37  ? 1.13407   18.95103  9.68066   1.000 40.85726 ? 37  GLU A CD  1 
ATOM   306  O OE1 . GLU A 1 37  ? 2.13677   18.74069  8.96469   1.000 41.87139 ? 37  GLU A OE1 1 
ATOM   307  O OE2 . GLU A 1 37  ? -0.01566  19.14659  9.21480   1.000 42.72902 ? 37  GLU A OE2 1 
ATOM   308  N N   . GLY A 1 38  ? 2.78407   14.57969  12.11846  1.000 16.89329 ? 38  GLY A N   1 
ATOM   309  C CA  . GLY A 1 38  ? 3.74376   13.50864  11.93717  1.000 17.56124 ? 38  GLY A CA  1 
ATOM   310  C C   . GLY A 1 38  ? 3.13328   12.31334  11.22368  1.000 16.27267 ? 38  GLY A C   1 
ATOM   311  O O   . GLY A 1 38  ? 3.76175   11.72303  10.33565  1.000 17.59003 ? 38  GLY A O   1 
ATOM   312  N N   . ALA A 1 39  ? 1.90721   11.93714  11.61460  1.000 15.44670 ? 39  ALA A N   1 
ATOM   313  C CA  . ALA A 1 39  ? 1.19446   10.88482  10.89755  1.000 15.64935 ? 39  ALA A CA  1 
ATOM   314  C C   . ALA A 1 39  ? 0.98201   11.27918  9.43884   1.000 17.26339 ? 39  ALA A C   1 
ATOM   315  O O   . ALA A 1 39  ? 1.13114   10.44804  8.53240   1.000 14.54692 ? 39  ALA A O   1 
ATOM   316  C CB  . ALA A 1 39  ? -0.14813  10.59693  11.57336  1.000 14.75672 ? 39  ALA A CB  1 
ATOM   317  N N   . ALA A 1 40  ? 0.63151   12.54913  9.19961   1.000 16.91001 ? 40  ALA A N   1 
ATOM   318  C CA  . ALA A 1 40  ? 0.46017   13.03172  7.83046   1.000 17.13231 ? 40  ALA A CA  1 
ATOM   319  C C   . ALA A 1 40  ? 1.74299   12.86732  7.02636   1.000 17.18834 ? 40  ALA A C   1 
ATOM   320  O O   . ALA A 1 40  ? 1.71515   12.39428  5.88538   1.000 15.51841 ? 40  ALA A O   1 
ATOM   321  C CB  . ALA A 1 40  ? 0.01223   14.49911  7.82311   1.000 15.83196 ? 40  ALA A CB  1 
ATOM   322  N N   . ALA A 1 41  ? 2.88143   13.26732  7.60176   1.000 17.25515 ? 41  ALA A N   1 
ATOM   323  C CA  . ALA A 1 41  ? 4.14566   13.13674  6.88300   1.000 16.41720 ? 41  ALA A CA  1 
ATOM   324  C C   . ALA A 1 41  ? 4.45196   11.67901  6.56324   1.000 16.41851 ? 41  ALA A C   1 
ATOM   325  O O   . ALA A 1 41  ? 4.89023   11.35677  5.44883   1.000 15.30110 ? 41  ALA A O   1 
ATOM   326  C CB  . ALA A 1 41  ? 5.27655   13.75887  7.69703   1.000 17.89874 ? 41  ALA A CB  1 
ATOM   327  N N   . PHE A 1 42  ? 4.23851   10.78627  7.53825   1.000 14.24305 ? 42  PHE A N   1 
ATOM   328  C CA  . PHE A 1 42  ? 4.47700   9.36173   7.32451   1.000 14.72549 ? 42  PHE A CA  1 
ATOM   329  C C   . PHE A 1 42  ? 3.61966   8.82044   6.18254   1.000 15.06608 ? 42  PHE A C   1 
ATOM   330  O O   . PHE A 1 42  ? 4.11028   8.08520   5.31778   1.000 14.68656 ? 42  PHE A O   1 
ATOM   331  C CB  . PHE A 1 42  ? 4.19198   8.58199   8.60567   1.000 14.71556 ? 42  PHE A CB  1 
ATOM   332  C CG  . PHE A 1 42  ? 4.25664   7.09917   8.40958   1.000 15.30389 ? 42  PHE A CG  1 
ATOM   333  C CD1 . PHE A 1 42  ? 5.46751   6.44257   8.40902   1.000 20.42344 ? 42  PHE A CD1 1 
ATOM   334  C CD2 . PHE A 1 42  ? 3.10260   6.37422   8.16294   1.000 15.92900 ? 42  PHE A CD2 1 
ATOM   335  C CE1 . PHE A 1 42  ? 5.52226   5.06171   8.18778   1.000 22.57533 ? 42  PHE A CE1 1 
ATOM   336  C CE2 . PHE A 1 42  ? 3.15947   5.00588   7.93380   1.000 19.10387 ? 42  PHE A CE2 1 
ATOM   337  C CZ  . PHE A 1 42  ? 4.36344   4.35325   7.94722   1.000 18.36618 ? 42  PHE A CZ  1 
ATOM   338  N N   . LEU A 1 43  ? 2.32471   9.15681   6.18100   1.000 14.42660 ? 43  LEU A N   1 
ATOM   339  C CA  . LEU A 1 43  ? 1.43505   8.65464   5.13144   1.000 13.48441 ? 43  LEU A CA  1 
ATOM   340  C C   . LEU A 1 43  ? 1.76435   9.26170   3.77179   1.000 14.49922 ? 43  LEU A C   1 
ATOM   341  O O   . LEU A 1 43  ? 1.63864   8.57490   2.75460   1.000 14.12004 ? 43  LEU A O   1 
ATOM   342  C CB  . LEU A 1 43  ? -0.02824  8.90701   5.51529   1.000 13.76968 ? 43  LEU A CB  1 
ATOM   343  C CG  . LEU A 1 43  ? -0.52516  7.96780   6.62513   1.000 14.63843 ? 43  LEU A CG  1 
ATOM   344  C CD1 . LEU A 1 43  ? -1.81800  8.46626   7.22215   1.000 15.67887 ? 43  LEU A CD1 1 
ATOM   345  C CD2 . LEU A 1 43  ? -0.71603  6.54525   6.10244   1.000 16.40884 ? 43  LEU A CD2 1 
ATOM   346  N N   . ARG A 1 44  ? 2.22690   10.51594  3.72256   1.000 15.87770 ? 44  ARG A N   1 
ATOM   347  C CA  . ARG A 1 44  ? 2.68995   11.06514  2.44376   1.000 16.05956 ? 44  ARG A CA  1 
ATOM   348  C C   . ARG A 1 44  ? 3.88679   10.27690  1.90667   1.000 17.01816 ? 44  ARG A C   1 
ATOM   349  O O   . ARG A 1 44  ? 3.94940   9.94349   0.70262   1.000 17.06367 ? 44  ARG A O   1 
ATOM   350  C CB  . ARG A 1 44  ? 3.03630   12.55575  2.59343   1.000 17.22855 ? 44  ARG A CB  1 
ATOM   351  C CG  . ARG A 1 44  ? 1.81378   13.48541  2.70618   1.000 22.56858 ? 44  ARG A CG  1 
ATOM   352  C CD  . ARG A 1 44  ? 2.16246   15.00097  2.50908   1.000 25.77361 ? 44  ARG A CD  1 
ATOM   353  N NE  . ARG A 1 44  ? 3.21937   15.47365  3.40413   1.000 26.14672 ? 44  ARG A NE  1 
ATOM   354  C CZ  . ARG A 1 44  ? 3.00782   15.97314  4.62114   1.000 25.01046 ? 44  ARG A CZ  1 
ATOM   355  N NH1 . ARG A 1 44  ? 1.76968   16.07903  5.10039   1.000 22.08028 ? 44  ARG A NH1 1 
ATOM   356  N NH2 . ARG A 1 44  ? 4.03858   16.36547  5.36417   1.000 28.48384 ? 44  ARG A NH2 1 
ATOM   357  N N   . ARG A 1 45  ? 4.83667   9.93728   2.79003   1.000 15.63609 ? 45  ARG A N   1 
ATOM   358  C CA  . ARG A 1 45  ? 5.97016   9.12466   2.35197   1.000 15.29148 ? 45  ARG A CA  1 
ATOM   359  C C   . ARG A 1 45  ? 5.50315   7.75320   1.86985   1.000 15.38429 ? 45  ARG A C   1 
ATOM   360  O O   . ARG A 1 45  ? 6.00852   7.22576   0.86642   1.000 16.17978 ? 45  ARG A O   1 
ATOM   361  C CB  . ARG A 1 45  ? 7.00269   8.97812   3.47916   1.000 16.29147 ? 45  ARG A CB  1 
ATOM   362  C CG  . ARG A 1 45  ? 7.62978   10.30841  3.89415   1.000 20.35683 ? 45  ARG A CG  1 
ATOM   363  C CD  . ARG A 1 45  ? 8.87135   10.12212  4.77920   1.000 22.64091 ? 45  ARG A CD  1 
ATOM   364  N NE  . ARG A 1 45  ? 8.59192   9.38541   6.01470   1.000 22.37570 ? 45  ARG A NE  1 
ATOM   365  C CZ  . ARG A 1 45  ? 8.19251   9.94681   7.15382   1.000 23.09870 ? 45  ARG A CZ  1 
ATOM   366  N NH1 . ARG A 1 45  ? 7.99637   11.25797  7.22822   1.000 20.74263 ? 45  ARG A NH1 1 
ATOM   367  N NH2 . ARG A 1 45  ? 7.98937   9.18887   8.22543   1.000 21.91841 ? 45  ARG A NH2 1 
ATOM   368  N N   . HIS A 1 46  ? 4.54909   7.14902   2.57892   1.000 14.31316 ? 46  HIS A N   1 
ATOM   369  C CA  . HIS A 1 46  ? 4.09574   5.83170   2.14154   1.000 15.29792 ? 46  HIS A CA  1 
ATOM   370  C C   . HIS A 1 46  ? 3.31592   5.90239   0.82434   1.000 16.05068 ? 46  HIS A C   1 
ATOM   371  O O   . HIS A 1 46  ? 3.37299   4.96089   0.02257   1.000 14.72309 ? 46  HIS A O   1 
ATOM   372  C CB  . HIS A 1 46  ? 3.25480   5.16766   3.22319   1.000 14.72142 ? 46  HIS A CB  1 
ATOM   373  C CG  . HIS A 1 46  ? 2.98533   3.72666   2.93232   1.000 15.68847 ? 46  HIS A CG  1 
ATOM   374  N ND1 . HIS A 1 46  ? 3.99848   2.82536   2.69768   1.000 18.23365 ? 46  HIS A ND1 1 
ATOM   375  C CD2 . HIS A 1 46  ? 1.82733   3.03792   2.79952   1.000 17.02047 ? 46  HIS A CD2 1 
ATOM   376  C CE1 . HIS A 1 46  ? 3.47596   1.63614   2.44150   1.000 17.24211 ? 46  HIS A CE1 1 
ATOM   377  N NE2 . HIS A 1 46  ? 2.16296   1.73625   2.49972   1.000 17.83450 ? 46  HIS A NE2 1 
ATOM   378  N N   . ALA A 1 47  ? 2.57781   6.99343   0.59323   1.000 14.13533 ? 47  ALA A N   1 
ATOM   379  C CA  . ALA A 1 47  ? 1.92104   7.19271   -0.69734  1.000 14.10123 ? 47  ALA A CA  1 
ATOM   380  C C   . ALA A 1 47  ? 2.94639   7.19839   -1.82855  1.000 14.98982 ? 47  ALA A C   1 
ATOM   381  O O   . ALA A 1 47  ? 2.74945   6.54463   -2.86675  1.000 14.35443 ? 47  ALA A O   1 
ATOM   382  C CB  . ALA A 1 47  ? 1.11470   8.50163   -0.68192  1.000 14.24402 ? 47  ALA A CB  1 
ATOM   383  N N   . GLN A 1 48  ? 4.07448   7.89658   -1.62389  1.000 13.12441 ? 48  GLN A N   1 
ATOM   384  C CA  . GLN A 1 48  ? 5.13577   7.87618   -2.63575  1.000 14.41934 ? 48  GLN A CA  1 
ATOM   385  C C   . GLN A 1 48  ? 5.70551   6.46610   -2.84963  1.000 15.96977 ? 48  GLN A C   1 
ATOM   386  O O   . GLN A 1 48  ? 5.89818   6.02259   -3.99878  1.000 17.88093 ? 48  GLN A O   1 
ATOM   387  C CB  . GLN A 1 48  ? 6.22472   8.87710   -2.24616  1.000 18.91110 ? 48  GLN A CB  1 
ATOM   388  C CG  . GLN A 1 48  ? 5.79975   10.29407  -2.59630  1.000 26.67433 ? 48  GLN A CG  1 
ATOM   389  C CD  . GLN A 1 48  ? 6.39615   11.36779  -1.69867  1.000 37.27718 ? 48  GLN A CD  1 
ATOM   390  O OE1 . GLN A 1 48  ? 5.96753   12.53255  -1.74193  1.000 45.94679 ? 48  GLN A OE1 1 
ATOM   391  N NE2 . GLN A 1 48  ? 7.38466   10.99459  -0.88752  1.000 36.97005 ? 48  GLN A NE2 1 
ATOM   392  N N   . GLU A 1 49  ? 5.98330   5.74602   -1.75372  1.000 16.84229 ? 49  GLU A N   1 
ATOM   393  C CA  . GLU A 1 49  ? 6.43600   4.35550   -1.86033  1.000 15.64947 ? 49  GLU A CA  1 
ATOM   394  C C   . GLU A 1 49  ? 5.48431   3.50384   -2.71862  1.000 15.92840 ? 49  GLU A C   1 
ATOM   395  O O   . GLU A 1 49  ? 5.90270   2.79286   -3.66174  1.000 15.34883 ? 49  GLU A O   1 
ATOM   396  C CB  . GLU A 1 49  ? 6.56265   3.77132   -0.44897  1.000 17.72379 ? 49  GLU A CB  1 
ATOM   397  C CG  . GLU A 1 49  ? 6.77700   2.24926   -0.39117  1.000 21.49732 ? 49  GLU A CG  1 
ATOM   398  C CD  . GLU A 1 49  ? 8.15891   1.82314   -0.88059  1.000 27.44803 ? 49  GLU A CD  1 
ATOM   399  O OE1 . GLU A 1 49  ? 9.12800   2.57347   -0.63696  1.000 29.29188 ? 49  GLU A OE1 1 
ATOM   400  O OE2 . GLU A 1 49  ? 8.28463   0.73899   -1.50612  1.000 23.75743 ? 49  GLU A OE2 1 
ATOM   401  N N   . GLU A 1 50  ? 4.17742   3.55862   -2.40260  1.000 14.15016 ? 50  GLU A N   1 
ATOM   402  C CA  . GLU A 1 50  ? 3.25713   2.66765   -3.10309  1.000 15.00870 ? 50  GLU A CA  1 
ATOM   403  C C   . GLU A 1 50  ? 3.15009   3.03815   -4.58245  1.000 14.96159 ? 50  GLU A C   1 
ATOM   404  O O   . GLU A 1 50  ? 2.96085   2.14867   -5.43788  1.000 12.90854 ? 50  GLU A O   1 
ATOM   405  C CB  . GLU A 1 50  ? 1.87036   2.66728   -2.44349  1.000 13.65732 ? 50  GLU A CB  1 
ATOM   406  C CG  . GLU A 1 50  ? 1.13682   1.32692   -2.65283  1.000 13.46666 ? 50  GLU A CG  1 
ATOM   407  C CD  . GLU A 1 50  ? 1.74592   0.20453   -1.81475  1.000 16.17809 ? 50  GLU A CD  1 
ATOM   408  O OE1 . GLU A 1 50  ? 2.37256   0.51489   -0.78077  1.000 17.74167 ? 50  GLU A OE1 1 
ATOM   409  O OE2 . GLU A 1 50  ? 1.59821   -0.99344  -2.16328  1.000 17.15219 ? 50  GLU A OE2 1 
ATOM   410  N N   . MET A 1 51  ? 3.28101   4.33695   -4.90479  1.000 13.24442 ? 51  MET A N   1 
ATOM   411  C CA  . MET A 1 51  ? 3.30690   4.71853   -6.31446  1.000 14.70504 ? 51  MET A CA  1 
ATOM   412  C C   . MET A 1 51  ? 4.46864   4.05301   -7.03869  1.000 15.53245 ? 51  MET A C   1 
ATOM   413  O O   . MET A 1 51  ? 4.32768   3.65265   -8.20149  1.000 15.18450 ? 51  MET A O   1 
ATOM   414  C CB  . MET A 1 51  ? 3.36984   6.24298   -6.48155  1.000 14.85765 ? 51  MET A CB  1 
ATOM   415  C CG  . MET A 1 51  ? 3.09017   6.69719   -7.93607  1.000 18.87586 ? 51  MET A CG  1 
ATOM   416  S SD  . MET A 1 51  ? 1.41569   6.28040   -8.52478  1.000 20.16030 ? 51  MET A SD  1 
ATOM   417  C CE  . MET A 1 51  ? 0.47447   7.60612   -7.79396  1.000 22.19947 ? 51  MET A CE  1 
ATOM   418  N N   . THR A 1 52  ? 5.62034   3.89845   -6.36707  1.000 15.11345 ? 52  THR A N   1 
ATOM   419  C CA  . THR A 1 52  ? 6.70555   3.18088   -7.04930  1.000 15.83397 ? 52  THR A CA  1 
ATOM   420  C C   . THR A 1 52  ? 6.32850   1.72231   -7.32397  1.000 15.91691 ? 52  THR A C   1 
ATOM   421  O O   . THR A 1 52  ? 6.81205   1.13241   -8.30808  1.000 17.21292 ? 52  THR A O   1 
ATOM   422  C CB  . THR A 1 52  ? 8.03144   3.24187   -6.26805  1.000 15.91538 ? 52  THR A CB  1 
ATOM   423  O OG1 . THR A 1 52  ? 8.00493   2.37194   -5.12413  1.000 17.12060 ? 52  THR A OG1 1 
ATOM   424  C CG2 . THR A 1 52  ? 8.35196   4.68447   -5.85248  1.000 18.34913 ? 52  THR A CG2 1 
ATOM   425  N N   . HIS A 1 53  ? 5.47733   1.12369   -6.47366  1.000 13.89393 ? 53  HIS A N   1 
ATOM   426  C CA  . HIS A 1 53  ? 5.01123   -0.24943  -6.77417  1.000 15.10089 ? 53  HIS A CA  1 
ATOM   427  C C   . HIS A 1 53  ? 4.15771   -0.27395  -8.04518  1.000 13.68208 ? 53  HIS A C   1 
ATOM   428  O O   . HIS A 1 53  ? 4.23519   -1.21303  -8.87054  1.000 13.04776 ? 53  HIS A O   1 
ATOM   429  C CB  . HIS A 1 53  ? 4.19642   -0.84131  -5.61274  1.000 13.91935 ? 53  HIS A CB  1 
ATOM   430  C CG  . HIS A 1 53  ? 4.95381   -0.92336  -4.32129  1.000 15.76726 ? 53  HIS A CG  1 
ATOM   431  N ND1 . HIS A 1 53  ? 4.55292   -1.72868  -3.27670  1.000 17.82684 ? 53  HIS A ND1 1 
ATOM   432  C CD2 . HIS A 1 53  ? 6.07140   -0.27950  -3.89553  1.000 17.18556 ? 53  HIS A CD2 1 
ATOM   433  C CE1 . HIS A 1 53  ? 5.39513   -1.57827  -2.26414  1.000 16.78533 ? 53  HIS A CE1 1 
ATOM   434  N NE2 . HIS A 1 53  ? 6.32409   -0.70718  -2.61553  1.000 16.50326 ? 53  HIS A NE2 1 
ATOM   435  N N   . MET A 1 54  ? 3.30389   0.74445   -8.19012  1.000 12.34772 ? 54  MET A N   1 
ATOM   436  C CA  . MET A 1 54  ? 2.56925   0.91536   -9.44707  1.000 14.19550 ? 54  MET A CA  1 
ATOM   437  C C   . MET A 1 54  ? 3.53082   0.98659   -10.63840 1.000 14.48361 ? 54  MET A C   1 
ATOM   438  O O   . MET A 1 54  ? 3.34078   0.29790   -11.65161 1.000 13.68739 ? 54  MET A O   1 
ATOM   439  C CB  . MET A 1 54  ? 1.69543   2.17311   -9.37891  1.000 12.68427 ? 54  MET A CB  1 
ATOM   440  C CG  . MET A 1 54  ? 0.85329   2.44174   -10.64133 1.000 15.87926 ? 54  MET A CG  1 
ATOM   441  S SD  . MET A 1 54  ? 1.78125   3.20831   -12.01272 1.000 24.39624 ? 54  MET A SD  1 
ATOM   442  C CE  . MET A 1 54  ? 2.35835   4.70307   -11.29519 1.000 27.38295 ? 54  MET A CE  1 
ATOM   443  N N   . GLN A 1 55  ? 4.56686   1.82742   -10.52969 1.000 14.64126 ? 55  GLN A N   1 
ATOM   444  C CA  . GLN A 1 55  ? 5.48175   2.04451   -11.65153 1.000 16.69592 ? 55  GLN A CA  1 
ATOM   445  C C   . GLN A 1 55  ? 6.22229   0.77229   -12.03194 1.000 14.49178 ? 55  GLN A C   1 
ATOM   446  O O   . GLN A 1 55  ? 6.45853   0.52214   -13.21735 1.000 14.92116 ? 55  GLN A O   1 
ATOM   447  C CB  . GLN A 1 55  ? 6.50024   3.12101   -11.31695 1.000 17.33008 ? 55  GLN A CB  1 
ATOM   448  C CG  . GLN A 1 55  ? 5.91975   4.32230   -10.65644 1.000 28.44118 ? 55  GLN A CG  1 
ATOM   449  C CD  . GLN A 1 55  ? 5.73806   5.48801   -11.59273 1.000 35.91520 ? 55  GLN A CD  1 
ATOM   450  O OE1 . GLN A 1 55  ? 5.84465   5.34605   -12.83299 1.000 32.53672 ? 55  GLN A OE1 1 
ATOM   451  N NE2 . GLN A 1 55  ? 5.47011   6.66522   -11.01054 1.000 28.68720 ? 55  GLN A NE2 1 
ATOM   452  N N   . ARG A 1 56  ? 6.62725   -0.01959  -11.03391 1.000 13.80637 ? 56  ARG A N   1 
ATOM   453  C CA  . ARG A 1 56  ? 7.31740   -1.27815  -11.31506 1.000 15.42448 ? 56  ARG A CA  1 
ATOM   454  C C   . ARG A 1 56  ? 6.43712   -2.22944  -12.12739 1.000 13.23875 ? 56  ARG A C   1 
ATOM   455  O O   . ARG A 1 56  ? 6.92244   -2.90218  -13.05299 1.000 13.83526 ? 56  ARG A O   1 
ATOM   456  C CB  . ARG A 1 56  ? 7.76242   -1.91163  -9.99803  1.000 13.96415 ? 56  ARG A CB  1 
ATOM   457  C CG  . ARG A 1 56  ? 8.55931   -3.19696  -10.14458 1.000 15.74466 ? 56  ARG A CG  1 
ATOM   458  C CD  . ARG A 1 56  ? 8.98576   -3.72762  -8.74384  1.000 19.20317 ? 56  ARG A CD  1 
ATOM   459  N NE  . ARG A 1 56  ? 10.03309  -2.89758  -8.14689  1.000 24.31320 ? 56  ARG A NE  1 
ATOM   460  C CZ  . ARG A 1 56  ? 11.32448  -3.23965  -8.12248  1.000 24.11925 ? 56  ARG A CZ  1 
ATOM   461  N NH1 . ARG A 1 56  ? 11.72200  -4.38945  -8.66907  1.000 25.39241 ? 56  ARG A NH1 1 
ATOM   462  N NH2 . ARG A 1 56  ? 12.21229  -2.44791  -7.54615  1.000 27.72027 ? 56  ARG A NH2 1 
ATOM   463  N N   . LEU A 1 57  ? 5.13189   -2.28964  -11.80946 1.000 11.38034 ? 57  LEU A N   1 
ATOM   464  C CA  . LEU A 1 57  ? 4.22761   -3.12662  -12.61148 1.000 12.50892 ? 57  LEU A CA  1 
ATOM   465  C C   . LEU A 1 57  ? 4.02636   -2.56323  -14.01685 1.000 12.56991 ? 57  LEU A C   1 
ATOM   466  O O   . LEU A 1 57  ? 4.02824   -3.31065  -15.00833 1.000 13.01325 ? 57  LEU A O   1 
ATOM   467  C CB  . LEU A 1 57  ? 2.88087   -3.26609  -11.91595 1.000 13.13427 ? 57  LEU A CB  1 
ATOM   468  C CG  . LEU A 1 57  ? 2.85749   -4.33821  -10.82997 1.000 13.91435 ? 57  LEU A CG  1 
ATOM   469  C CD1 . LEU A 1 57  ? 1.85319   -3.94006  -9.73069  1.000 14.07421 ? 57  LEU A CD1 1 
ATOM   470  C CD2 . LEU A 1 57  ? 2.47174   -5.65733  -11.48068 1.000 14.92420 ? 57  LEU A CD2 1 
ATOM   471  N N   . PHE A 1 58  ? 3.84029   -1.24869  -14.10970 1.000 12.87877 ? 58  PHE A N   1 
ATOM   472  C CA  . PHE A 1 58  ? 3.69738   -0.57100  -15.39548 1.000 14.36532 ? 58  PHE A CA  1 
ATOM   473  C C   . PHE A 1 58  ? 4.87403   -0.90331  -16.31433 1.000 13.88089 ? 58  PHE A C   1 
ATOM   474  O O   . PHE A 1 58  ? 4.69631   -1.30021  -17.47515 1.000 16.01166 ? 58  PHE A O   1 
ATOM   475  C CB  . PHE A 1 58  ? 3.59169   0.92656   -15.09770 1.000 14.24940 ? 58  PHE A CB  1 
ATOM   476  C CG  . PHE A 1 58  ? 3.18224   1.79004   -16.26212 1.000 15.98019 ? 58  PHE A CG  1 
ATOM   477  C CD1 . PHE A 1 58  ? 4.12939   2.22931   -17.18496 1.000 17.82413 ? 58  PHE A CD1 1 
ATOM   478  C CD2 . PHE A 1 58  ? 1.86957   2.23939   -16.37389 1.000 18.44799 ? 58  PHE A CD2 1 
ATOM   479  C CE1 . PHE A 1 58  ? 3.74513   3.06334   -18.23830 1.000 18.28536 ? 58  PHE A CE1 1 
ATOM   480  C CE2 . PHE A 1 58  ? 1.49328   3.07438   -17.42358 1.000 18.67490 ? 58  PHE A CE2 1 
ATOM   481  C CZ  . PHE A 1 58  ? 2.43327   3.48499   -18.33630 1.000 16.99635 ? 58  PHE A CZ  1 
ATOM   482  N N   . ASP A 1 59  ? 6.08647   -0.82065  -15.77062 1.000 14.61503 ? 59  ASP A N   1 
ATOM   483  C CA  . ASP A 1 59  ? 7.29465   -1.05777  -16.55836 1.000 15.64691 ? 59  ASP A CA  1 
ATOM   484  C C   . ASP A 1 59  ? 7.45117   -2.52931  -16.92744 1.000 16.47850 ? 59  ASP A C   1 
ATOM   485  O O   . ASP A 1 59  ? 7.89960   -2.84667  -18.03418 1.000 17.41276 ? 59  ASP A O   1 
ATOM   486  C CB  . ASP A 1 59  ? 8.51611   -0.56139  -15.78373 1.000 18.67395 ? 59  ASP A CB  1 
ATOM   487  C CG  . ASP A 1 59  ? 8.52650   0.95751   -15.61712 1.000 21.02886 ? 59  ASP A CG  1 
ATOM   488  O OD1 . ASP A 1 59  ? 7.73682   1.66010   -16.29171 1.000 22.84307 ? 59  ASP A OD1 1 
ATOM   489  O OD2 . ASP A 1 59  ? 9.32242   1.45068   -14.78992 1.000 20.90265 ? 59  ASP A OD2 1 
ATOM   490  N N   . TYR A 1 60  ? 7.08873   -3.44663  -16.02411 1.000 14.17240 ? 60  TYR A N   1 
ATOM   491  C CA  . TYR A 1 60  ? 7.09984   -4.85542  -16.39800 1.000 14.88805 ? 60  TYR A CA  1 
ATOM   492  C C   . TYR A 1 60  ? 6.17681   -5.11529  -17.58063 1.000 18.05506 ? 60  TYR A C   1 
ATOM   493  O O   . TYR A 1 60  ? 6.54292   -5.81555  -18.53612 1.000 16.40508 ? 60  TYR A O   1 
ATOM   494  C CB  . TYR A 1 60  ? 6.68011   -5.72870  -15.21120 1.000 12.43994 ? 60  TYR A CB  1 
ATOM   495  C CG  . TYR A 1 60  ? 6.69292   -7.20515  -15.53822 1.000 13.92269 ? 60  TYR A CG  1 
ATOM   496  C CD1 . TYR A 1 60  ? 7.89765   -7.86389  -15.82299 1.000 16.21317 ? 60  TYR A CD1 1 
ATOM   497  C CD2 . TYR A 1 60  ? 5.52106   -7.94797  -15.56983 1.000 13.55590 ? 60  TYR A CD2 1 
ATOM   498  C CE1 . TYR A 1 60  ? 7.92284   -9.22526  -16.12164 1.000 15.05961 ? 60  TYR A CE1 1 
ATOM   499  C CE2 . TYR A 1 60  ? 5.53701   -9.32862  -15.86833 1.000 14.17880 ? 60  TYR A CE2 1 
ATOM   500  C CZ  . TYR A 1 60  ? 6.74043   -9.95186  -16.13866 1.000 14.38526 ? 60  TYR A CZ  1 
ATOM   501  O OH  . TYR A 1 60  ? 6.75531   -11.30472 -16.42512 1.000 14.39977 ? 60  TYR A OH  1 
ATOM   502  N N   . LEU A 1 61  ? 4.96195   -4.56944  -17.52766 1.000 14.72813 ? 61  LEU A N   1 
ATOM   503  C CA  . LEU A 1 61  ? 4.04179   -4.76269  -18.64243 1.000 17.19870 ? 61  LEU A CA  1 
ATOM   504  C C   . LEU A 1 61  ? 4.62281   -4.21805  -19.94173 1.000 18.36547 ? 61  LEU A C   1 
ATOM   505  O O   . LEU A 1 61  ? 4.57496   -4.90600  -20.97211 1.000 20.42442 ? 61  LEU A O   1 
ATOM   506  C CB  . LEU A 1 61  ? 2.67800   -4.12824  -18.32839 1.000 15.09274 ? 61  LEU A CB  1 
ATOM   507  C CG  . LEU A 1 61  ? 1.83675   -4.99271  -17.38398 1.000 14.67222 ? 61  LEU A CG  1 
ATOM   508  C CD1 . LEU A 1 61  ? 0.67792   -4.20119  -16.73354 1.000 14.70910 ? 61  LEU A CD1 1 
ATOM   509  C CD2 . LEU A 1 61  ? 1.29932   -6.23081  -18.12659 1.000 15.50150 ? 61  LEU A CD2 1 
ATOM   510  N N   . THR A 1 62  ? 5.21032   -3.00419  -19.91347 1.000 16.60856 ? 62  THR A N   1 
ATOM   511  C CA  . THR A 1 62  ? 5.77281   -2.45128  -21.15386 1.000 18.00177 ? 62  THR A CA  1 
ATOM   512  C C   . THR A 1 62  ? 6.98282   -3.25513  -21.63213 1.000 24.07243 ? 62  THR A C   1 
ATOM   513  O O   . THR A 1 62  ? 7.16366   -3.43282  -22.84054 1.000 23.44085 ? 62  THR A O   1 
ATOM   514  C CB  . THR A 1 62  ? 6.15917   -0.96739  -21.01256 1.000 19.47752 ? 62  THR A CB  1 
ATOM   515  O OG1 . THR A 1 62  ? 7.17046   -0.80608  -20.02077 1.000 24.99939 ? 62  THR A OG1 1 
ATOM   516  C CG2 . THR A 1 62  ? 4.98877   -0.14255  -20.60666 1.000 14.91400 ? 62  THR A CG2 1 
ATOM   517  N N   . ASP A 1 63  ? 7.81782   -3.74734  -20.70269 1.000 20.67423 ? 63  ASP A N   1 
ATOM   518  C CA  . ASP A 1 63  ? 8.95396   -4.59459  -21.07447 1.000 23.23051 ? 63  ASP A CA  1 
ATOM   519  C C   . ASP A 1 63  ? 8.50041   -5.78961  -21.89135 1.000 25.47590 ? 63  ASP A C   1 
ATOM   520  O O   . ASP A 1 63  ? 9.16577   -6.17345  -22.85668 1.000 31.46646 ? 63  ASP A O   1 
ATOM   521  C CB  . ASP A 1 63  ? 9.69174   -5.12966  -19.84041 1.000 20.41900 ? 63  ASP A CB  1 
ATOM   522  C CG  . ASP A 1 63  ? 10.53976  -4.10361  -19.13605 1.000 22.70985 ? 63  ASP A CG  1 
ATOM   523  O OD1 . ASP A 1 63  ? 10.69049  -2.96710  -19.59928 1.000 25.53998 ? 63  ASP A OD1 1 
ATOM   524  O OD2 . ASP A 1 63  ? 11.07618  -4.46441  -18.06951 1.000 30.68568 ? 63  ASP A OD2 1 
ATOM   525  N N   . THR A 1 64  ? 7.40924   -6.43678  -21.47459 1.000 24.18216 ? 64  THR A N   1 
ATOM   526  C CA  . THR A 1 64  ? 6.91230   -7.63760  -22.12876 1.000 27.95213 ? 64  THR A CA  1 
ATOM   527  C C   . THR A 1 64  ? 6.14847   -7.33265  -23.41323 1.000 29.45164 ? 64  THR A C   1 
ATOM   528  O O   . THR A 1 64  ? 5.54936   -8.24835  -23.98986 1.000 29.41167 ? 64  THR A O   1 
ATOM   529  C CB  . THR A 1 64  ? 6.03242   -8.44778  -21.16113 1.000 28.08356 ? 64  THR A CB  1 
ATOM   530  O OG1 . THR A 1 64  ? 4.79043   -7.77316  -20.90781 1.000 28.44171 ? 64  THR A OG1 1 
ATOM   531  C CG2 . THR A 1 64  ? 6.77042   -8.70144  -19.81155 1.000 24.81915 ? 64  THR A CG2 1 
ATOM   532  N N   . GLY A 1 65  ? 6.17174   -6.07853  -23.87200 1.000 28.80796 ? 65  GLY A N   1 
ATOM   533  C CA  . GLY A 1 65  ? 5.45272   -5.69576  -25.07260 1.000 27.43578 ? 65  GLY A CA  1 
ATOM   534  C C   . GLY A 1 65  ? 3.95993   -5.59446  -24.89432 1.000 30.07901 ? 65  GLY A C   1 
ATOM   535  O O   . GLY A 1 65  ? 3.21227   -5.64623  -25.87606 1.000 29.67841 ? 65  GLY A O   1 
ATOM   536  N N   . ASN A 1 66  ? 3.48910   -5.49687  -23.66184 1.000 23.95386 ? 66  ASN A N   1 
ATOM   537  C CA  . ASN A 1 66  ? 2.07333   -5.31881  -23.40449 1.000 22.28241 ? 66  ASN A CA  1 
ATOM   538  C C   . ASN A 1 66  ? 1.84217   -3.86261  -23.03265 1.000 23.73477 ? 66  ASN A C   1 
ATOM   539  O O   . ASN A 1 66  ? 2.73801   -3.18467  -22.51959 1.000 29.34546 ? 66  ASN A O   1 
ATOM   540  C CB  . ASN A 1 66  ? 1.58549   -6.25498  -22.29929 1.000 23.87349 ? 66  ASN A CB  1 
ATOM   541  C CG  . ASN A 1 66  ? 1.49924   -7.68669  -22.76987 1.000 30.14328 ? 66  ASN A CG  1 
ATOM   542  O OD1 . ASN A 1 66  ? 0.47285   -8.10619  -23.31477 1.000 30.65119 ? 66  ASN A OD1 1 
ATOM   543  N ND2 . ASN A 1 66  ? 2.58442   -8.43969  -22.59562 1.000 29.16010 ? 66  ASN A ND2 1 
ATOM   544  N N   . LEU A 1 67  ? 0.67222   -3.36132  -23.38370 1.000 19.61842 ? 67  LEU A N   1 
ATOM   545  C CA  . LEU A 1 67  ? 0.35070   -1.96781  -23.12924 1.000 17.64850 ? 67  LEU A CA  1 
ATOM   546  C C   . LEU A 1 67  ? -0.37317  -1.88657  -21.78884 1.000 16.36099 ? 67  LEU A C   1 
ATOM   547  O O   . LEU A 1 67  ? -1.54176  -2.29866  -21.70857 1.000 19.28727 ? 67  LEU A O   1 
ATOM   548  C CB  . LEU A 1 67  ? -0.51952  -1.41757  -24.26740 1.000 19.39071 ? 67  LEU A CB  1 
ATOM   549  C CG  . LEU A 1 67  ? -0.86630  0.07464   -24.44127 1.000 23.74640 ? 67  LEU A CG  1 
ATOM   550  C CD1 . LEU A 1 67  ? -1.93767  0.52711   -23.47602 1.000 28.92661 ? 67  LEU A CD1 1 
ATOM   551  C CD2 . LEU A 1 67  ? 0.34282   1.00031   -24.38393 1.000 21.66653 ? 67  LEU A CD2 1 
ATOM   552  N N   . PRO A 1 68  ? 0.27201   -1.40783  -20.71752 1.000 14.65044 ? 68  PRO A N   1 
ATOM   553  C CA  . PRO A 1 68  ? -0.45025  -1.21163  -19.45701 1.000 13.95682 ? 68  PRO A CA  1 
ATOM   554  C C   . PRO A 1 68  ? -1.53701  -0.17032  -19.64564 1.000 15.33763 ? 68  PRO A C   1 
ATOM   555  O O   . PRO A 1 68  ? -1.38716  0.78360   -20.41123 1.000 15.37540 ? 68  PRO A O   1 
ATOM   556  C CB  . PRO A 1 68  ? 0.63186   -0.72042  -18.48808 1.000 14.19633 ? 68  PRO A CB  1 
ATOM   557  C CG  . PRO A 1 68  ? 1.65868   -0.08569  -19.36333 1.000 15.96871 ? 68  PRO A CG  1 
ATOM   558  C CD  . PRO A 1 68  ? 1.62773   -0.84150  -20.68013 1.000 14.73424 ? 68  PRO A CD  1 
ATOM   559  N N   . ARG A 1 69  ? -2.64700  -0.36003  -18.95073 1.000 13.98851 ? 69  ARG A N   1 
ATOM   560  C CA  . ARG A 1 69  ? -3.78969  0.53130   -19.11997 1.000 14.13727 ? 69  ARG A CA  1 
ATOM   561  C C   . ARG A 1 69  ? -4.22980  1.04424   -17.75785 1.000 13.99242 ? 69  ARG A C   1 
ATOM   562  O O   . ARG A 1 69  ? -4.70757  0.25855   -16.92774 1.000 12.89557 ? 69  ARG A O   1 
ATOM   563  C CB  . ARG A 1 69  ? -4.93450  -0.18968  -19.81227 1.000 17.24879 ? 69  ARG A CB  1 
ATOM   564  C CG  . ARG A 1 69  ? -6.08281  0.73368   -20.11469 1.000 22.87397 ? 69  ARG A CG  1 
ATOM   565  C CD  . ARG A 1 69  ? -7.03265  0.05457   -21.08675 1.000 30.20930 ? 69  ARG A CD  1 
ATOM   566  N NE  . ARG A 1 69  ? -8.23628  0.85361   -21.28316 1.000 32.57838 ? 69  ARG A NE  1 
ATOM   567  C CZ  . ARG A 1 69  ? -8.97585  0.81204   -22.38997 1.000 39.90491 ? 69  ARG A CZ  1 
ATOM   568  N NH1 . ARG A 1 69  ? -8.61903  0.01631   -23.39796 1.000 35.18461 ? 69  ARG A NH1 1 
ATOM   569  N NH2 . ARG A 1 69  ? -10.06324 1.57484   -22.49499 1.000 37.69721 ? 69  ARG A NH2 1 
ATOM   570  N N   . ILE A 1 70  ? -4.04832  2.34723   -17.52531 1.000 13.46486 ? 70  ILE A N   1 
ATOM   571  C CA  . ILE A 1 70  ? -4.52693  2.96836   -16.29738 1.000 12.40383 ? 70  ILE A CA  1 
ATOM   572  C C   . ILE A 1 70  ? -6.04114  3.10030   -16.39276 1.000 14.13075 ? 70  ILE A C   1 
ATOM   573  O O   . ILE A 1 70  ? -6.56614  3.71707   -17.32997 1.000 15.77822 ? 70  ILE A O   1 
ATOM   574  C CB  . ILE A 1 70  ? -3.86263  4.33439   -16.07559 1.000 12.54588 ? 70  ILE A CB  1 
ATOM   575  C CG1 . ILE A 1 70  ? -2.36213  4.13640   -15.85526 1.000 12.38860 ? 70  ILE A CG1 1 
ATOM   576  C CG2 . ILE A 1 70  ? -4.54075  5.08319   -14.91666 1.000 14.96980 ? 70  ILE A CG2 1 
ATOM   577  C CD1 . ILE A 1 70  ? -1.56033  5.42873   -15.86677 1.000 14.36998 ? 70  ILE A CD1 1 
ATOM   578  N N   . ASP A 1 71  ? -6.73423  2.54833   -15.40986 1.000 14.12747 ? 71  ASP A N   1 
ATOM   579  C CA  . ASP A 1 71  ? -8.18364  2.48487   -15.35278 1.000 17.06013 ? 71  ASP A CA  1 
ATOM   580  C C   . ASP A 1 71  ? -8.75927  3.74740   -14.73045 1.000 16.35756 ? 71  ASP A C   1 
ATOM   581  O O   . ASP A 1 71  ? -8.03987  4.61529   -14.23635 1.000 15.95258 ? 71  ASP A O   1 
ATOM   582  C CB  . ASP A 1 71  ? -8.59823  1.27572   -14.52068 1.000 22.20780 ? 71  ASP A CB  1 
ATOM   583  C CG  . ASP A 1 71  ? -9.75033  0.52442   -15.11695 1.000 33.73231 ? 71  ASP A CG  1 
ATOM   584  O OD1 . ASP A 1 71  ? -10.70857 1.17198   -15.59789 1.000 34.15520 ? 71  ASP A OD1 1 
ATOM   585  O OD2 . ASP A 1 71  ? -9.68680  -0.72725  -15.09923 1.000 46.90072 ? 71  ASP A OD2 1 
ATOM   586  N N   . THR A 1 72  ? -10.08360 3.84045   -14.75592 1.000 14.99658 ? 72  THR A N   1 
ATOM   587  C CA  . THR A 1 72  ? -10.76180 4.82939   -13.93146 1.000 16.00869 ? 72  THR A CA  1 
ATOM   588  C C   . THR A 1 72  ? -10.47564 4.52971   -12.46347 1.000 16.51282 ? 72  THR A C   1 
ATOM   589  O O   . THR A 1 72  ? -10.58048 3.38087   -12.03181 1.000 17.55481 ? 72  THR A O   1 
ATOM   590  C CB  . THR A 1 72  ? -12.25898 4.77845   -14.20529 1.000 19.44303 ? 72  THR A CB  1 
ATOM   591  O OG1 . THR A 1 72  ? -12.47257 5.05156   -15.59750 1.000 19.30143 ? 72  THR A OG1 1 
ATOM   592  C CG2 . THR A 1 72  ? -12.98587 5.79905   -13.32580 1.000 16.97352 ? 72  THR A CG2 1 
ATOM   593  N N   . ILE A 1 73  ? -10.06740 5.54272   -11.71134 1.000 13.78663 ? 73  ILE A N   1 
ATOM   594  C CA  . ILE A 1 73  ? -9.66508  5.35742   -10.31711 1.000 14.69151 ? 73  ILE A CA  1 
ATOM   595  C C   . ILE A 1 73  ? -10.77321 5.91708   -9.43411  1.000 15.48641 ? 73  ILE A C   1 
ATOM   596  O O   . ILE A 1 73  ? -11.07842 7.11184   -9.51595  1.000 15.28473 ? 73  ILE A O   1 
ATOM   597  C CB  . ILE A 1 73  ? -8.31769  6.03468   -10.00724 1.000 15.89532 ? 73  ILE A CB  1 
ATOM   598  C CG1 . ILE A 1 73  ? -7.24900  5.66118   -11.05995 1.000 17.01054 ? 73  ILE A CG1 1 
ATOM   599  C CG2 . ILE A 1 73  ? -7.85505  5.65991   -8.56683  1.000 15.13344 ? 73  ILE A CG2 1 
ATOM   600  C CD1 . ILE A 1 73  ? -6.93345  4.13736   -11.19967 1.000 19.23646 ? 73  ILE A CD1 1 
ATOM   601  N N   . PRO A 1 74  ? -11.40252 5.11169   -8.58616  1.000 14.29924 ? 74  PRO A N   1 
ATOM   602  C CA  . PRO A 1 74  ? -12.45816 5.64902   -7.72154  1.000 14.05359 ? 74  PRO A CA  1 
ATOM   603  C C   . PRO A 1 74  ? -11.87906 6.57916   -6.66000  1.000 15.80927 ? 74  PRO A C   1 
ATOM   604  O O   . PRO A 1 74  ? -10.72687 6.44008   -6.23345  1.000 15.01047 ? 74  PRO A O   1 
ATOM   605  C CB  . PRO A 1 74  ? -13.09079 4.39356   -7.09269  1.000 17.45745 ? 74  PRO A CB  1 
ATOM   606  C CG  . PRO A 1 74  ? -12.07078 3.31194   -7.23057  1.000 19.09297 ? 74  PRO A CG  1 
ATOM   607  C CD  . PRO A 1 74  ? -11.23524 3.65037   -8.45547  1.000 15.80056 ? 74  PRO A CD  1 
ATOM   608  N N   . SER A 1 75  ? -12.69487 7.52940   -6.22427  1.000 15.49817 ? 75  SER A N   1 
ATOM   609  C CA  . SER A 1 75  ? -12.25609 8.44183   -5.17131  1.000 14.12335 ? 75  SER A CA  1 
ATOM   610  C C   . SER A 1 75  ? -11.90134 7.65744   -3.90770  1.000 17.68465 ? 75  SER A C   1 
ATOM   611  O O   . SER A 1 75  ? -12.68287 6.78906   -3.48116  1.000 17.21252 ? 75  SER A O   1 
ATOM   612  C CB  . SER A 1 75  ? -13.33173 9.47646   -4.83139  1.000 18.66850 ? 75  SER A CB  1 
ATOM   613  O OG  . SER A 1 75  ? -12.92686 10.22665  -3.68427  1.000 17.58723 ? 75  SER A OG  1 
ATOM   614  N N   . PRO A 1 76  ? -10.75270 7.93009   -3.28026  1.000 15.15468 ? 76  PRO A N   1 
ATOM   615  C CA  . PRO A 1 76  ? -10.41418 7.29180   -2.00299  1.000 16.19095 ? 76  PRO A CA  1 
ATOM   616  C C   . PRO A 1 76  ? -11.00301 7.97773   -0.77664  1.000 20.36647 ? 76  PRO A C   1 
ATOM   617  O O   . PRO A 1 76  ? -10.66336 7.59587   0.34947   1.000 19.55167 ? 76  PRO A O   1 
ATOM   618  C CB  . PRO A 1 76  ? -8.88196  7.39692   -1.97996  1.000 14.90997 ? 76  PRO A CB  1 
ATOM   619  C CG  . PRO A 1 76  ? -8.61766  8.71409   -2.63655  1.000 15.98802 ? 76  PRO A CG  1 
ATOM   620  C CD  . PRO A 1 76  ? -9.65056  8.78500   -3.77902  1.000 15.52292 ? 76  PRO A CD  1 
ATOM   621  N N   . PHE A 1 77  ? -11.86916 8.96490   -0.95369  1.000 15.65531 ? 77  PHE A N   1 
ATOM   622  C CA  . PHE A 1 77  ? -12.32848 9.74853   0.18575   1.000 18.71355 ? 77  PHE A CA  1 
ATOM   623  C C   . PHE A 1 77  ? -13.13997 8.90297   1.16877   1.000 20.09768 ? 77  PHE A C   1 
ATOM   624  O O   . PHE A 1 77  ? -13.98633 8.08948   0.78057   1.000 21.83284 ? 77  PHE A O   1 
ATOM   625  C CB  . PHE A 1 77  ? -13.16148 10.94149  -0.27763  1.000 19.91458 ? 77  PHE A CB  1 
ATOM   626  C CG  . PHE A 1 77  ? -13.57194 11.82681  0.85720   1.000 24.40559 ? 77  PHE A CG  1 
ATOM   627  C CD1 . PHE A 1 77  ? -12.69031 12.77283  1.36070   1.000 25.83391 ? 77  PHE A CD1 1 
ATOM   628  C CD2 . PHE A 1 77  ? -14.80816 11.66483  1.46837   1.000 30.13454 ? 77  PHE A CD2 1 
ATOM   629  C CE1 . PHE A 1 77  ? -13.05562 13.57649  2.44167   1.000 28.95812 ? 77  PHE A CE1 1 
ATOM   630  C CE2 . PHE A 1 77  ? -15.17551 12.45714  2.54901   1.000 30.72196 ? 77  PHE A CE2 1 
ATOM   631  C CZ  . PHE A 1 77  ? -14.29711 13.41198  3.03494   1.000 28.88327 ? 77  PHE A CZ  1 
ATOM   632  N N   . ALA A 1 78  ? -12.86515 9.09372   2.45655   1.000 20.70246 ? 78  ALA A N   1 
ATOM   633  C CA  . ALA A 1 78  ? -13.59682 8.39311   3.50691   1.000 22.73099 ? 78  ALA A CA  1 
ATOM   634  C C   . ALA A 1 78  ? -13.54818 9.22506   4.78179   1.000 22.71635 ? 78  ALA A C   1 
ATOM   635  O O   . ALA A 1 78  ? -12.71842 10.12847  4.93337   1.000 21.05993 ? 78  ALA A O   1 
ATOM   636  C CB  . ALA A 1 78  ? -13.02251 6.99327   3.76254   1.000 22.78209 ? 78  ALA A CB  1 
ATOM   637  N N   . GLU A 1 79  ? -14.44082 8.89403   5.70948   1.000 25.17143 ? 79  GLU A N   1 
ATOM   638  C CA  . GLU A 1 79  ? -14.41378 9.48606   7.03884   1.000 24.09041 ? 79  GLU A CA  1 
ATOM   639  C C   . GLU A 1 79  ? -13.76080 8.51655   8.01957   1.000 21.96855 ? 79  GLU A C   1 
ATOM   640  O O   . GLU A 1 79  ? -13.85267 7.29741   7.86562   1.000 23.19395 ? 79  GLU A O   1 
ATOM   641  C CB  . GLU A 1 79  ? -15.83359 9.85292   7.48572   1.000 25.36651 ? 79  GLU A CB  1 
ATOM   642  C CG  . GLU A 1 79  ? -16.45009 10.91771  6.58765   1.000 32.34069 ? 79  GLU A CG  1 
ATOM   643  C CD  . GLU A 1 79  ? -17.96664 10.97442  6.65269   1.000 46.82880 ? 79  GLU A CD  1 
ATOM   644  O OE1 . GLU A 1 79  ? -18.55780 10.44149  7.61984   1.000 51.33528 ? 79  GLU A OE1 1 
ATOM   645  O OE2 . GLU A 1 79  ? -18.56912 11.56104  5.72735   1.000 49.90520 ? 79  GLU A OE2 1 
ATOM   646  N N   . TYR A 1 80  ? -13.06081 9.06861   9.00828   1.000 20.25820 ? 80  TYR A N   1 
ATOM   647  C CA  . TYR A 1 80  ? -12.44062 8.27056   10.05664  1.000 21.88383 ? 80  TYR A CA  1 
ATOM   648  C C   . TYR A 1 80  ? -12.78669 8.88968   11.39728  1.000 23.82927 ? 80  TYR A C   1 
ATOM   649  O O   . TYR A 1 80  ? -12.77978 10.11574  11.53889  1.000 23.71669 ? 80  TYR A O   1 
ATOM   650  C CB  . TYR A 1 80  ? -10.91247 8.18227   9.90568   1.000 18.45718 ? 80  TYR A CB  1 
ATOM   651  C CG  . TYR A 1 80  ? -10.49904 7.63918   8.55127   1.000 18.27117 ? 80  TYR A CG  1 
ATOM   652  C CD1 . TYR A 1 80  ? -10.53803 6.27322   8.27465   1.000 20.50723 ? 80  TYR A CD1 1 
ATOM   653  C CD2 . TYR A 1 80  ? -10.10197 8.50486   7.53613   1.000 18.61039 ? 80  TYR A CD2 1 
ATOM   654  C CE1 . TYR A 1 80  ? -10.17584 5.77691   7.00537   1.000 18.48786 ? 80  TYR A CE1 1 
ATOM   655  C CE2 . TYR A 1 80  ? -9.73697  8.02484   6.28278   1.000 17.89966 ? 80  TYR A CE2 1 
ATOM   656  C CZ  . TYR A 1 80  ? -9.77085  6.66557   6.01752   1.000 18.88318 ? 80  TYR A CZ  1 
ATOM   657  O OH  . TYR A 1 80  ? -9.41350  6.21986   4.75140   1.000 17.71902 ? 80  TYR A OH  1 
ATOM   658  N N   . SER A 1 81  ? -13.08452 8.03138   12.37363  1.000 24.52417 ? 81  SER A N   1 
ATOM   659  C CA  . SER A 1 81  ? -13.46155 8.47978   13.71300  1.000 24.91060 ? 81  SER A CA  1 
ATOM   660  C C   . SER A 1 81  ? -12.26636 8.82350   14.58081  1.000 23.85821 ? 81  SER A C   1 
ATOM   661  O O   . SER A 1 81  ? -12.42440 9.53859   15.57879  1.000 25.90290 ? 81  SER A O   1 
ATOM   662  C CB  . SER A 1 81  ? -14.28569 7.39340   14.41442  1.000 28.61229 ? 81  SER A CB  1 
ATOM   663  O OG  . SER A 1 81  ? -15.46153 7.12559   13.67359  1.000 40.34315 ? 81  SER A OG  1 
ATOM   664  N N   . SER A 1 82  ? -11.08032 8.33561   14.23707  1.000 21.40492 ? 82  SER A N   1 
ATOM   665  C CA  . SER A 1 82  ? -9.92277  8.51291   15.09601  1.000 20.83698 ? 82  SER A CA  1 
ATOM   666  C C   . SER A 1 82  ? -8.67282  8.16859   14.30926  1.000 21.18112 ? 82  SER A C   1 
ATOM   667  O O   . SER A 1 82  ? -8.73431  7.49033   13.27772  1.000 20.21542 ? 82  SER A O   1 
ATOM   668  C CB  . SER A 1 82  ? -9.99890  7.61622   16.33203  1.000 23.92250 ? 82  SER A CB  1 
ATOM   669  O OG  . SER A 1 82  ? -9.91743  6.25114   15.95043  1.000 21.88563 ? 82  SER A OG  1 
ATOM   670  N N   . LEU A 1 83  ? -7.53551  8.61965   14.82953  1.000 18.76657 ? 83  LEU A N   1 
ATOM   671  C CA  . LEU A 1 83  ? -6.26049  8.23984   14.23468  1.000 20.53212 ? 83  LEU A CA  1 
ATOM   672  C C   . LEU A 1 83  ? -6.07934  6.72406   14.27436  1.000 20.41261 ? 83  LEU A C   1 
ATOM   673  O O   . LEU A 1 83  ? -5.56777  6.11736   13.32040  1.000 17.59134 ? 83  LEU A O   1 
ATOM   674  C CB  . LEU A 1 83  ? -5.12334  8.94190   14.96788  1.000 19.16000 ? 83  LEU A CB  1 
ATOM   675  C CG  . LEU A 1 83  ? -3.73108  8.75993   14.36960  1.000 20.15980 ? 83  LEU A CG  1 
ATOM   676  C CD1 . LEU A 1 83  ? -3.68958  9.40276   12.99037  1.000 20.41975 ? 83  LEU A CD1 1 
ATOM   677  C CD2 . LEU A 1 83  ? -2.64334  9.33628   15.27950  1.000 17.42772 ? 83  LEU A CD2 1 
ATOM   678  N N   . ASP A 1 84  ? -6.50073  6.09543   15.37640  1.000 19.66471 ? 84  ASP A N   1 
ATOM   679  C CA  . ASP A 1 84  ? -6.40976  4.64503   15.47321  1.000 19.59452 ? 84  ASP A CA  1 
ATOM   680  C C   . ASP A 1 84  ? -7.25678  3.96936   14.40031  1.000 18.74178 ? 84  ASP A C   1 
ATOM   681  O O   . ASP A 1 84  ? -6.79150  3.03620   13.73748  1.000 20.63524 ? 84  ASP A O   1 
ATOM   682  C CB  . ASP A 1 84  ? -6.83159  4.16737   16.86615  1.000 21.96094 ? 84  ASP A CB  1 
ATOM   683  C CG  . ASP A 1 84  ? -6.62806  2.67159   17.03158  1.000 31.85314 ? 84  ASP A CG  1 
ATOM   684  O OD1 . ASP A 1 84  ? -5.46253  2.23823   17.14165  1.000 31.65578 ? 84  ASP A OD1 1 
ATOM   685  O OD2 . ASP A 1 84  ? -7.62365  1.92039   16.98141  1.000 38.76349 ? 84  ASP A OD2 1 
ATOM   686  N N   . GLU A 1 85  ? -8.50230  4.42726   14.20765  1.000 18.09312 ? 85  GLU A N   1 
ATOM   687  C CA  . GLU A 1 85  ? -9.34999  3.82232   13.18067  1.000 21.81732 ? 85  GLU A CA  1 
ATOM   688  C C   . GLU A 1 85  ? -8.71961  3.96811   11.79778  1.000 19.94550 ? 85  GLU A C   1 
ATOM   689  O O   . GLU A 1 85  ? -8.73099  3.02383   10.99433  1.000 19.37997 ? 85  GLU A O   1 
ATOM   690  C CB  . GLU A 1 85  ? -10.75701 4.43641   13.17624  1.000 23.30414 ? 85  GLU A CB  1 
ATOM   691  C CG  . GLU A 1 85  ? -11.69961 3.64650   12.25363  1.000 27.49047 ? 85  GLU A CG  1 
ATOM   692  C CD  . GLU A 1 85  ? -12.88868 4.41604   11.65762  1.000 34.71423 ? 85  GLU A CD  1 
ATOM   693  O OE1 . GLU A 1 85  ? -13.20493 5.54927   12.06185  1.000 35.59312 ? 85  GLU A OE1 1 
ATOM   694  O OE2 . GLU A 1 85  ? -13.52531 3.85999   10.74172  1.000 43.68484 ? 85  GLU A OE2 1 
ATOM   695  N N   . LEU A 1 86  ? -8.16329  5.14887   11.50793  1.000 17.97288 ? 86  LEU A N   1 
ATOM   696  C CA  . LEU A 1 86  ? -7.49872  5.35913   10.22552  1.000 16.57902 ? 86  LEU A CA  1 
ATOM   697  C C   . LEU A 1 86  ? -6.37555  4.35251   10.02697  1.000 18.06986 ? 86  LEU A C   1 
ATOM   698  O O   . LEU A 1 86  ? -6.29631  3.69476   8.98248   1.000 16.59885 ? 86  LEU A O   1 
ATOM   699  C CB  . LEU A 1 86  ? -6.96897  6.79370   10.14003  1.000 16.56006 ? 86  LEU A CB  1 
ATOM   700  C CG  . LEU A 1 86  ? -6.38749  7.23118   8.78969   1.000 16.31742 ? 86  LEU A CG  1 
ATOM   701  C CD1 . LEU A 1 86  ? -6.53245  8.73380   8.64967   1.000 17.81348 ? 86  LEU A CD1 1 
ATOM   702  C CD2 . LEU A 1 86  ? -4.92040  6.82833   8.64862   1.000 15.29909 ? 86  LEU A CD2 1 
ATOM   703  N N   . PHE A 1 87  ? -5.48307  4.22249   11.01738  1.000 16.92723 ? 87  PHE A N   1 
ATOM   704  C CA  . PHE A 1 87  ? -4.35140  3.32333   10.81253  1.000 16.95498 ? 87  PHE A CA  1 
ATOM   705  C C   . PHE A 1 87  ? -4.78277  1.85755   10.79666  1.000 17.10762 ? 87  PHE A C   1 
ATOM   706  O O   . PHE A 1 87  ? -4.15825  1.04729   10.10394  1.000 16.11628 ? 87  PHE A O   1 
ATOM   707  C CB  . PHE A 1 87  ? -3.25982  3.60177   11.84891  1.000 17.96681 ? 87  PHE A CB  1 
ATOM   708  C CG  . PHE A 1 87  ? -2.27989  4.66188   11.40242  1.000 17.01257 ? 87  PHE A CG  1 
ATOM   709  C CD1 . PHE A 1 87  ? -1.26803  4.35513   10.49432  1.000 19.07103 ? 87  PHE A CD1 1 
ATOM   710  C CD2 . PHE A 1 87  ? -2.39362  5.97124   11.84818  1.000 20.74519 ? 87  PHE A CD2 1 
ATOM   711  C CE1 . PHE A 1 87  ? -0.37965  5.33151   10.05355  1.000 17.68065 ? 87  PHE A CE1 1 
ATOM   712  C CE2 . PHE A 1 87  ? -1.50331  6.95705   11.41113  1.000 18.53998 ? 87  PHE A CE2 1 
ATOM   713  C CZ  . PHE A 1 87  ? -0.50052  6.64510   10.52288  1.000 18.09976 ? 87  PHE A CZ  1 
ATOM   714  N N   . GLN A 1 88  ? -5.85606  1.50232   11.50569  1.000 16.89164 ? 88  GLN A N   1 
ATOM   715  C CA  . GLN A 1 88  ? -6.41224  0.15859   11.35055  1.000 20.84239 ? 88  GLN A CA  1 
ATOM   716  C C   . GLN A 1 88  ? -6.80413  -0.08702  9.90230   1.000 20.48808 ? 88  GLN A C   1 
ATOM   717  O O   . GLN A 1 88  ? -6.56560  -1.17605  9.35598   1.000 19.73157 ? 88  GLN A O   1 
ATOM   718  C CB  . GLN A 1 88  ? -7.63145  -0.04258  12.25518  1.000 20.93738 ? 88  GLN A CB  1 
ATOM   719  C CG  . GLN A 1 88  ? -7.33331  -0.03896  13.74954  1.000 27.81838 ? 88  GLN A CG  1 
ATOM   720  C CD  . GLN A 1 88  ? -6.71185  -1.33824  14.25259  1.000 34.73891 ? 88  GLN A CD  1 
ATOM   721  O OE1 . GLN A 1 88  ? -6.62502  -2.33304  13.52416  1.000 40.30140 ? 88  GLN A OE1 1 
ATOM   722  N NE2 . GLN A 1 88  ? -6.26958  -1.33075  15.50392  1.000 38.80413 ? 88  GLN A NE2 1 
ATOM   723  N N   . GLU A 1 89  ? -7.41449  0.91793   9.26765   1.000 16.52087 ? 89  GLU A N   1 
ATOM   724  C CA  . GLU A 1 89  ? -7.80568  0.76256   7.86745   1.000 17.53328 ? 89  GLU A CA  1 
ATOM   725  C C   . GLU A 1 89  ? -6.58639  0.69533   6.95246   1.000 18.42517 ? 89  GLU A C   1 
ATOM   726  O O   . GLU A 1 89  ? -6.59013  -0.06366  5.97530   1.000 16.25338 ? 89  GLU A O   1 
ATOM   727  C CB  . GLU A 1 89  ? -8.72831  1.90400   7.44403   1.000 18.98375 ? 89  GLU A CB  1 
ATOM   728  C CG  . GLU A 1 89  ? -10.09058 1.83887   8.09653   1.000 24.02139 ? 89  GLU A CG  1 
ATOM   729  C CD  . GLU A 1 89  ? -10.91028 0.64010   7.62731   1.000 34.23447 ? 89  GLU A CD  1 
ATOM   730  O OE1 . GLU A 1 89  ? -10.93541 0.36976   6.40338   1.000 31.65234 ? 89  GLU A OE1 1 
ATOM   731  O OE2 . GLU A 1 89  ? -11.52246 -0.03817  8.48615   1.000 37.12538 ? 89  GLU A OE2 1 
ATOM   732  N N   . THR A 1 90  ? -5.54990  1.50344   7.22652   1.000 16.40064 ? 90  THR A N   1 
ATOM   733  C CA  . THR A 1 90  ? -4.32429  1.40638   6.42684   1.000 13.58336 ? 90  THR A CA  1 
ATOM   734  C C   . THR A 1 90  ? -3.73655  -0.00318  6.51041   1.000 15.36114 ? 90  THR A C   1 
ATOM   735  O O   . THR A 1 90  ? -3.30181  -0.57502  5.49800   1.000 15.24294 ? 90  THR A O   1 
ATOM   736  C CB  . THR A 1 90  ? -3.27489  2.43194   6.88201   1.000 17.02836 ? 90  THR A CB  1 
ATOM   737  O OG1 . THR A 1 90  ? -3.89742  3.68620   7.18063   1.000 17.39092 ? 90  THR A OG1 1 
ATOM   738  C CG2 . THR A 1 90  ? -2.25079  2.67651   5.77592   1.000 16.88568 ? 90  THR A CG2 1 
ATOM   739  N N   . TYR A 1 91  ? -3.70166  -0.57371  7.71716   1.000 14.90597 ? 91  TYR A N   1 
ATOM   740  C CA  . TYR A 1 91  ? -3.13564  -1.91015  7.89127   1.000 16.00890 ? 91  TYR A CA  1 
ATOM   741  C C   . TYR A 1 91  ? -3.97418  -2.96183  7.17664   1.000 16.70883 ? 91  TYR A C   1 
ATOM   742  O O   . TYR A 1 91  ? -3.42670  -3.86282  6.52223   1.000 16.46419 ? 91  TYR A O   1 
ATOM   743  C CB  . TYR A 1 91  ? -3.02365  -2.21193  9.38838   1.000 17.50963 ? 91  TYR A CB  1 
ATOM   744  C CG  . TYR A 1 91  ? -2.46978  -3.56837  9.75918   1.000 20.80924 ? 91  TYR A CG  1 
ATOM   745  C CD1 . TYR A 1 91  ? -1.26381  -4.03183  9.23075   1.000 21.27435 ? 91  TYR A CD1 1 
ATOM   746  C CD2 . TYR A 1 91  ? -3.12895  -4.36234  10.68713  1.000 24.14419 ? 91  TYR A CD2 1 
ATOM   747  C CE1 . TYR A 1 91  ? -0.75285  -5.28661  9.61318   1.000 22.35533 ? 91  TYR A CE1 1 
ATOM   748  C CE2 . TYR A 1 91  ? -2.63201  -5.60641  11.06287  1.000 29.92683 ? 91  TYR A CE2 1 
ATOM   749  C CZ  . TYR A 1 91  ? -1.44736  -6.06134  10.52612  1.000 26.44454 ? 91  TYR A CZ  1 
ATOM   750  O OH  . TYR A 1 91  ? -0.95415  -7.29739  10.90954  1.000 26.78325 ? 91  TYR A OH  1 
ATOM   751  N N   . LYS A 1 92  ? -5.30520  -2.87118  7.29139   1.000 15.53321 ? 92  LYS A N   1 
ATOM   752  C CA  . LYS A 1 92  ? -6.16557  -3.80971  6.58007   1.000 17.19540 ? 92  LYS A CA  1 
ATOM   753  C C   . LYS A 1 92  ? -5.96623  -3.69159  5.07433   1.000 17.57449 ? 92  LYS A C   1 
ATOM   754  O O   . LYS A 1 92  ? -5.95912  -4.70343  4.35493   1.000 15.12715 ? 92  LYS A O   1 
ATOM   755  C CB  . LYS A 1 92  ? -7.64142  -3.56939  6.92906   1.000 18.91842 ? 92  LYS A CB  1 
ATOM   756  C CG  . LYS A 1 92  ? -8.03880  -3.97369  8.33773   1.000 28.26297 ? 92  LYS A CG  1 
ATOM   757  C CD  . LYS A 1 92  ? -9.55714  -3.85018  8.48899   1.000 35.85371 ? 92  LYS A CD  1 
ATOM   758  C CE  . LYS A 1 92  ? -9.95705  -3.10148  9.75643   1.000 39.58251 ? 92  LYS A CE  1 
ATOM   759  N NZ  . LYS A 1 92  ? -9.31775  -3.68896  10.95630  1.000 37.49776 ? 92  LYS A NZ  1 
ATOM   760  N N   . HIS A 1 93  ? -5.76525  -2.46237  4.57703   1.000 13.85279 ? 93  HIS A N   1 
ATOM   761  C CA  . HIS A 1 93  ? -5.54379  -2.30563  3.14641   1.000 14.18174 ? 93  HIS A CA  1 
ATOM   762  C C   . HIS A 1 93  ? -4.22035  -2.93890  2.72260   1.000 13.65356 ? 93  HIS A C   1 
ATOM   763  O O   . HIS A 1 93  ? -4.13954  -3.58381  1.66563   1.000 14.00556 ? 93  HIS A O   1 
ATOM   764  C CB  . HIS A 1 93  ? -5.59027  -0.82613  2.76472   1.000 13.52200 ? 93  HIS A CB  1 
ATOM   765  C CG  . HIS A 1 93  ? -5.68675  -0.60904  1.29218   1.000 14.52333 ? 93  HIS A CG  1 
ATOM   766  N ND1 . HIS A 1 93  ? -6.83891  -0.86950  0.57882   1.000 16.50252 ? 93  HIS A ND1 1 
ATOM   767  C CD2 . HIS A 1 93  ? -4.75719  -0.22576  0.38575   1.000 14.24008 ? 93  HIS A CD2 1 
ATOM   768  C CE1 . HIS A 1 93  ? -6.62478  -0.61539  -0.70120  1.000 16.44087 ? 93  HIS A CE1 1 
ATOM   769  N NE2 . HIS A 1 93  ? -5.36741  -0.23453  -0.84554  1.000 15.16488 ? 93  HIS A NE2 1 
ATOM   770  N N   . GLU A 1 94  ? -3.17558  -2.75956  3.52695   1.000 13.30912 ? 94  GLU A N   1 
ATOM   771  C CA  . GLU A 1 94  ? -1.90550  -3.40490  3.20888   1.000 13.78558 ? 94  GLU A CA  1 
ATOM   772  C C   . GLU A 1 94  ? -2.05773  -4.92000  3.20065   1.000 14.62483 ? 94  GLU A C   1 
ATOM   773  O O   . GLU A 1 94  ? -1.47042  -5.59885  2.35354   1.000 15.95470 ? 94  GLU A O   1 
ATOM   774  C CB  . GLU A 1 94  ? -0.82035  -2.96610  4.19125   1.000 13.00129 ? 94  GLU A CB  1 
ATOM   775  C CG  . GLU A 1 94  ? -0.24900  -1.57374  3.84644   1.000 14.76463 ? 94  GLU A CG  1 
ATOM   776  C CD  . GLU A 1 94  ? 0.49760   -1.55595  2.51668   1.000 16.11262 ? 94  GLU A CD  1 
ATOM   777  O OE1 . GLU A 1 94  ? 1.05139   -2.61474  2.11126   1.000 16.88201 ? 94  GLU A OE1 1 
ATOM   778  O OE2 . GLU A 1 94  ? 0.54223   -0.49012  1.87008   1.000 17.36929 ? 94  GLU A OE2 1 
ATOM   779  N N   . GLN A 1 95  ? -2.85316  -5.46481  4.12729   1.000 14.69244 ? 95  GLN A N   1 
ATOM   780  C CA  . GLN A 1 95  ? -3.10214  -6.90856  4.11910   1.000 16.26343 ? 95  GLN A CA  1 
ATOM   781  C C   . GLN A 1 95  ? -3.81213  -7.33872  2.84409   1.000 15.40220 ? 95  GLN A C   1 
ATOM   782  O O   . GLN A 1 95  ? -3.52758  -8.41863  2.30451   1.000 14.96614 ? 95  GLN A O   1 
ATOM   783  C CB  . GLN A 1 95  ? -3.91802  -7.32375  5.33862   1.000 18.83041 ? 95  GLN A CB  1 
ATOM   784  C CG  . GLN A 1 95  ? -3.14435  -7.24622  6.64002   1.000 20.70572 ? 95  GLN A CG  1 
ATOM   785  C CD  . GLN A 1 95  ? -4.00407  -7.64607  7.82683   1.000 25.05062 ? 95  GLN A CD  1 
ATOM   786  O OE1 . GLN A 1 95  ? -5.03224  -7.04248  8.08511   1.000 28.75336 ? 95  GLN A OE1 1 
ATOM   787  N NE2 . GLN A 1 95  ? -3.57783  -8.66987  8.55028   1.000 32.48029 ? 95  GLN A NE2 1 
ATOM   788  N N   . LEU A 1 96  ? -4.72696  -6.49731  2.33786   1.000 14.39001 ? 96  LEU A N   1 
ATOM   789  C CA  . LEU A 1 96  ? -5.38236  -6.78004  1.05612   1.000 15.36573 ? 96  LEU A CA  1 
ATOM   790  C C   . LEU A 1 96  ? -4.37262  -6.81659  -0.08624  1.000 15.30354 ? 96  LEU A C   1 
ATOM   791  O O   . LEU A 1 96  ? -4.41699  -7.70778  -0.94541  1.000 15.26624 ? 96  LEU A O   1 
ATOM   792  C CB  . LEU A 1 96  ? -6.45931  -5.73399  0.75835   1.000 16.90076 ? 96  LEU A CB  1 
ATOM   793  C CG  . LEU A 1 96  ? -7.12454  -5.85765  -0.62653  1.000 18.66592 ? 96  LEU A CG  1 
ATOM   794  C CD1 . LEU A 1 96  ? -7.83634  -7.20640  -0.75671  1.000 19.47543 ? 96  LEU A CD1 1 
ATOM   795  C CD2 . LEU A 1 96  ? -8.09278  -4.69783  -0.89715  1.000 20.77587 ? 96  LEU A CD2 1 
ATOM   796  N N   . ILE A 1 97  ? -3.47937  -5.83123  -0.12920  1.000 13.77112 ? 97  ILE A N   1 
ATOM   797  C CA  . ILE A 1 97  ? -2.45010  -5.80319  -1.17129  1.000 13.05496 ? 97  ILE A CA  1 
ATOM   798  C C   . ILE A 1 97  ? -1.59134  -7.06105  -1.10325  1.000 14.09277 ? 97  ILE A C   1 
ATOM   799  O O   . ILE A 1 97  ? -1.27223  -7.66741  -2.13451  1.000 14.27817 ? 97  ILE A O   1 
ATOM   800  C CB  . ILE A 1 97  ? -1.58709  -4.53560  -1.04018  1.000 12.88477 ? 97  ILE A CB  1 
ATOM   801  C CG1 . ILE A 1 97  ? -2.44014  -3.28546  -1.29705  1.000 12.72991 ? 97  ILE A CG1 1 
ATOM   802  C CG2 . ILE A 1 97  ? -0.39391  -4.59055  -2.02647  1.000 12.49103 ? 97  ILE A CG2 1 
ATOM   803  C CD1 . ILE A 1 97  ? -1.66622  -1.97244  -1.02908  1.000 14.86238 ? 97  ILE A CD1 1 
ATOM   804  N N   . THR A 1 98  ? -1.17192  -7.44024  0.10633   1.000 13.09678 ? 98  THR A N   1 
ATOM   805  C CA  . THR A 1 98  ? -0.39913  -8.67319  0.29306   1.000 13.89935 ? 98  THR A CA  1 
ATOM   806  C C   . THR A 1 98  ? -1.14961  -9.87949  -0.26684  1.000 14.17778 ? 98  THR A C   1 
ATOM   807  O O   . THR A 1 98  ? -0.57310  -10.71547 -0.97471  1.000 13.50369 ? 98  THR A O   1 
ATOM   808  C CB  . THR A 1 98  ? -0.10011  -8.87426  1.77651   1.000 14.35794 ? 98  THR A CB  1 
ATOM   809  O OG1 . THR A 1 98  ? 0.67695   -7.77896  2.26361   1.000 15.95496 ? 98  THR A OG1 1 
ATOM   810  C CG2 . THR A 1 98  ? 0.65860   -10.22465 2.03892   1.000 16.52566 ? 98  THR A CG2 1 
ATOM   811  N N   . GLN A 1 99  ? -2.44751  -9.97900  0.03798   1.000 12.69453 ? 99  GLN A N   1 
ATOM   812  C CA  . GLN A 1 99  ? -3.24530  -11.08872 -0.47641  1.000 14.99252 ? 99  GLN A CA  1 
ATOM   813  C C   . GLN A 1 99  ? -3.28845  -11.08840 -2.00071  1.000 14.91086 ? 99  GLN A C   1 
ATOM   814  O O   . GLN A 1 99  ? -3.16438  -12.14413 -2.63598  1.000 13.38979 ? 99  GLN A O   1 
ATOM   815  C CB  . GLN A 1 99  ? -4.65766  -11.00503 0.09739   1.000 15.75898 ? 99  GLN A CB  1 
ATOM   816  C CG  . GLN A 1 99  ? -5.66781  -11.93463 -0.57247  1.000 20.16776 ? 99  GLN A CG  1 
ATOM   817  C CD  . GLN A 1 99  ? -7.08785  -11.66615 -0.09294  1.000 34.52395 ? 99  GLN A CD  1 
ATOM   818  O OE1 . GLN A 1 99  ? -7.30240  -11.09171 0.98757   1.000 35.89681 ? 99  GLN A OE1 1 
ATOM   819  N NE2 . GLN A 1 99  ? -8.06710  -12.07055 -0.89865  1.000 36.55625 ? 99  GLN A NE2 1 
ATOM   820  N N   . LYS A 1 100 ? -3.48559  -9.91435  -2.60871  1.000 13.30787 ? 100 LYS A N   1 
ATOM   821  C CA  . LYS A 1 100 ? -3.56808  -9.85838  -4.06302  1.000 14.71171 ? 100 LYS A CA  1 
ATOM   822  C C   . LYS A 1 100 ? -2.23298  -10.22549 -4.69625  1.000 11.84955 ? 100 LYS A C   1 
ATOM   823  O O   . LYS A 1 100 ? -2.20212  -10.85828 -5.76165  1.000 12.40605 ? 100 LYS A O   1 
ATOM   824  C CB  . LYS A 1 100 ? -4.02552  -8.46934  -4.51705  1.000 14.01392 ? 100 LYS A CB  1 
ATOM   825  C CG  . LYS A 1 100 ? -5.46998  -8.14660  -4.13783  1.000 15.52423 ? 100 LYS A CG  1 
ATOM   826  C CD  . LYS A 1 100 ? -6.41354  -9.11218  -4.85081  1.000 22.54761 ? 100 LYS A CD  1 
ATOM   827  C CE  . LYS A 1 100 ? -7.85706  -8.93370  -4.44980  1.000 30.40913 ? 100 LYS A CE  1 
ATOM   828  N NZ  . LYS A 1 100 ? -8.70255  -9.80122  -5.32345  1.000 35.62328 ? 100 LYS A NZ  1 
ATOM   829  N N   . ILE A 1 101 ? -1.11965  -9.84361  -4.05768  1.000 11.79999 ? 101 ILE A N   1 
ATOM   830  C CA  . ILE A 1 101 ? 0.19145   -10.27150 -4.55361  1.000 11.34464 ? 101 ILE A CA  1 
ATOM   831  C C   . ILE A 1 101 ? 0.32743   -11.79177 -4.45085  1.000 11.96916 ? 101 ILE A C   1 
ATOM   832  O O   . ILE A 1 101 ? 0.80864   -12.44305 -5.37802  1.000 11.35204 ? 101 ILE A O   1 
ATOM   833  C CB  . ILE A 1 101 ? 1.32919   -9.54037  -3.80615  1.000 11.69238 ? 101 ILE A CB  1 
ATOM   834  C CG1 . ILE A 1 101 ? 1.38632   -8.05375  -4.21391  1.000 12.88729 ? 101 ILE A CG1 1 
ATOM   835  C CG2 . ILE A 1 101 ? 2.69439   -10.22625 -4.05039  1.000 11.78954 ? 101 ILE A CG2 1 
ATOM   836  C CD1 . ILE A 1 101 ? 1.67594   -7.81164  -5.73812  1.000 14.78279 ? 101 ILE A CD1 1 
ATOM   837  N N   . ASN A 1 102 ? -0.09489  -12.38336 -3.32495  1.000 11.97536 ? 102 ASN A N   1 
ATOM   838  C CA  . ASN A 1 102 ? -0.03721  -13.84118 -3.20724  1.000 12.87044 ? 102 ASN A CA  1 
ATOM   839  C C   . ASN A 1 102 ? -0.90804  -14.52802 -4.25972  1.000 13.29220 ? 102 ASN A C   1 
ATOM   840  O O   . ASN A 1 102 ? -0.51385  -15.55582 -4.82844  1.000 13.61334 ? 102 ASN A O   1 
ATOM   841  C CB  . ASN A 1 102 ? -0.44862  -14.27261 -1.80277  1.000 11.77172 ? 102 ASN A CB  1 
ATOM   842  C CG  . ASN A 1 102 ? 0.61175   -13.96640 -0.78518  1.000 14.59906 ? 102 ASN A CG  1 
ATOM   843  O OD1 . ASN A 1 102 ? 1.79439   -13.85636 -1.12490  1.000 15.18512 ? 102 ASN A OD1 1 
ATOM   844  N ND2 . ASN A 1 102 ? 0.20353   -13.79117 0.47627   1.000 15.69410 ? 102 ASN A ND2 1 
ATOM   845  N N   . GLU A 1 103 ? -2.09070  -13.97037 -4.53754  1.000 12.83519 ? 103 GLU A N   1 
ATOM   846  C CA  . GLU A 1 103 ? -2.94657  -14.52205 -5.58768  1.000 15.10291 ? 103 GLU A CA  1 
ATOM   847  C C   . GLU A 1 103 ? -2.28200  -14.41049 -6.95075  1.000 15.35291 ? 103 GLU A C   1 
ATOM   848  O O   . GLU A 1 103 ? -2.39924  -15.32344 -7.77570  1.000 13.80317 ? 103 GLU A O   1 
ATOM   849  C CB  . GLU A 1 103 ? -4.30660  -13.82073 -5.59997  1.000 14.98496 ? 103 GLU A CB  1 
ATOM   850  C CG  . GLU A 1 103 ? -5.14141  -14.14550 -4.36469  1.000 17.80614 ? 103 GLU A CG  1 
ATOM   851  C CD  . GLU A 1 103 ? -6.44021  -13.35246 -4.28572  1.000 23.52241 ? 103 GLU A CD  1 
ATOM   852  O OE1 . GLU A 1 103 ? -6.85450  -12.72897 -5.28701  1.000 27.89990 ? 103 GLU A OE1 1 
ATOM   853  O OE2 . GLU A 1 103 ? -7.05438  -13.36057 -3.20484  1.000 29.43121 ? 103 GLU A OE2 1 
ATOM   854  N N   . LEU A 1 104 ? -1.57150  -13.30316 -7.19583  1.000 12.30015 ? 104 LEU A N   1 
ATOM   855  C CA  . LEU A 1 104 ? -0.84149  -13.14987 -8.45050  1.000 13.15272 ? 104 LEU A CA  1 
ATOM   856  C C   . LEU A 1 104 ? 0.29366   -14.15827 -8.55262  1.000 11.99457 ? 104 LEU A C   1 
ATOM   857  O O   . LEU A 1 104 ? 0.52273   -14.73204 -9.62457  1.000 12.55783 ? 104 LEU A O   1 
ATOM   858  C CB  . LEU A 1 104 ? -0.31288  -11.71720 -8.57863  1.000 11.72411 ? 104 LEU A CB  1 
ATOM   859  C CG  . LEU A 1 104 ? -0.96664  -10.89819 -9.69201  1.000 12.56139 ? 104 LEU A CG  1 
ATOM   860  C CD1 . LEU A 1 104 ? -0.53951  -9.43058  -9.53918  1.000 14.73527 ? 104 LEU A CD1 1 
ATOM   861  C CD2 . LEU A 1 104 ? -0.56487  -11.46284 -11.06850 1.000 14.87359 ? 104 LEU A CD2 1 
ATOM   862  N N   . ALA A 1 105 ? 1.02394   -14.38273 -7.44907  1.000 11.64884 ? 105 ALA A N   1 
ATOM   863  C CA  . ALA A 1 105 ? 2.10676   -15.36979 -7.46641  1.000 14.21096 ? 105 ALA A CA  1 
ATOM   864  C C   . ALA A 1 105 ? 1.55209   -16.76280 -7.74189  1.000 13.86201 ? 105 ALA A C   1 
ATOM   865  O O   . ALA A 1 105 ? 2.13407   -17.54212 -8.51378  1.000 13.61951 ? 105 ALA A O   1 
ATOM   866  C CB  . ALA A 1 105 ? 2.87149   -15.36047 -6.13356  1.000 11.96399 ? 105 ALA A CB  1 
ATOM   867  N N   . HIS A 1 106 ? 0.41715   -17.08382 -7.11452  1.000 12.42205 ? 106 HIS A N   1 
ATOM   868  C CA  . HIS A 1 106 ? -0.22427  -18.36325 -7.36523  1.000 14.49484 ? 106 HIS A CA  1 
ATOM   869  C C   . HIS A 1 106 ? -0.67121  -18.49063 -8.82209  1.000 13.69693 ? 106 HIS A C   1 
ATOM   870  O O   . HIS A 1 106 ? -0.47923  -19.54180 -9.44603  1.000 13.60712 ? 106 HIS A O   1 
ATOM   871  C CB  . HIS A 1 106 ? -1.41438  -18.55387 -6.43295  1.000 15.00854 ? 106 HIS A CB  1 
ATOM   872  C CG  . HIS A 1 106 ? -2.00309  -19.92517 -6.54138  1.000 17.88004 ? 106 HIS A CG  1 
ATOM   873  N ND1 . HIS A 1 106 ? -1.26503  -21.05809 -6.27657  1.000 20.54241 ? 106 HIS A ND1 1 
ATOM   874  C CD2 . HIS A 1 106 ? -3.21503  -20.35380 -6.96913  1.000 20.89249 ? 106 HIS A CD2 1 
ATOM   875  C CE1 . HIS A 1 106 ? -2.00949  -22.12801 -6.50087  1.000 23.33369 ? 106 HIS A CE1 1 
ATOM   876  N NE2 . HIS A 1 106 ? -3.19640  -21.72929 -6.92103  1.000 21.13738 ? 106 HIS A NE2 1 
ATOM   877  N N   . ALA A 1 107 ? -1.27899  -17.43362 -9.37748  1.000 12.33533 ? 107 ALA A N   1 
ATOM   878  C CA  . ALA A 1 107 ? -1.66106  -17.44826 -10.78867 1.000 14.65921 ? 107 ALA A CA  1 
ATOM   879  C C   . ALA A 1 107 ? -0.44598  -17.65984 -11.69259 1.000 16.05966 ? 107 ALA A C   1 
ATOM   880  O O   . ALA A 1 107 ? -0.51432  -18.42158 -12.66434 1.000 14.93901 ? 107 ALA A O   1 
ATOM   881  C CB  . ALA A 1 107 ? -2.38122  -16.14262 -11.15546 1.000 17.53015 ? 107 ALA A CB  1 
ATOM   882  N N   . ALA A 1 108 ? 0.67316   -16.98753 -11.39753 1.000 14.67603 ? 108 ALA A N   1 
ATOM   883  C CA  . ALA A 1 108 ? 1.86861   -17.18916 -12.21587 1.000 14.97882 ? 108 ALA A CA  1 
ATOM   884  C C   . ALA A 1 108 ? 2.32337   -18.64262 -12.15233 1.000 14.94577 ? 108 ALA A C   1 
ATOM   885  O O   . ALA A 1 108 ? 2.65841   -19.24471 -13.18137 1.000 15.77742 ? 108 ALA A O   1 
ATOM   886  C CB  . ALA A 1 108 ? 3.00234   -16.24437 -11.78085 1.000 13.52592 ? 108 ALA A CB  1 
ATOM   887  N N   . MET A 1 109 ? 2.33803   -19.22710 -10.95028 1.000 13.42840 ? 109 MET A N   1 
ATOM   888  C CA  . MET A 1 109 ? 2.78980   -20.61377 -10.82303 1.000 13.94226 ? 109 MET A CA  1 
ATOM   889  C C   . MET A 1 109 ? 1.85288   -21.57351 -11.55531 1.000 16.34537 ? 109 MET A C   1 
ATOM   890  O O   . MET A 1 109 ? 2.31057   -22.47548 -12.26644 1.000 16.69486 ? 109 MET A O   1 
ATOM   891  C CB  . MET A 1 109 ? 2.90586   -20.98100 -9.33580  1.000 17.68648 ? 109 MET A CB  1 
ATOM   892  C CG  . MET A 1 109 ? 3.54505   -22.34061 -9.06381  1.000 23.47247 ? 109 MET A CG  1 
ATOM   893  S SD  . MET A 1 109 ? 5.21508   -22.54828 -9.73495  1.000 21.46170 ? 109 MET A SD  1 
ATOM   894  C CE  . MET A 1 109 ? 6.09049   -21.19260 -9.00832  1.000 18.00659 ? 109 MET A CE  1 
ATOM   895  N N   . THR A 1 110 ? 0.53767   -21.39076 -11.41057 1.000 16.01482 ? 110 THR A N   1 
ATOM   896  C CA  . THR A 1 110 ? -0.39916  -22.30969 -12.05699 1.000 18.96982 ? 110 THR A CA  1 
ATOM   897  C C   . THR A 1 110 ? -0.42459  -22.11126 -13.56877 1.000 19.24454 ? 110 THR A C   1 
ATOM   898  O O   . THR A 1 110 ? -0.71558  -23.06221 -14.30786 1.000 21.98264 ? 110 THR A O   1 
ATOM   899  C CB  . THR A 1 110 ? -1.82115  -22.16648 -11.46798 1.000 21.46710 ? 110 THR A CB  1 
ATOM   900  O OG1 . THR A 1 110 ? -2.36820  -20.89139 -11.81028 1.000 25.98014 ? 110 THR A OG1 1 
ATOM   901  C CG2 . THR A 1 110 ? -1.79803  -22.29264 -9.97221  1.000 20.32690 ? 110 THR A CG2 1 
ATOM   902  N N   . ASN A 1 111 ? -0.09442  -20.91322 -14.05369 1.000 16.78380 ? 111 ASN A N   1 
ATOM   903  C CA  . ASN A 1 111 ? 0.01945   -20.66893 -15.48634 1.000 18.77349 ? 111 ASN A CA  1 
ATOM   904  C C   . ASN A 1 111 ? 1.39772   -21.01183 -16.04259 1.000 17.61003 ? 111 ASN A C   1 
ATOM   905  O O   . ASN A 1 111 ? 1.64646   -20.74740 -17.22264 1.000 19.40097 ? 111 ASN A O   1 
ATOM   906  C CB  . ASN A 1 111 ? -0.30810  -19.20534 -15.81543 1.000 16.82777 ? 111 ASN A CB  1 
ATOM   907  C CG  . ASN A 1 111 ? -1.81170  -18.95339 -15.90839 1.000 27.06878 ? 111 ASN A CG  1 
ATOM   908  O OD1 . ASN A 1 111 ? -2.44935  -19.33971 -16.88894 1.000 28.15298 ? 111 ASN A OD1 1 
ATOM   909  N ND2 . ASN A 1 111 ? -2.38328  -18.30630 -14.88978 1.000 23.80600 ? 111 ASN A ND2 1 
ATOM   910  N N   . GLN A 1 112 ? 2.29316   -21.57154 -15.22287 1.000 16.11023 ? 112 GLN A N   1 
ATOM   911  C CA  . GLN A 1 112 ? 3.66401   -21.87584 -15.63267 1.000 15.98926 ? 112 GLN A CA  1 
ATOM   912  C C   . GLN A 1 112 ? 4.32994   -20.64848 -16.25006 1.000 16.21344 ? 112 GLN A C   1 
ATOM   913  O O   . GLN A 1 112 ? 4.96996   -20.71105 -17.30408 1.000 16.74082 ? 112 GLN A O   1 
ATOM   914  C CB  . GLN A 1 112 ? 3.68051   -23.07604 -16.58099 1.000 18.13655 ? 112 GLN A CB  1 
ATOM   915  C CG  . GLN A 1 112 ? 3.00245   -24.29610 -15.94412 1.000 20.90303 ? 112 GLN A CG  1 
ATOM   916  C CD  . GLN A 1 112 ? 2.98699   -25.49078 -16.84291 1.000 29.18135 ? 112 GLN A CD  1 
ATOM   917  O OE1 . GLN A 1 112 ? 3.73496   -25.55380 -17.82800 1.000 33.81067 ? 112 GLN A OE1 1 
ATOM   918  N NE2 . GLN A 1 112 ? 2.14783   -26.46448 -16.51404 1.000 30.72720 ? 112 GLN A NE2 1 
ATOM   919  N N   . ASP A 1 113 ? 4.14790   -19.50387 -15.59817 1.000 15.74401 ? 113 ASP A N   1 
ATOM   920  C CA  . ASP A 1 113 ? 4.73133   -18.23295 -16.03037 1.000 12.54650 ? 113 ASP A CA  1 
ATOM   921  C C   . ASP A 1 113 ? 5.90589   -17.93414 -15.09368 1.000 12.46381 ? 113 ASP A C   1 
ATOM   922  O O   . ASP A 1 113 ? 5.77182   -17.21972 -14.09440 1.000 11.68032 ? 113 ASP A O   1 
ATOM   923  C CB  . ASP A 1 113 ? 3.66723   -17.12658 -16.00875 1.000 14.57770 ? 113 ASP A CB  1 
ATOM   924  C CG  . ASP A 1 113 ? 4.19432   -15.80220 -16.49248 1.000 14.29727 ? 113 ASP A CG  1 
ATOM   925  O OD1 . ASP A 1 113 ? 5.42972   -15.68167 -16.70672 1.000 14.31409 ? 113 ASP A OD1 1 
ATOM   926  O OD2 . ASP A 1 113 ? 3.36544   -14.86992 -16.63438 1.000 17.18679 ? 113 ASP A OD2 1 
ATOM   927  N N   . TYR A 1 114 ? 7.06618   -18.47618 -15.41840 1.000 12.14111 ? 114 TYR A N   1 
ATOM   928  C CA  . TYR A 1 114 ? 8.19225   -18.30719 -14.49933 1.000 12.61184 ? 114 TYR A CA  1 
ATOM   929  C C   . TYR A 1 114 ? 8.79180   -16.89695 -14.51081 1.000 11.82285 ? 114 TYR A C   1 
ATOM   930  O O   . TYR A 1 114 ? 9.20397   -16.41355 -13.44361 1.000 12.91374 ? 114 TYR A O   1 
ATOM   931  C CB  . TYR A 1 114 ? 9.22212   -19.41526 -14.77945 1.000 12.43441 ? 114 TYR A CB  1 
ATOM   932  C CG  . TYR A 1 114 ? 8.56518   -20.73940 -14.41982 1.000 13.89935 ? 114 TYR A CG  1 
ATOM   933  C CD1 . TYR A 1 114 ? 8.38866   -21.09549 -13.08128 1.000 14.70913 ? 114 TYR A CD1 1 
ATOM   934  C CD2 . TYR A 1 114 ? 8.01025   -21.56383 -15.39783 1.000 12.43609 ? 114 TYR A CD2 1 
ATOM   935  C CE1 . TYR A 1 114 ? 7.74102   -22.27747 -12.73803 1.000 17.40773 ? 114 TYR A CE1 1 
ATOM   936  C CE2 . TYR A 1 114 ? 7.34758   -22.74921 -15.05697 1.000 13.40463 ? 114 TYR A CE2 1 
ATOM   937  C CZ  . TYR A 1 114 ? 7.22571   -23.09698 -13.73009 1.000 16.54617 ? 114 TYR A CZ  1 
ATOM   938  O OH  . TYR A 1 114 ? 6.57716   -24.27556 -13.39025 1.000 19.13611 ? 114 TYR A OH  1 
ATOM   939  N N   . PRO A 1 115 ? 8.84508   -16.18504 -15.65469 1.000 13.25195 ? 115 PRO A N   1 
ATOM   940  C CA  . PRO A 1 115 ? 9.25756   -14.76983 -15.58557 1.000 12.90948 ? 115 PRO A CA  1 
ATOM   941  C C   . PRO A 1 115 ? 8.36500   -13.93677 -14.66308 1.000 11.46341 ? 115 PRO A C   1 
ATOM   942  O O   . PRO A 1 115 ? 8.88446   -13.14744 -13.86210 1.000 12.14459 ? 115 PRO A O   1 
ATOM   943  C CB  . PRO A 1 115 ? 9.18749   -14.30532 -17.05947 1.000 13.51751 ? 115 PRO A CB  1 
ATOM   944  C CG  . PRO A 1 115 ? 9.37611   -15.56919 -17.86435 1.000 13.79480 ? 115 PRO A CG  1 
ATOM   945  C CD  . PRO A 1 115 ? 8.66207   -16.63439 -17.05516 1.000 14.38653 ? 115 PRO A CD  1 
ATOM   946  N N   . THR A 1 116 ? 7.03970   -14.09509 -14.72674 1.000 11.52868 ? 116 THR A N   1 
ATOM   947  C CA  . THR A 1 116 ? 6.20400   -13.28189 -13.84164 1.000 9.79234  ? 116 THR A CA  1 
ATOM   948  C C   . THR A 1 116 ? 6.34034   -13.71932 -12.38357 1.000 12.60834 ? 116 THR A C   1 
ATOM   949  O O   . THR A 1 116 ? 6.35119   -12.87188 -11.47991 1.000 11.95456 ? 116 THR A O   1 
ATOM   950  C CB  . THR A 1 116 ? 4.74549   -13.31239 -14.29686 1.000 12.23050 ? 116 THR A CB  1 
ATOM   951  O OG1 . THR A 1 116 ? 4.67305   -12.81651 -15.64061 1.000 12.95226 ? 116 THR A OG1 1 
ATOM   952  C CG2 . THR A 1 116 ? 3.88286   -12.39404 -13.39796 1.000 12.92591 ? 116 THR A CG2 1 
ATOM   953  N N   . PHE A 1 117 ? 6.47461   -15.02825 -12.12833 1.000 10.32646 ? 117 PHE A N   1 
ATOM   954  C CA  . PHE A 1 117 ? 6.69295   -15.47409 -10.74733 1.000 11.21490 ? 117 PHE A CA  1 
ATOM   955  C C   . PHE A 1 117 ? 7.96337   -14.85027 -10.16767 1.000 11.72898 ? 117 PHE A C   1 
ATOM   956  O O   . PHE A 1 117 ? 7.98374   -14.33752 -9.02354  1.000 12.11988 ? 117 PHE A O   1 
ATOM   957  C CB  . PHE A 1 117 ? 6.76282   -17.00304 -10.70062 1.000 10.30279 ? 117 PHE A CB  1 
ATOM   958  C CG  . PHE A 1 117 ? 6.84697   -17.54433 -9.29472  1.000 11.02549 ? 117 PHE A CG  1 
ATOM   959  C CD1 . PHE A 1 117 ? 5.70257   -17.60323 -8.49711  1.000 12.77915 ? 117 PHE A CD1 1 
ATOM   960  C CD2 . PHE A 1 117 ? 8.07464   -17.95687 -8.75915  1.000 11.68878 ? 117 PHE A CD2 1 
ATOM   961  C CE1 . PHE A 1 117 ? 5.76290   -18.08107 -7.19006  1.000 13.57229 ? 117 PHE A CE1 1 
ATOM   962  C CE2 . PHE A 1 117 ? 8.15790   -18.44472 -7.43834  1.000 12.72910 ? 117 PHE A CE2 1 
ATOM   963  C CZ  . PHE A 1 117 ? 7.00426   -18.50513 -6.65599  1.000 13.84442 ? 117 PHE A CZ  1 
ATOM   964  N N   . ASN A 1 118 ? 9.02223   -14.82418 -10.98263 1.000 11.78139 ? 118 ASN A N   1 
ATOM   965  C CA  . ASN A 1 118 ? 10.27452  -14.21313 -10.55949 1.000 11.57580 ? 118 ASN A CA  1 
ATOM   966  C C   . ASN A 1 118 ? 10.08093  -12.72242 -10.27098 1.000 13.46945 ? 118 ASN A C   1 
ATOM   967  O O   . ASN A 1 118 ? 10.46362  -12.22660 -9.20308  1.000 12.25490 ? 118 ASN A O   1 
ATOM   968  C CB  . ASN A 1 118 ? 11.32510  -14.46825 -11.64540 1.000 12.60053 ? 118 ASN A CB  1 
ATOM   969  C CG  . ASN A 1 118 ? 12.65473  -13.80418 -11.35038 1.000 16.63053 ? 118 ASN A CG  1 
ATOM   970  O OD1 . ASN A 1 118 ? 12.79954  -12.58996 -11.51389 1.000 16.70733 ? 118 ASN A OD1 1 
ATOM   971  N ND2 . ASN A 1 118 ? 13.64851  -14.60482 -10.96170 1.000 15.89732 ? 118 ASN A ND2 1 
ATOM   972  N N   . PHE A 1 119 ? 9.44180   -12.00644 -11.20842 1.000 11.64534 ? 119 PHE A N   1 
ATOM   973  C CA  . PHE A 1 119 ? 9.16128   -10.58080 -11.04666 1.000 11.13429 ? 119 PHE A CA  1 
ATOM   974  C C   . PHE A 1 119 ? 8.39339   -10.29139 -9.75144  1.000 11.46240 ? 119 PHE A C   1 
ATOM   975  O O   . PHE A 1 119 ? 8.68344   -9.31453  -9.04366  1.000 11.21198 ? 119 PHE A O   1 
ATOM   976  C CB  . PHE A 1 119 ? 8.36513   -10.10227 -12.26952 1.000 13.51047 ? 119 PHE A CB  1 
ATOM   977  C CG  . PHE A 1 119 ? 7.71824   -8.76074  -12.08014 1.000 12.33917 ? 119 PHE A CG  1 
ATOM   978  C CD1 . PHE A 1 119 ? 8.47109   -7.60314  -12.17551 1.000 14.63065 ? 119 PHE A CD1 1 
ATOM   979  C CD2 . PHE A 1 119 ? 6.35955   -8.67181  -11.78933 1.000 15.52495 ? 119 PHE A CD2 1 
ATOM   980  C CE1 . PHE A 1 119 ? 7.88380   -6.34803  -11.98122 1.000 14.72493 ? 119 PHE A CE1 1 
ATOM   981  C CE2 . PHE A 1 119 ? 5.75196   -7.42216  -11.58102 1.000 14.41887 ? 119 PHE A CE2 1 
ATOM   982  C CZ  . PHE A 1 119 ? 6.50784   -6.26346  -11.67952 1.000 14.37997 ? 119 PHE A CZ  1 
ATOM   983  N N   . LEU A 1 120 ? 7.40260   -11.12172 -9.43278  1.000 11.62922 ? 120 LEU A N   1 
ATOM   984  C CA  . LEU A 1 120 ? 6.56212   -10.88970 -8.25887  1.000 12.02750 ? 120 LEU A CA  1 
ATOM   985  C C   . LEU A 1 120 ? 7.29969   -11.09646 -6.93248  1.000 11.38564 ? 120 LEU A C   1 
ATOM   986  O O   . LEU A 1 120 ? 6.80477   -10.63745 -5.88900  1.000 11.61677 ? 120 LEU A O   1 
ATOM   987  C CB  . LEU A 1 120 ? 5.34733   -11.82099 -8.32298  1.000 11.13586 ? 120 LEU A CB  1 
ATOM   988  C CG  . LEU A 1 120 ? 4.29868   -11.47296 -9.38488  1.000 12.42029 ? 120 LEU A CG  1 
ATOM   989  C CD1 . LEU A 1 120 ? 3.31486   -12.61513 -9.52344  1.000 11.92334 ? 120 LEU A CD1 1 
ATOM   990  C CD2 . LEU A 1 120 ? 3.57149   -10.16833 -9.01493  1.000 12.64922 ? 120 LEU A CD2 1 
ATOM   991  N N   . GLN A 1 121 ? 8.43535   -11.81400 -6.93988  1.000 12.09846 ? 121 GLN A N   1 
ATOM   992  C CA  . GLN A 1 121 ? 9.12903   -12.05643 -5.65847  1.000 12.08454 ? 121 GLN A CA  1 
ATOM   993  C C   . GLN A 1 121 ? 9.49670   -10.75778 -4.92703  1.000 12.38053 ? 121 GLN A C   1 
ATOM   994  O O   . GLN A 1 121 ? 9.45365   -10.70093 -3.68652  1.000 12.93932 ? 121 GLN A O   1 
ATOM   995  C CB  . GLN A 1 121 ? 10.37078  -12.91985 -5.86722  1.000 12.67019 ? 121 GLN A CB  1 
ATOM   996  C CG  . GLN A 1 121 ? 9.97608   -14.30624 -6.39805  1.000 12.35389 ? 121 GLN A CG  1 
ATOM   997  C CD  . GLN A 1 121 ? 8.84114   -14.93155 -5.59398  1.000 13.61236 ? 121 GLN A CD  1 
ATOM   998  O OE1 . GLN A 1 121 ? 8.97932   -15.16700 -4.38478  1.000 15.34147 ? 121 GLN A OE1 1 
ATOM   999  N NE2 . GLN A 1 121 ? 7.72054   -15.21121 -6.25334  1.000 13.08681 ? 121 GLN A NE2 1 
ATOM   1000 N N   . TRP A 1 122 ? 9.84747   -9.70694  -5.67281  1.000 12.47330 ? 122 TRP A N   1 
ATOM   1001 C CA  . TRP A 1 122 ? 10.09715  -8.40595  -5.04970  1.000 15.42870 ? 122 TRP A CA  1 
ATOM   1002 C C   . TRP A 1 122 ? 8.89379   -7.93558  -4.22768  1.000 13.12372 ? 122 TRP A C   1 
ATOM   1003 O O   . TRP A 1 122 ? 9.05361   -7.43377  -3.10551  1.000 14.48392 ? 122 TRP A O   1 
ATOM   1004 C CB  . TRP A 1 122 ? 10.44071  -7.36777  -6.12828  1.000 14.63159 ? 122 TRP A CB  1 
ATOM   1005 C CG  . TRP A 1 122 ? 10.85518  -6.01620  -5.55149  1.000 18.48460 ? 122 TRP A CG  1 
ATOM   1006 C CD1 . TRP A 1 122 ? 12.13670  -5.60027  -5.25404  1.000 22.27311 ? 122 TRP A CD1 1 
ATOM   1007 C CD2 . TRP A 1 122 ? 9.99177   -4.91617  -5.21144  1.000 15.58160 ? 122 TRP A CD2 1 
ATOM   1008 N NE1 . TRP A 1 122 ? 12.11480  -4.31744  -4.74786  1.000 20.63995 ? 122 TRP A NE1 1 
ATOM   1009 C CE2 . TRP A 1 122 ? 10.81547  -3.87627  -4.70988  1.000 21.06915 ? 122 TRP A CE2 1 
ATOM   1010 C CE3 . TRP A 1 122 ? 8.60303   -4.70831  -5.28616  1.000 17.32444 ? 122 TRP A CE3 1 
ATOM   1011 C CZ2 . TRP A 1 122 ? 10.29748  -2.64708  -4.29259  1.000 20.27872 ? 122 TRP A CZ2 1 
ATOM   1012 C CZ3 . TRP A 1 122 ? 8.08944   -3.48958  -4.86418  1.000 17.45351 ? 122 TRP A CZ3 1 
ATOM   1013 C CH2 . TRP A 1 122 ? 8.93829   -2.47167  -4.38067  1.000 19.82728 ? 122 TRP A CH2 1 
ATOM   1014 N N   . TYR A 1 123 ? 7.68574   -8.08568  -4.77748  1.000 11.97403 ? 123 TYR A N   1 
ATOM   1015 C CA  . TYR A 1 123 ? 6.47014   -7.66724  -4.08218  1.000 12.50842 ? 123 TYR A CA  1 
ATOM   1016 C C   . TYR A 1 123 ? 6.20199   -8.52186  -2.85447  1.000 13.09512 ? 123 TYR A C   1 
ATOM   1017 O O   . TYR A 1 123 ? 5.78215   -8.00158  -1.81781  1.000 13.22760 ? 123 TYR A O   1 
ATOM   1018 C CB  . TYR A 1 123 ? 5.27309   -7.74130  -5.02461  1.000 11.22774 ? 123 TYR A CB  1 
ATOM   1019 C CG  . TYR A 1 123 ? 5.30173   -6.66172  -6.07217  1.000 12.76527 ? 123 TYR A CG  1 
ATOM   1020 C CD1 . TYR A 1 123 ? 6.04761   -6.81863  -7.22776  1.000 14.73763 ? 123 TYR A CD1 1 
ATOM   1021 C CD2 . TYR A 1 123 ? 4.59673   -5.47618  -5.88976  1.000 15.76981 ? 123 TYR A CD2 1 
ATOM   1022 C CE1 . TYR A 1 123 ? 6.08405   -5.82085  -8.18902  1.000 13.16974 ? 123 TYR A CE1 1 
ATOM   1023 C CE2 . TYR A 1 123 ? 4.60875   -4.47067  -6.85537  1.000 15.02252 ? 123 TYR A CE2 1 
ATOM   1024 C CZ  . TYR A 1 123 ? 5.36532   -4.64905  -7.99335  1.000 15.17618 ? 123 TYR A CZ  1 
ATOM   1025 O OH  . TYR A 1 123 ? 5.40814   -3.67012  -8.96436  1.000 15.32617 ? 123 TYR A OH  1 
ATOM   1026 N N   . VAL A 1 124 ? 6.40340   -9.83776  -2.96596  1.000 11.94482 ? 124 VAL A N   1 
ATOM   1027 C CA  . VAL A 1 124 ? 6.21973   -10.70902 -1.80034  1.000 12.42522 ? 124 VAL A CA  1 
ATOM   1028 C C   . VAL A 1 124 ? 7.10647   -10.23786 -0.63826  1.000 14.59511 ? 124 VAL A C   1 
ATOM   1029 O O   . VAL A 1 124 ? 6.64074   -10.04716 0.50166   1.000 14.51449 ? 124 VAL A O   1 
ATOM   1030 C CB  . VAL A 1 124 ? 6.50668   -12.17760 -2.16789  1.000 12.32506 ? 124 VAL A CB  1 
ATOM   1031 C CG1 . VAL A 1 124 ? 6.42206   -13.07459 -0.89600  1.000 14.06186 ? 124 VAL A CG1 1 
ATOM   1032 C CG2 . VAL A 1 124 ? 5.53475   -12.66324 -3.22887  1.000 11.41429 ? 124 VAL A CG2 1 
ATOM   1033 N N   . ALA A 1 125 ? 8.38939   -9.99755  -0.92850  1.000 14.04444 ? 125 ALA A N   1 
ATOM   1034 C CA  . ALA A 1 125 ? 9.31456   -9.58961  0.13624   1.000 13.26726 ? 125 ALA A CA  1 
ATOM   1035 C C   . ALA A 1 125 ? 8.95936   -8.20643  0.68886   1.000 14.87777 ? 125 ALA A C   1 
ATOM   1036 O O   . ALA A 1 125 ? 8.95140   -7.97676  1.91793   1.000 14.27093 ? 125 ALA A O   1 
ATOM   1037 C CB  . ALA A 1 125 ? 10.74736  -9.60320  -0.39248  1.000 16.07461 ? 125 ALA A CB  1 
ATOM   1038 N N   . GLU A 1 126 ? 8.68902   -7.25706  -0.21047  1.000 14.51268 ? 126 GLU A N   1 
ATOM   1039 C CA  . GLU A 1 126 ? 8.43107   -5.88773  0.22422   1.000 16.11374 ? 126 GLU A CA  1 
ATOM   1040 C C   . GLU A 1 126 ? 7.13184   -5.79515  1.02228   1.000 16.28206 ? 126 GLU A C   1 
ATOM   1041 O O   . GLU A 1 126 ? 7.06293   -5.05851  2.01517   1.000 14.98563 ? 126 GLU A O   1 
ATOM   1042 C CB  . GLU A 1 126 ? 8.40993   -4.94918  -0.99135  1.000 14.87457 ? 126 GLU A CB  1 
ATOM   1043 C CG  . GLU A 1 126 ? 8.10594   -3.49097  -0.66334  1.000 18.31237 ? 126 GLU A CG  1 
ATOM   1044 C CD  . GLU A 1 126 ? 9.12258   -2.86681  0.28978   1.000 25.17595 ? 126 GLU A CD  1 
ATOM   1045 O OE1 . GLU A 1 126 ? 10.26804  -3.35395  0.32558   1.000 24.47941 ? 126 GLU A OE1 1 
ATOM   1046 O OE2 . GLU A 1 126 ? 8.77818   -1.88400  0.99842   1.000 23.91870 ? 126 GLU A OE2 1 
ATOM   1047 N N   . GLN A 1 127 ? 6.09122   -6.52799  0.60976   1.000 14.55428 ? 127 GLN A N   1 
ATOM   1048 C CA  . GLN A 1 127 ? 4.83506   -6.49659  1.35434   1.000 15.05060 ? 127 GLN A CA  1 
ATOM   1049 C C   . GLN A 1 127 ? 5.02097   -7.07595  2.74506   1.000 15.84813 ? 127 GLN A C   1 
ATOM   1050 O O   . GLN A 1 127 ? 4.43146   -6.57140  3.71046   1.000 16.23255 ? 127 GLN A O   1 
ATOM   1051 C CB  . GLN A 1 127 ? 3.73478   -7.24206  0.59311   1.000 14.32883 ? 127 GLN A CB  1 
ATOM   1052 C CG  . GLN A 1 127 ? 3.09553   -6.38529  -0.52073  1.000 12.13835 ? 127 GLN A CG  1 
ATOM   1053 C CD  . GLN A 1 127 ? 2.49335   -5.07853  0.02793   1.000 16.10598 ? 127 GLN A CD  1 
ATOM   1054 O OE1 . GLN A 1 127 ? 2.80622   -3.98950  -0.45302  1.000 15.40390 ? 127 GLN A OE1 1 
ATOM   1055 N NE2 . GLN A 1 127 ? 1.62529   -5.19320  1.04069   1.000 13.67386 ? 127 GLN A NE2 1 
ATOM   1056 N N   . HIS A 1 128 ? 5.84387   -8.12408  2.87166   1.000 15.46026 ? 128 HIS A N   1 
ATOM   1057 C CA  . HIS A 1 128 ? 6.17746   -8.61775  4.20790   1.000 15.57980 ? 128 HIS A CA  1 
ATOM   1058 C C   . HIS A 1 128 ? 6.72187   -7.49865  5.10031   1.000 16.13837 ? 128 HIS A C   1 
ATOM   1059 O O   . HIS A 1 128 ? 6.25103   -7.29515  6.23846   1.000 17.35601 ? 128 HIS A O   1 
ATOM   1060 C CB  . HIS A 1 128 ? 7.18809   -9.76006  4.10069   1.000 15.28291 ? 128 HIS A CB  1 
ATOM   1061 C CG  . HIS A 1 128 ? 7.62685   -10.29190 5.42998   1.000 18.91952 ? 128 HIS A CG  1 
ATOM   1062 N ND1 . HIS A 1 128 ? 6.96748   -11.32235 6.06974   1.000 22.77071 ? 128 HIS A ND1 1 
ATOM   1063 C CD2 . HIS A 1 128 ? 8.63709   -9.92176  6.25083   1.000 18.29009 ? 128 HIS A CD2 1 
ATOM   1064 C CE1 . HIS A 1 128 ? 7.57629   -11.58371 7.21371   1.000 22.67791 ? 128 HIS A CE1 1 
ATOM   1065 N NE2 . HIS A 1 128 ? 8.58647   -10.74293 7.35009   1.000 21.43556 ? 128 HIS A NE2 1 
ATOM   1066 N N   . GLU A 1 129 ? 7.68609   -6.73102  4.57461   1.000 14.65600 ? 129 GLU A N   1 
ATOM   1067 C CA  . GLU A 1 129 ? 8.27480   -5.63578  5.35581   1.000 16.43802 ? 129 GLU A CA  1 
ATOM   1068 C C   . GLU A 1 129 ? 7.24894   -4.55137  5.69118   1.000 18.51056 ? 129 GLU A C   1 
ATOM   1069 O O   . GLU A 1 129 ? 7.22299   -4.02599  6.81658   1.000 19.27288 ? 129 GLU A O   1 
ATOM   1070 C CB  . GLU A 1 129 ? 9.44525   -5.01895  4.59344   1.000 20.56589 ? 129 GLU A CB  1 
ATOM   1071 C CG  . GLU A 1 129 ? 10.58107  -6.00240  4.33395   1.000 21.37023 ? 129 GLU A CG  1 
ATOM   1072 C CD  . GLU A 1 129 ? 11.15663  -6.55384  5.62619   1.000 32.67396 ? 129 GLU A CD  1 
ATOM   1073 O OE1 . GLU A 1 129 ? 11.48342  -5.75031  6.53588   1.000 33.22461 ? 129 GLU A OE1 1 
ATOM   1074 O OE2 . GLU A 1 129 ? 11.26140  -7.79423  5.74146   1.000 33.31626 ? 129 GLU A OE2 1 
ATOM   1075 N N   . GLU A 1 130 ? 6.41261   -4.18055  4.71546   1.000 17.25993 ? 130 GLU A N   1 
ATOM   1076 C CA  . GLU A 1 130 ? 5.46322   -3.08440  4.94071   1.000 18.07333 ? 130 GLU A CA  1 
ATOM   1077 C C   . GLU A 1 130 ? 4.35792   -3.48575  5.91674   1.000 20.10932 ? 130 GLU A C   1 
ATOM   1078 O O   . GLU A 1 130 ? 3.93670   -2.67481  6.75824   1.000 18.45433 ? 130 GLU A O   1 
ATOM   1079 C CB  . GLU A 1 130 ? 4.89321   -2.60140  3.60161   1.000 16.67314 ? 130 GLU A CB  1 
ATOM   1080 C CG  . GLU A 1 130 ? 5.97946   -1.92930  2.74831   1.000 18.05600 ? 130 GLU A CG  1 
ATOM   1081 C CD  . GLU A 1 130 ? 5.49045   -1.43241  1.40227   1.000 18.56892 ? 130 GLU A CD  1 
ATOM   1082 O OE1 . GLU A 1 130 ? 4.26729   -1.38268  1.19816   1.000 19.93892 ? 130 GLU A OE1 1 
ATOM   1083 O OE2 . GLU A 1 130 ? 6.34531   -1.08379  0.55097   1.000 17.93125 ? 130 GLU A OE2 1 
ATOM   1084 N N   . GLU A 1 131 ? 3.88038   -4.73291  5.83807   1.000 18.82621 ? 131 GLU A N   1 
ATOM   1085 C CA  . GLU A 1 131 ? 2.94520   -5.21432  6.84707   1.000 21.45618 ? 131 GLU A CA  1 
ATOM   1086 C C   . GLU A 1 131 ? 3.55457   -5.14816  8.23747   1.000 20.99705 ? 131 GLU A C   1 
ATOM   1087 O O   . GLU A 1 131 ? 2.87303   -4.76939  9.20023   1.000 21.26634 ? 131 GLU A O   1 
ATOM   1088 C CB  . GLU A 1 131 ? 2.51737   -6.64987  6.54892   1.000 23.13918 ? 131 GLU A CB  1 
ATOM   1089 C CG  . GLU A 1 131 ? 1.41655   -6.75055  5.56111   1.000 24.71147 ? 131 GLU A CG  1 
ATOM   1090 C CD  . GLU A 1 131 ? 0.63123   -8.04159  5.71577   1.000 27.43266 ? 131 GLU A CD  1 
ATOM   1091 O OE1 . GLU A 1 131 ? 0.67371   -8.67154  6.80072   1.000 35.68317 ? 131 GLU A OE1 1 
ATOM   1092 O OE2 . GLU A 1 131 ? -0.06283  -8.41621  4.76244   1.000 25.70926 ? 131 GLU A OE2 1 
ATOM   1093 N N   . LYS A 1 132 ? 4.82415   -5.55007  8.37177   1.000 20.27529 ? 132 LYS A N   1 
ATOM   1094 C CA  . LYS A 1 132 ? 5.46567   -5.49295  9.68493   1.000 21.43602 ? 132 LYS A CA  1 
ATOM   1095 C C   . LYS A 1 132 ? 5.48679   -4.05919  10.21925  1.000 23.65788 ? 132 LYS A C   1 
ATOM   1096 O O   . LYS A 1 132 ? 5.19517   -3.81379  11.40019  1.000 22.67726 ? 132 LYS A O   1 
ATOM   1097 C CB  . LYS A 1 132 ? 6.87618   -6.07264  9.58304   1.000 25.23442 ? 132 LYS A CB  1 
ATOM   1098 C CG  . LYS A 1 132 ? 7.63536   -6.14395  10.88130  1.000 24.02333 ? 132 LYS A CG  1 
ATOM   1099 C CD  . LYS A 1 132 ? 9.04699   -6.62619  10.62598  1.000 27.96701 ? 132 LYS A CD  1 
ATOM   1100 C CE  . LYS A 1 132 ? 9.91885   -6.43148  11.85442  1.000 37.65171 ? 132 LYS A CE  1 
ATOM   1101 N NZ  . LYS A 1 132 ? 11.32524  -6.87233  11.63219  1.000 40.17671 ? 132 LYS A NZ  1 
ATOM   1102 N N   . LEU A 1 133 ? 5.78661   -3.09696  9.34655   1.000 20.81204 ? 133 LEU A N   1 
ATOM   1103 C CA  . LEU A 1 133 ? 5.81197   -1.69283  9.76304   1.000 20.96655 ? 133 LEU A CA  1 
ATOM   1104 C C   . LEU A 1 133 ? 4.43623   -1.22836  10.25342  1.000 21.27519 ? 133 LEU A C   1 
ATOM   1105 O O   . LEU A 1 133 ? 4.30642   -0.60563  11.32561  1.000 20.59289 ? 133 LEU A O   1 
ATOM   1106 C CB  . LEU A 1 133 ? 6.29444   -0.83500  8.59620   1.000 22.39526 ? 133 LEU A CB  1 
ATOM   1107 C CG  . LEU A 1 133 ? 6.31885   0.67231   8.83896   1.000 25.72837 ? 133 LEU A CG  1 
ATOM   1108 C CD1 . LEU A 1 133 ? 7.28057   0.99492   9.98551   1.000 26.28326 ? 133 LEU A CD1 1 
ATOM   1109 C CD2 . LEU A 1 133 ? 6.71463   1.39320   7.55618   1.000 24.95681 ? 133 LEU A CD2 1 
ATOM   1110 N N   . PHE A 1 134 ? 3.38717   -1.53281  9.48554   1.000 19.50034 ? 134 PHE A N   1 
ATOM   1111 C CA  . PHE A 1 134 ? 2.06272   -1.06152  9.88431   1.000 18.70714 ? 134 PHE A CA  1 
ATOM   1112 C C   . PHE A 1 134 ? 1.52828   -1.79383  11.11258  1.000 22.04351 ? 134 PHE A C   1 
ATOM   1113 O O   . PHE A 1 134 ? 0.82628   -1.18677  11.93429  1.000 19.56060 ? 134 PHE A O   1 
ATOM   1114 C CB  . PHE A 1 134 ? 1.08805   -1.15261  8.71651   1.000 17.52113 ? 134 PHE A CB  1 
ATOM   1115 C CG  . PHE A 1 134 ? 1.20278   0.02417   7.79926   1.000 17.01816 ? 134 PHE A CG  1 
ATOM   1116 C CD1 . PHE A 1 134 ? 0.51760   1.20137   8.09101   1.000 18.02742 ? 134 PHE A CD1 1 
ATOM   1117 C CD2 . PHE A 1 134 ? 2.04492   -0.00702  6.71035   1.000 21.54080 ? 134 PHE A CD2 1 
ATOM   1118 C CE1 . PHE A 1 134 ? 0.65293   2.30745   7.29744   1.000 18.36510 ? 134 PHE A CE1 1 
ATOM   1119 C CE2 . PHE A 1 134 ? 2.17427   1.11640   5.88739   1.000 19.17875 ? 134 PHE A CE2 1 
ATOM   1120 C CZ  . PHE A 1 134 ? 1.46877   2.27217   6.18954   1.000 20.42716 ? 134 PHE A CZ  1 
ATOM   1121 N N   . LYS A 1 135 ? 1.87211   -3.07410  11.27594  1.000 17.31774 ? 135 LYS A N   1 
ATOM   1122 C CA  . LYS A 1 135 ? 1.54066   -3.77218  12.52055  1.000 20.51995 ? 135 LYS A CA  1 
ATOM   1123 C C   . LYS A 1 135 ? 2.20688   -3.10607  13.72489  1.000 19.75818 ? 135 LYS A C   1 
ATOM   1124 O O   . LYS A 1 135 ? 1.58971   -2.97939  14.79525  1.000 19.97269 ? 135 LYS A O   1 
ATOM   1125 C CB  . LYS A 1 135 ? 1.96295   -5.23962  12.42204  1.000 20.64320 ? 135 LYS A CB  1 
ATOM   1126 C CG  . LYS A 1 135 ? 1.55060   -6.11437  13.62060  1.000 22.73841 ? 135 LYS A CG  1 
ATOM   1127 C CD  . LYS A 1 135 ? 0.03707   -6.04030  13.82934  1.000 27.98212 ? 135 LYS A CD  1 
ATOM   1128 C CE  . LYS A 1 135 ? -0.51241  -7.12325  14.77759  1.000 36.85173 ? 135 LYS A CE  1 
ATOM   1129 N NZ  . LYS A 1 135 ? 0.01496   -7.05279  16.17824  1.000 37.83199 ? 135 LYS A NZ  1 
ATOM   1130 N N   . SER A 1 136 ? 3.45738   -2.66114  13.56951  1.000 19.24437 ? 136 SER A N   1 
ATOM   1131 C CA  . SER A 1 136 ? 4.12389   -1.98638  14.68606  1.000 20.36642 ? 136 SER A CA  1 
ATOM   1132 C C   . SER A 1 136 ? 3.41924   -0.67788  15.04832  1.000 22.32774 ? 136 SER A C   1 
ATOM   1133 O O   . SER A 1 136 ? 3.30771   -0.33320  16.22977  1.000 20.63216 ? 136 SER A O   1 
ATOM   1134 C CB  . SER A 1 136 ? 5.59756   -1.74237  14.36604  1.000 21.35881 ? 136 SER A CB  1 
ATOM   1135 O OG  . SER A 1 136 ? 5.77120   -0.58745  13.57021  1.000 26.03569 ? 136 SER A OG  1 
ATOM   1136 N N   . ILE A 1 137 ? 2.93030   0.06433   14.05052  1.000 18.40292 ? 137 ILE A N   1 
ATOM   1137 C CA  . ILE A 1 137 ? 2.18239   1.28974   14.37313  1.000 18.67417 ? 137 ILE A CA  1 
ATOM   1138 C C   . ILE A 1 137 ? 0.87862   0.96685   15.10303  1.000 18.05810 ? 137 ILE A C   1 
ATOM   1139 O O   . ILE A 1 137 ? 0.49353   1.65858   16.06470  1.000 19.43958 ? 137 ILE A O   1 
ATOM   1140 C CB  . ILE A 1 137 ? 1.91744   2.11041   13.10011  1.000 17.42487 ? 137 ILE A CB  1 
ATOM   1141 C CG1 . ILE A 1 137 ? 3.23500   2.54313   12.47832  1.000 19.13382 ? 137 ILE A CG1 1 
ATOM   1142 C CG2 . ILE A 1 137 ? 1.00002   3.30922   13.40234  1.000 17.90194 ? 137 ILE A CG2 1 
ATOM   1143 C CD1 . ILE A 1 137 ? 3.05741   3.09298   11.04226  1.000 19.64620 ? 137 ILE A CD1 1 
ATOM   1144 N N   . ILE A 1 138 ? 0.15255   -0.05433  14.63424  1.000 16.79362 ? 138 ILE A N   1 
ATOM   1145 C CA  . ILE A 1 138 ? -1.05849  -0.48945  15.32595  1.000 18.76191 ? 138 ILE A CA  1 
ATOM   1146 C C   . ILE A 1 138 ? -0.75256  -0.83350  16.78177  1.000 17.72947 ? 138 ILE A C   1 
ATOM   1147 O O   . ILE A 1 138 ? -1.52903  -0.50554  17.68849  1.000 18.10928 ? 138 ILE A O   1 
ATOM   1148 C CB  . ILE A 1 138 ? -1.69476  -1.68798  14.58930  1.000 22.07338 ? 138 ILE A CB  1 
ATOM   1149 C CG1 . ILE A 1 138 ? -2.17071  -1.27733  13.19660  1.000 24.80667 ? 138 ILE A CG1 1 
ATOM   1150 C CG2 . ILE A 1 138 ? -2.83882  -2.28361  15.39442  1.000 26.66774 ? 138 ILE A CG2 1 
ATOM   1151 C CD1 . ILE A 1 138 ? -3.09623  -0.11163  13.19378  1.000 24.24589 ? 138 ILE A CD1 1 
ATOM   1152 N N   . ASP A 1 139 ? 0.37272   -1.51158  17.02129  1.000 17.21757 ? 139 ASP A N   1 
ATOM   1153 C CA  . ASP A 1 139 ? 0.74475   -1.91092  18.37838  1.000 19.36598 ? 139 ASP A CA  1 
ATOM   1154 C C   . ASP A 1 139 ? 1.04259   -0.69627  19.25159  1.000 20.38294 ? 139 ASP A C   1 
ATOM   1155 O O   . ASP A 1 139 ? 0.65124   -0.65426  20.43096  1.000 20.33509 ? 139 ASP A O   1 
ATOM   1156 C CB  . ASP A 1 139 ? 1.95726   -2.84393  18.33462  1.000 23.29303 ? 139 ASP A CB  1 
ATOM   1157 C CG  . ASP A 1 139 ? 1.61780   -4.24223  17.79044  1.000 26.05426 ? 139 ASP A CG  1 
ATOM   1158 O OD1 . ASP A 1 139 ? 0.42159   -4.53785  17.57537  1.000 31.73638 ? 139 ASP A OD1 1 
ATOM   1159 O OD2 . ASP A 1 139 ? 2.55456   -5.04990  17.58428  1.000 30.07811 ? 139 ASP A OD2 1 
ATOM   1160 N N   . LYS A 1 140 ? 1.75338   0.29371   18.69312  1.000 17.81050 ? 140 LYS A N   1 
ATOM   1161 C CA  . LYS A 1 140 ? 2.00408   1.53563   19.42901  1.000 19.80016 ? 140 LYS A CA  1 
ATOM   1162 C C   . LYS A 1 140 ? 0.70388   2.24937   19.78828  1.000 18.52159 ? 140 LYS A C   1 
ATOM   1163 O O   . LYS A 1 140 ? 0.54399   2.73560   20.91631  1.000 18.19336 ? 140 LYS A O   1 
ATOM   1164 C CB  . LYS A 1 140 ? 2.91792   2.45686   18.61568  1.000 20.36539 ? 140 LYS A CB  1 
ATOM   1165 C CG  . LYS A 1 140 ? 4.35359   1.99945   18.64851  1.000 26.20651 ? 140 LYS A CG  1 
ATOM   1166 C CD  . LYS A 1 140 ? 5.19178   2.55518   17.51207  1.000 32.46336 ? 140 LYS A CD  1 
ATOM   1167 C CE  . LYS A 1 140 ? 6.60566   1.97754   17.64993  1.000 31.96722 ? 140 LYS A CE  1 
ATOM   1168 N NZ  . LYS A 1 140 ? 7.38143   2.07736   16.39441  1.000 40.89920 ? 140 LYS A NZ  1 
ATOM   1169 N N   . LEU A 1 141 ? -0.23616  2.33207   18.84164  1.000 15.69830 ? 141 LEU A N   1 
ATOM   1170 C CA  . LEU A 1 141 ? -1.51350  2.97832   19.12891  1.000 18.40279 ? 141 LEU A CA  1 
ATOM   1171 C C   . LEU A 1 141 ? -2.30913  2.20842   20.18054  1.000 20.56382 ? 141 LEU A C   1 
ATOM   1172 O O   . LEU A 1 141 ? -2.94703  2.81356   21.05084  1.000 19.41481 ? 141 LEU A O   1 
ATOM   1173 C CB  . LEU A 1 141 ? -2.32267  3.13532   17.83617  1.000 18.38608 ? 141 LEU A CB  1 
ATOM   1174 C CG  . LEU A 1 141 ? -1.78219  4.17315   16.85326  1.000 18.95215 ? 141 LEU A CG  1 
ATOM   1175 C CD1 . LEU A 1 141 ? -2.31208  3.89721   15.44410  1.000 19.76000 ? 141 LEU A CD1 1 
ATOM   1176 C CD2 . LEU A 1 141 ? -2.19561  5.56923   17.31949  1.000 20.87009 ? 141 LEU A CD2 1 
ATOM   1177 N N   . SER A 1 142 ? -2.26588  0.87412   20.13207  1.000 18.05025 ? 142 SER A N   1 
ATOM   1178 C CA  . SER A 1 142 ? -2.95371  0.07830   21.14117  1.000 21.44215 ? 142 SER A CA  1 
ATOM   1179 C C   . SER A 1 142 ? -2.36836  0.32273   22.52798  1.000 23.17437 ? 142 SER A C   1 
ATOM   1180 O O   . SER A 1 142 ? -3.09793  0.34274   23.52905  1.000 22.05756 ? 142 SER A O   1 
ATOM   1181 C CB  . SER A 1 142 ? -2.85757  -1.40121  20.77881  1.000 24.65963 ? 142 SER A CB  1 
ATOM   1182 O OG  . SER A 1 142 ? -3.53240  -2.16335  21.75094  1.000 32.45915 ? 142 SER A OG  1 
ATOM   1183 N N   . LEU A 1 143 ? -1.05114  0.51349   22.60194  1.000 17.92551 ? 143 LEU A N   1 
ATOM   1184 C CA  . LEU A 1 143 ? -0.38718  0.67393   23.89136  1.000 21.26026 ? 143 LEU A CA  1 
ATOM   1185 C C   . LEU A 1 143 ? -0.60025  2.06890   24.46598  1.000 21.80843 ? 143 LEU A C   1 
ATOM   1186 O O   . LEU A 1 143 ? -1.02609  2.22112   25.61778  1.000 22.03241 ? 143 LEU A O   1 
ATOM   1187 C CB  . LEU A 1 143 ? 1.10535   0.38568   23.73066  1.000 21.27257 ? 143 LEU A CB  1 
ATOM   1188 C CG  . LEU A 1 143 ? 2.01255   0.39181   24.95878  1.000 23.50447 ? 143 LEU A CG  1 
ATOM   1189 C CD1 . LEU A 1 143 ? 1.56546   -0.67639  25.95921  1.000 22.31071 ? 143 LEU A CD1 1 
ATOM   1190 C CD2 . LEU A 1 143 ? 3.44822   0.15001   24.49048  1.000 21.92823 ? 143 LEU A CD2 1 
ATOM   1191 N N   . ALA A 1 144 ? -0.31931  3.10053   23.67350  1.000 18.89348 ? 144 ALA A N   1 
ATOM   1192 C CA  . ALA A 1 144 ? -0.21446  4.45817   24.18245  1.000 20.12003 ? 144 ALA A CA  1 
ATOM   1193 C C   . ALA A 1 144 ? -1.20702  5.42363   23.55721  1.000 19.73055 ? 144 ALA A C   1 
ATOM   1194 O O   . ALA A 1 144 ? -1.17137  6.61463   23.88417  1.000 21.42640 ? 144 ALA A O   1 
ATOM   1195 C CB  . ALA A 1 144 ? 1.20767   4.98942   23.96176  1.000 19.07939 ? 144 ALA A CB  1 
ATOM   1196 N N   . GLY A 1 145 ? -2.09979  4.95372   22.69226  1.000 18.18832 ? 145 GLY A N   1 
ATOM   1197 C CA  . GLY A 1 145 ? -2.96272  5.83834   21.94619  1.000 21.36043 ? 145 GLY A CA  1 
ATOM   1198 C C   . GLY A 1 145 ? -4.24037  6.25062   22.64267  1.000 22.24925 ? 145 GLY A C   1 
ATOM   1199 O O   . GLY A 1 145 ? -5.06015  6.94247   22.02817  1.000 22.34584 ? 145 GLY A O   1 
ATOM   1200 N N   . LYS A 1 146 ? -4.44160  5.86019   23.89949  1.000 20.15040 ? 146 LYS A N   1 
ATOM   1201 C CA  . LYS A 1 146 ? -5.69249  6.14271   24.59926  1.000 24.97359 ? 146 LYS A CA  1 
ATOM   1202 C C   . LYS A 1 146 ? -5.67752  7.47471   25.34043  1.000 28.07043 ? 146 LYS A C   1 
ATOM   1203 O O   . LYS A 1 146 ? -6.61405  7.75451   26.09413  1.000 27.39625 ? 146 LYS A O   1 
ATOM   1204 C CB  . LYS A 1 146 ? -6.03309  5.02877   25.60483  1.000 29.51244 ? 146 LYS A CB  1 
ATOM   1205 C CG  . LYS A 1 146 ? -5.92117  3.59206   25.08849  1.000 31.26493 ? 146 LYS A CG  1 
ATOM   1206 C CD  . LYS A 1 146 ? -6.71699  3.36476   23.81581  1.000 34.57078 ? 146 LYS A CD  1 
ATOM   1207 C CE  . LYS A 1 146 ? -7.08281  1.86992   23.63856  1.000 46.00813 ? 146 LYS A CE  1 
ATOM   1208 N NZ  . LYS A 1 146 ? -5.93109  0.92575   23.88442  1.000 43.37524 ? 146 LYS A NZ  1 
ATOM   1209 N N   . SER A 1 147 ? -4.63529  8.28254   25.17326  1.000 21.44286 ? 147 SER A N   1 
ATOM   1210 C CA  . SER A 1 147 ? -4.59435  9.62685   25.73715  1.000 24.32201 ? 147 SER A CA  1 
ATOM   1211 C C   . SER A 1 147 ? -4.08777  10.58303  24.66483  1.000 23.92424 ? 147 SER A C   1 
ATOM   1212 O O   . SER A 1 147 ? -3.40568  10.18037  23.71905  1.000 21.84950 ? 147 SER A O   1 
ATOM   1213 C CB  . SER A 1 147 ? -3.68639  9.71052   26.97561  1.000 26.04739 ? 147 SER A CB  1 
ATOM   1214 O OG  . SER A 1 147 ? -2.33213  9.38587   26.64315  1.000 23.86016 ? 147 SER A OG  1 
ATOM   1215 N N   . GLY A 1 148 ? -4.43207  11.86343  24.82011  1.000 24.21001 ? 148 GLY A N   1 
ATOM   1216 C CA  . GLY A 1 148 ? -3.87262  12.87404  23.93251  1.000 23.82562 ? 148 GLY A CA  1 
ATOM   1217 C C   . GLY A 1 148 ? -2.36168  12.96182  24.03110  1.000 22.07724 ? 148 GLY A C   1 
ATOM   1218 O O   . GLY A 1 148 ? -1.67591  13.15053  23.02386  1.000 22.06348 ? 148 GLY A O   1 
ATOM   1219 N N   . GLU A 1 149 ? -1.81630  12.81263  25.24671  1.000 21.61359 ? 149 GLU A N   1 
ATOM   1220 C CA  . GLU A 1 149 ? -0.36629  12.78880  25.41142  1.000 20.16368 ? 149 GLU A CA  1 
ATOM   1221 C C   . GLU A 1 149 ? 0.26438   11.64443  24.61876  1.000 22.97059 ? 149 GLU A C   1 
ATOM   1222 O O   . GLU A 1 149 ? 1.26877   11.83624  23.91388  1.000 23.97624 ? 149 GLU A O   1 
ATOM   1223 C CB  . GLU A 1 149 ? -0.00756  12.67991  26.89560  1.000 23.89485 ? 149 GLU A CB  1 
ATOM   1224 C CG  . GLU A 1 149 ? -0.44608  13.88698  27.72090  1.000 26.68413 ? 149 GLU A CG  1 
ATOM   1225 C CD  . GLU A 1 149 ? -1.90694  13.82889  28.19521  1.000 34.59171 ? 149 GLU A CD  1 
ATOM   1226 O OE1 . GLU A 1 149 ? -2.61049  12.82600  27.91789  1.000 27.60376 ? 149 GLU A OE1 1 
ATOM   1227 O OE2 . GLU A 1 149 ? -2.34659  14.80277  28.85372  1.000 30.00123 ? 149 GLU A OE2 1 
ATOM   1228 N N   . GLY A 1 150 ? -0.29643  10.43624  24.74286  1.000 20.67285 ? 150 GLY A N   1 
ATOM   1229 C CA  . GLY A 1 150 ? 0.24297   9.30855   23.99732  1.000 20.49147 ? 150 GLY A CA  1 
ATOM   1230 C C   . GLY A 1 150 ? 0.18738   9.52540   22.49478  1.000 18.98020 ? 150 GLY A C   1 
ATOM   1231 O O   . GLY A 1 150 ? 1.15255   9.23534   21.78044  1.000 19.50500 ? 150 GLY A O   1 
ATOM   1232 N N   . LEU A 1 151 ? -0.93950  10.04396  22.00160  1.000 20.16735 ? 151 LEU A N   1 
ATOM   1233 C CA  . LEU A 1 151 ? -1.06245  10.33922  20.57385  1.000 20.20295 ? 151 LEU A CA  1 
ATOM   1234 C C   . LEU A 1 151 ? -0.03149  11.37122  20.13841  1.000 21.04979 ? 151 LEU A C   1 
ATOM   1235 O O   . LEU A 1 151 ? 0.53852   11.26487  19.04860  1.000 18.78248 ? 151 LEU A O   1 
ATOM   1236 C CB  . LEU A 1 151 ? -2.47107  10.82620  20.25195  1.000 19.98830 ? 151 LEU A CB  1 
ATOM   1237 C CG  . LEU A 1 151 ? -3.58490  9.78111   20.32585  1.000 21.97567 ? 151 LEU A CG  1 
ATOM   1238 C CD1 . LEU A 1 151 ? -4.92640  10.43962  20.03493  1.000 23.88542 ? 151 LEU A CD1 1 
ATOM   1239 C CD2 . LEU A 1 151 ? -3.31151  8.62183   19.35612  1.000 21.38751 ? 151 LEU A CD2 1 
ATOM   1240 N N   . TYR A 1 152 ? 0.22502   12.37154  20.98541  1.000 20.36569 ? 152 TYR A N   1 
ATOM   1241 C CA  . TYR A 1 152 ? 1.28762   13.33983  20.72283  1.000 19.92115 ? 152 TYR A CA  1 
ATOM   1242 C C   . TYR A 1 152 ? 2.64226   12.65030  20.52652  1.000 18.84357 ? 152 TYR A C   1 
ATOM   1243 O O   . TYR A 1 152 ? 3.37945   12.94028  19.56524  1.000 19.03685 ? 152 TYR A O   1 
ATOM   1244 C CB  . TYR A 1 152 ? 1.31253   14.35358  21.87676  1.000 20.07922 ? 152 TYR A CB  1 
ATOM   1245 C CG  . TYR A 1 152 ? 2.47851   15.30095  21.87949  1.000 19.96859 ? 152 TYR A CG  1 
ATOM   1246 C CD1 . TYR A 1 152 ? 2.47491   16.44660  21.08768  1.000 21.41450 ? 152 TYR A CD1 1 
ATOM   1247 C CD2 . TYR A 1 152 ? 3.58565   15.06516  22.68628  1.000 26.69628 ? 152 TYR A CD2 1 
ATOM   1248 C CE1 . TYR A 1 152 ? 3.56984   17.32528  21.09029  1.000 24.46031 ? 152 TYR A CE1 1 
ATOM   1249 C CE2 . TYR A 1 152 ? 4.67411   15.93509  22.69580  1.000 27.16397 ? 152 TYR A CE2 1 
ATOM   1250 C CZ  . TYR A 1 152 ? 4.65534   17.06403  21.89986  1.000 25.57507 ? 152 TYR A CZ  1 
ATOM   1251 O OH  . TYR A 1 152 ? 5.72989   17.92818  21.91235  1.000 27.24172 ? 152 TYR A OH  1 
ATOM   1252 N N   . PHE A 1 153 ? 2.98759   11.71144  21.41631  1.000 20.07208 ? 153 PHE A N   1 
ATOM   1253 C CA  . PHE A 1 153 ? 4.26988   11.01271  21.25137  1.000 20.66123 ? 153 PHE A CA  1 
ATOM   1254 C C   . PHE A 1 153 ? 4.28816   10.13637  20.00354  1.000 20.66548 ? 153 PHE A C   1 
ATOM   1255 O O   . PHE A 1 153 ? 5.30404   10.07371  19.29602  1.000 18.96074 ? 153 PHE A O   1 
ATOM   1256 C CB  . PHE A 1 153 ? 4.59200   10.15146  22.46884  1.000 22.03557 ? 153 PHE A CB  1 
ATOM   1257 C CG  . PHE A 1 153 ? 4.51388   10.89886  23.74059  1.000 31.20677 ? 153 PHE A CG  1 
ATOM   1258 C CD1 . PHE A 1 153 ? 5.34475   11.97145  23.95946  1.000 31.15302 ? 153 PHE A CD1 1 
ATOM   1259 C CD2 . PHE A 1 153 ? 3.58467   10.54792  24.70942  1.000 32.45683 ? 153 PHE A CD2 1 
ATOM   1260 C CE1 . PHE A 1 153 ? 5.26441   12.67555  25.12130  1.000 35.16643 ? 153 PHE A CE1 1 
ATOM   1261 C CE2 . PHE A 1 153 ? 3.48435   11.26136  25.87541  1.000 35.91246 ? 153 PHE A CE2 1 
ATOM   1262 C CZ  . PHE A 1 153 ? 4.32779   12.31529  26.07993  1.000 35.62987 ? 153 PHE A CZ  1 
ATOM   1263 N N   . ILE A 1 154 ? 3.18607   9.42999   19.73113  1.000 19.44606 ? 154 ILE A N   1 
ATOM   1264 C CA  . ILE A 1 154 ? 3.15670   8.54947   18.55933  1.000 17.24698 ? 154 ILE A CA  1 
ATOM   1265 C C   . ILE A 1 154 ? 3.26748   9.36990   17.27997  1.000 17.78682 ? 154 ILE A C   1 
ATOM   1266 O O   . ILE A 1 154 ? 3.98729   8.99656   16.35005  1.000 18.45605 ? 154 ILE A O   1 
ATOM   1267 C CB  . ILE A 1 154 ? 1.88671   7.67679   18.57083  1.000 17.61234 ? 154 ILE A CB  1 
ATOM   1268 C CG1 . ILE A 1 154 ? 1.94592   6.67792   19.72907  1.000 20.29065 ? 154 ILE A CG1 1 
ATOM   1269 C CG2 . ILE A 1 154 ? 1.72993   6.93505   17.24200  1.000 16.63407 ? 154 ILE A CG2 1 
ATOM   1270 C CD1 . ILE A 1 154 ? 0.58495   6.11300   20.10177  1.000 22.37518 ? 154 ILE A CD1 1 
ATOM   1271 N N   . ASP A 1 155 ? 2.56448   10.50224  17.21851  1.000 16.91367 ? 155 ASP A N   1 
ATOM   1272 C CA  . ASP A 1 155 ? 2.64895   11.38665  16.05886  1.000 17.63070 ? 155 ASP A CA  1 
ATOM   1273 C C   . ASP A 1 155 ? 4.07913   11.85029  15.83848  1.000 19.61510 ? 155 ASP A C   1 
ATOM   1274 O O   . ASP A 1 155 ? 4.58400   11.83593  14.70230  1.000 19.15069 ? 155 ASP A O   1 
ATOM   1275 C CB  . ASP A 1 155 ? 1.72197   12.58352  16.26889  1.000 17.98101 ? 155 ASP A CB  1 
ATOM   1276 C CG  . ASP A 1 155 ? 1.69603   13.51447  15.07874  1.000 22.96474 ? 155 ASP A CG  1 
ATOM   1277 O OD1 . ASP A 1 155 ? 1.05888   13.15201  14.06892  1.000 23.53051 ? 155 ASP A OD1 1 
ATOM   1278 O OD2 . ASP A 1 155 ? 2.31756   14.59667  15.15288  1.000 24.65217 ? 155 ASP A OD2 1 
ATOM   1279 N N   . LYS A 1 156 ? 4.76061   12.24242  16.92809  1.000 19.97699 ? 156 LYS A N   1 
ATOM   1280 C CA  . LYS A 1 156 ? 6.15074   12.66973  16.79800  1.000 19.32421 ? 156 LYS A CA  1 
ATOM   1281 C C   . LYS A 1 156 ? 7.02984   11.53661  16.29183  1.000 19.74321 ? 156 LYS A C   1 
ATOM   1282 O O   . LYS A 1 156 ? 7.91863   11.75048  15.45725  1.000 22.68486 ? 156 LYS A O   1 
ATOM   1283 C CB  . LYS A 1 156 ? 6.65893   13.19692  18.14102  1.000 23.01274 ? 156 LYS A CB  1 
ATOM   1284 C CG  . LYS A 1 156 ? 8.06870   13.70004  18.09109  1.000 28.93263 ? 156 LYS A CG  1 
ATOM   1285 C CD  . LYS A 1 156 ? 8.18851   14.98346  18.90524  1.000 43.29393 ? 156 LYS A CD  1 
ATOM   1286 C CE  . LYS A 1 156 ? 7.58289   14.82111  20.30123  1.000 35.94271 ? 156 LYS A CE  1 
ATOM   1287 N NZ  . LYS A 1 156 ? 7.86619   15.99557  21.16956  1.000 36.29340 ? 156 LYS A NZ  1 
ATOM   1288 N N   . GLU A 1 157 ? 6.79260   10.31096  16.76508  1.000 18.88384 ? 157 GLU A N   1 
ATOM   1289 C CA  . GLU A 1 157 ? 7.55442   9.18907   16.22643  1.000 18.09135 ? 157 GLU A CA  1 
ATOM   1290 C C   . GLU A 1 157 ? 7.27059   8.98485   14.73690  1.000 21.18062 ? 157 GLU A C   1 
ATOM   1291 O O   . GLU A 1 157 ? 8.18885   8.72970   13.94541  1.000 23.04651 ? 157 GLU A O   1 
ATOM   1292 C CB  . GLU A 1 157 ? 7.23432   7.91596   17.00091  1.000 23.10905 ? 157 GLU A CB  1 
ATOM   1293 C CG  . GLU A 1 157 ? 8.08400   6.74536   16.58141  1.000 24.74055 ? 157 GLU A CG  1 
ATOM   1294 C CD  . GLU A 1 157 ? 7.83144   5.49598   17.41246  1.000 32.88998 ? 157 GLU A CD  1 
ATOM   1295 O OE1 . GLU A 1 157 ? 7.03844   5.54662   18.38651  1.000 27.78489 ? 157 GLU A OE1 1 
ATOM   1296 O OE2 . GLU A 1 157 ? 8.42819   4.45317   17.07180  1.000 37.65045 ? 157 GLU A OE2 1 
ATOM   1297 N N   . LEU A 1 158 ? 5.99886   9.08148   14.34139  1.000 20.14190 ? 158 LEU A N   1 
ATOM   1298 C CA  . LEU A 1 158 ? 5.64442   8.84423   12.94217  1.000 18.47133 ? 158 LEU A CA  1 
ATOM   1299 C C   . LEU A 1 158 ? 6.30031   9.86073   12.02105  1.000 19.66324 ? 158 LEU A C   1 
ATOM   1300 O O   . LEU A 1 158 ? 6.60900   9.54096   10.86569  1.000 18.72557 ? 158 LEU A O   1 
ATOM   1301 C CB  . LEU A 1 158 ? 4.12853   8.88223   12.76441  1.000 16.66330 ? 158 LEU A CB  1 
ATOM   1302 C CG  . LEU A 1 158 ? 3.36692   7.69717   13.36834  1.000 17.92382 ? 158 LEU A CG  1 
ATOM   1303 C CD1 . LEU A 1 158 ? 1.88371   7.99603   13.41021  1.000 15.54555 ? 158 LEU A CD1 1 
ATOM   1304 C CD2 . LEU A 1 158 ? 3.63651   6.44089   12.54260  1.000 19.52079 ? 158 LEU A CD2 1 
ATOM   1305 N N   . SER A 1 159 ? 6.51062   11.09219  12.50994  1.000 20.64046 ? 159 SER A N   1 
ATOM   1306 C CA  . SER A 1 159 ? 7.08142   12.13272  11.65192  1.000 21.64862 ? 159 SER A CA  1 
ATOM   1307 C C   . SER A 1 159 ? 8.39716   11.70478  11.00584  1.000 23.22106 ? 159 SER A C   1 
ATOM   1308 O O   . SER A 1 159 ? 8.69594   12.13337  9.88786   1.000 24.52098 ? 159 SER A O   1 
ATOM   1309 C CB  . SER A 1 159 ? 7.30589   13.42280  12.43726  1.000 21.83402 ? 159 SER A CB  1 
ATOM   1310 O OG  . SER A 1 159 ? 8.40596   13.24617  13.30602  1.000 25.52016 ? 159 SER A OG  1 
ATOM   1311 N N   . THR A 1 160 ? 9.18745   10.85535  11.67003  1.000 23.58537 ? 160 THR A N   1 
ATOM   1312 C CA  . THR A 1 160 ? 10.45111  10.37668  11.10312  1.000 25.64894 ? 160 THR A CA  1 
ATOM   1313 C C   . THR A 1 160 ? 10.52466  8.85560   10.96569  1.000 31.11011 ? 160 THR A C   1 
ATOM   1314 O O   . THR A 1 160 ? 11.59585  8.32588   10.64578  1.000 30.62036 ? 160 THR A O   1 
ATOM   1315 C CB  . THR A 1 160 ? 11.63745  10.87191  11.94666  1.000 30.31129 ? 160 THR A CB  1 
ATOM   1316 O OG1 . THR A 1 160 ? 11.52556  10.37370  13.28890  1.000 30.37128 ? 160 THR A OG1 1 
ATOM   1317 C CG2 . THR A 1 160 ? 11.66452  12.39030  11.99010  1.000 29.47231 ? 160 THR A CG2 1 
ATOM   1318 N N   . LEU A 1 161 ? 9.42503   8.13682   11.18623  1.000 27.06611 ? 161 LEU A N   1 
ATOM   1319 C CA  . LEU A 1 161 ? 9.47421   6.67928   11.16672  1.000 31.05295 ? 161 LEU A CA  1 
ATOM   1320 C C   . LEU A 1 161 ? 9.83053   6.14605   9.78067   1.000 33.37374 ? 161 LEU A C   1 
ATOM   1321 O O   . LEU A 1 161 ? 9.28330   6.58703   8.76390   1.000 29.86294 ? 161 LEU A O   1 
ATOM   1322 C CB  . LEU A 1 161 ? 8.13645   6.09798   11.61494  1.000 28.95542 ? 161 LEU A CB  1 
ATOM   1323 C CG  . LEU A 1 161 ? 8.09552   4.57106   11.70970  1.000 31.66854 ? 161 LEU A CG  1 
ATOM   1324 C CD1 . LEU A 1 161 ? 9.08502   4.06627   12.75477  1.000 35.79921 ? 161 LEU A CD1 1 
ATOM   1325 C CD2 . LEU A 1 161 ? 6.68469   4.09211   12.01903  1.000 28.49933 ? 161 LEU A CD2 1 
ATOM   1326 N N   . ASP A 1 162 ? 10.74127  5.16482   9.76074   1.000 35.26378 ? 162 ASP A N   1 
ATOM   1327 C CA  . ASP A 1 162 ? 11.26581  4.55293   8.53345   1.000 40.13157 ? 162 ASP A CA  1 
ATOM   1328 C C   . ASP A 1 162 ? 12.02053  5.58337   7.69180   1.000 41.08066 ? 162 ASP A C   1 
ATOM   1329 O O   . ASP A 1 162 ? 11.95380  5.57681   6.46058   1.000 46.05876 ? 162 ASP A O   1 
ATOM   1330 C CB  . ASP A 1 162 ? 10.15322  3.86859   7.72679   1.000 40.36831 ? 162 ASP A CB  1 
ATOM   1331 C CG  . ASP A 1 162 ? 10.68408  2.80912   6.74979   1.000 47.61252 ? 162 ASP A CG  1 
ATOM   1332 O OD1 . ASP A 1 162 ? 11.72470  2.17753   7.03453   1.000 48.61615 ? 162 ASP A OD1 1 
ATOM   1333 O OD2 . ASP A 1 162 ? 10.05270  2.60762   5.68656   1.000 47.79940 ? 162 ASP A OD2 1 
ATOM   1334 N N   . THR A 1 163 ? 12.75656  6.46098   8.37868   1.000 41.74193 ? 163 THR A N   1 
ATOM   1335 C CA  . THR A 1 163 ? 13.58154  7.53390   7.79726   1.000 46.53775 ? 163 THR A CA  1 
ATOM   1336 C C   . THR A 1 163 ? 12.75368  8.51325   6.96228   1.000 46.42189 ? 163 THR A C   1 
ATOM   1337 O O   . THR A 1 163 ? 11.77170  9.09468   7.44754   1.000 43.71092 ? 163 THR A O   1 
ATOM   1338 C CB  . THR A 1 163 ? 14.74278  6.97236   6.92899   1.000 51.29344 ? 163 THR A CB  1 
ATOM   1339 O OG1 . THR A 1 163 ? 15.58283  6.12743   7.72824   1.000 55.63834 ? 163 THR A OG1 1 
ATOM   1340 C CG2 . THR A 1 163 ? 15.58218  8.10912   6.35029   1.000 45.19562 ? 163 THR A CG2 1 
HETATM 1341 O O   . HOH B 2 .   ? 0.53380   -8.47641  9.91984   1.000 33.48656 ? 201 HOH A O   1 
HETATM 1342 O O   . HOH B 2 .   ? 3.00606   17.08528  7.87947   1.000 30.73827 ? 202 HOH A O   1 
HETATM 1343 O O   . HOH B 2 .   ? 10.21745  4.50771   15.78114  1.000 46.94072 ? 203 HOH A O   1 
HETATM 1344 O O   . HOH B 2 .   ? 2.32207   -1.74124  0.21621   1.000 9.36966  ? 204 HOH A O   1 
HETATM 1345 O O   . HOH B 2 .   ? -1.54761  19.69971  10.77903  1.000 36.43689 ? 205 HOH A O   1 
HETATM 1346 O O   . HOH B 2 .   ? 0.72889   18.24907  7.17575   1.000 42.66787 ? 206 HOH A O   1 
HETATM 1347 O O   . HOH B 2 .   ? -6.87725  -9.54498  2.85810   1.000 32.68316 ? 207 HOH A O   1 
HETATM 1348 O O   . HOH B 2 .   ? -0.91939  -10.71109 5.26281   1.000 28.38380 ? 208 HOH A O   1 
HETATM 1349 O O   . HOH B 2 .   ? -0.93753  18.19329  17.01928  1.000 32.86839 ? 209 HOH A O   1 
HETATM 1350 O O   . HOH B 2 .   ? 12.71053  -9.58225  6.75739   1.000 37.77094 ? 210 HOH A O   1 
HETATM 1351 O O   . HOH B 2 .   ? 4.79347   -12.61078 5.76686   1.000 34.17012 ? 211 HOH A O   1 
HETATM 1352 O O   . HOH B 2 .   ? 6.77304   3.90737   -14.73061 1.000 24.34649 ? 212 HOH A O   1 
HETATM 1353 O O   . HOH B 2 .   ? 7.43802   1.77119   -18.82991 1.000 24.59854 ? 213 HOH A O   1 
HETATM 1354 O O   . HOH B 2 .   ? -1.93846  -4.75768  -21.10389 1.000 26.97070 ? 214 HOH A O   1 
HETATM 1355 O O   . HOH B 2 .   ? -13.60761 4.74909   7.68118   1.000 34.36358 ? 215 HOH A O   1 
HETATM 1356 O O   . HOH B 2 .   ? -4.35966  -0.06428  17.45347  1.000 31.44735 ? 216 HOH A O   1 
HETATM 1357 O O   . HOH B 2 .   ? 5.02229   -4.65323  16.92719  1.000 41.24422 ? 217 HOH A O   1 
HETATM 1358 O O   . HOH B 2 .   ? -18.88515 9.66956   10.06718  1.000 52.34269 ? 218 HOH A O   1 
HETATM 1359 O O   . HOH B 2 .   ? -7.92457  -0.20813  18.43000  1.000 45.91354 ? 219 HOH A O   1 
HETATM 1360 O O   . HOH B 2 .   ? -13.61485 6.96943   -16.94974 0.50  22.41381 ? 220 HOH A O   1 
HETATM 1361 O O   . HOH B 2 .   ? -6.71871  6.34031   20.10395  1.000 32.36760 ? 221 HOH A O   1 
HETATM 1362 O O   . HOH B 2 .   ? -12.08709 2.62329   -17.28203 1.000 28.68603 ? 222 HOH A O   1 
HETATM 1363 O O   . HOH B 2 .   ? -4.39952  16.60145  16.98138  1.000 32.03182 ? 223 HOH A O   1 
HETATM 1364 O O   . HOH B 2 .   ? -1.56511  -6.45011  -23.36810 1.000 30.68609 ? 224 HOH A O   1 
HETATM 1365 O O   . HOH B 2 .   ? -4.64267  -8.72173  -9.60293  1.000 15.19929 ? 225 HOH A O   1 
HETATM 1366 O O   . HOH B 2 .   ? 9.28835   -3.22917  8.28484   1.000 30.74147 ? 226 HOH A O   1 
HETATM 1367 O O   . HOH B 2 .   ? -10.39364 10.37487  3.66374   1.000 21.21393 ? 227 HOH A O   1 
HETATM 1368 O O   . HOH B 2 .   ? -13.44717 12.24727  12.99214  1.000 35.59991 ? 228 HOH A O   1 
HETATM 1369 O O   . HOH B 2 .   ? -10.63916 4.01661   3.88495   1.000 27.78871 ? 229 HOH A O   1 
HETATM 1370 O O   . HOH B 2 .   ? -6.62046  -3.42191  11.08360  1.000 30.82670 ? 230 HOH A O   1 
HETATM 1371 O O   . HOH B 2 .   ? -10.42435 1.98400   0.24602   1.000 27.18047 ? 231 HOH A O   1 
HETATM 1372 O O   . HOH B 2 .   ? 10.32309  -4.94527  -15.54424 1.000 27.93389 ? 232 HOH A O   1 
HETATM 1373 O O   . HOH B 2 .   ? 3.99842   -24.55566 -12.30704 1.000 23.04802 ? 233 HOH A O   1 
HETATM 1374 O O   . HOH B 2 .   ? 1.57839   -15.70540 -18.45063 1.000 20.74271 ? 234 HOH A O   1 
HETATM 1375 O O   . HOH B 2 .   ? 2.87034   -3.95286  -3.23814  1.000 17.11991 ? 235 HOH A O   1 
HETATM 1376 O O   . HOH B 2 .   ? 6.12733   -14.86708 -19.17933 1.000 17.57153 ? 236 HOH A O   1 
HETATM 1377 O O   . HOH B 2 .   ? -4.56262  -16.91803 -7.99068  1.000 20.92074 ? 237 HOH A O   1 
HETATM 1378 O O   . HOH B 2 .   ? -6.59180  -1.67048  -17.08412 1.000 24.10274 ? 238 HOH A O   1 
HETATM 1379 O O   . HOH B 2 .   ? -6.33183  -12.20559 -7.88515  1.000 26.27657 ? 239 HOH A O   1 
HETATM 1380 O O   . HOH B 2 .   ? 4.36934   14.35988  -0.53180  1.000 34.51315 ? 240 HOH A O   1 
HETATM 1381 O O   . HOH B 2 .   ? -0.99882  -8.76227  18.03151  1.000 39.09013 ? 241 HOH A O   1 
HETATM 1382 O O   . HOH B 2 .   ? -9.35197  8.13559   2.67043   1.000 17.07275 ? 242 HOH A O   1 
HETATM 1383 O O   . HOH B 2 .   ? 10.29374  1.03217   -4.51331  1.000 28.81445 ? 243 HOH A O   1 
HETATM 1384 O O   . HOH B 2 .   ? 2.47035   -11.24388 -0.74843  1.000 15.51427 ? 244 HOH A O   1 
HETATM 1385 O O   . HOH B 2 .   ? 2.91161   12.01654  -1.20702  1.000 25.88666 ? 245 HOH A O   1 
HETATM 1386 O O   . HOH B 2 .   ? 11.22252  -16.69990 -4.00758  1.000 15.10751 ? 246 HOH A O   1 
HETATM 1387 O O   . HOH B 2 .   ? 7.31609   -19.57038 -18.17628 1.000 15.37267 ? 247 HOH A O   1 
HETATM 1388 O O   . HOH B 2 .   ? 11.88553  -10.21614 -7.97056  1.000 21.23354 ? 248 HOH A O   1 
HETATM 1389 O O   . HOH B 2 .   ? -9.71035  0.93801   -11.10484 1.000 28.64242 ? 249 HOH A O   1 
HETATM 1390 O O   . HOH B 2 .   ? 6.60161   3.28571   3.49875   1.000 28.14483 ? 250 HOH A O   1 
HETATM 1391 O O   . HOH B 2 .   ? -4.97224  -18.85133 -17.91187 1.000 31.66330 ? 251 HOH A O   1 
HETATM 1392 O O   . HOH B 2 .   ? -7.35215  -7.09784  4.31570   1.000 30.11638 ? 252 HOH A O   1 
HETATM 1393 O O   . HOH B 2 .   ? -6.89492  7.42428   17.77676  1.000 26.37995 ? 253 HOH A O   1 
HETATM 1394 O O   . HOH B 2 .   ? -7.17649  8.69753   22.38127  1.000 37.05192 ? 254 HOH A O   1 
HETATM 1395 O O   . HOH B 2 .   ? 4.17389   -10.93359 1.42958   1.000 14.29014 ? 255 HOH A O   1 
HETATM 1396 O O   . HOH B 2 .   ? -2.60547  -21.41310 -18.73539 1.000 37.63325 ? 256 HOH A O   1 
HETATM 1397 O O   . HOH B 2 .   ? 9.89495   4.16941   -14.62132 1.000 36.52761 ? 257 HOH A O   1 
HETATM 1398 O O   . HOH B 2 .   ? -8.93764  -0.59199  4.57431   1.000 25.45502 ? 258 HOH A O   1 
HETATM 1399 O O   . HOH B 2 .   ? -9.44847  1.80100   -18.96054 1.000 33.05264 ? 259 HOH A O   1 
HETATM 1400 O O   . HOH B 2 .   ? 10.80895  -9.35659  3.47105   1.000 22.08399 ? 260 HOH A O   1 
HETATM 1401 O O   . HOH B 2 .   ? -5.07128  -6.62065  -7.70427  1.000 16.08222 ? 261 HOH A O   1 
HETATM 1402 O O   . HOH B 2 .   ? -6.20180  -10.12167 -20.82003 1.000 29.65054 ? 262 HOH A O   1 
HETATM 1403 O O   . HOH B 2 .   ? -1.07610  15.75049  4.42411   1.000 18.34324 ? 263 HOH A O   1 
HETATM 1404 O O   . HOH B 2 .   ? -2.38104  -8.92370  12.67888  1.000 42.88485 ? 264 HOH A O   1 
HETATM 1405 O O   . HOH B 2 .   ? 8.27639   1.22431   4.01983   1.000 41.96008 ? 265 HOH A O   1 
HETATM 1406 O O   . HOH B 2 .   ? -10.64566 0.97127   10.95048  1.000 40.25443 ? 266 HOH A O   1 
HETATM 1407 O O   . HOH B 2 .   ? -8.85598  -2.00812  2.17062   1.000 27.77028 ? 267 HOH A O   1 
HETATM 1408 O O   . HOH B 2 .   ? 5.56976   -5.23413  13.79890  1.000 29.62601 ? 268 HOH A O   1 
HETATM 1409 O O   . HOH B 2 .   ? -4.00241  -2.27943  -23.08999 1.000 27.35159 ? 269 HOH A O   1 
HETATM 1410 O O   . HOH B 2 .   ? 11.34614  -7.50475  -24.06494 1.000 28.15029 ? 270 HOH A O   1 
HETATM 1411 O O   . HOH B 2 .   ? -7.34457  -5.90284  -15.61234 1.000 23.30097 ? 271 HOH A O   1 
HETATM 1412 O O   . HOH B 2 .   ? 7.08552   -17.02849 -3.40047  1.000 14.22280 ? 272 HOH A O   1 
HETATM 1413 O O   . HOH B 2 .   ? 9.80662   0.98218   -12.03814 1.000 40.97235 ? 273 HOH A O   1 
HETATM 1414 O O   . HOH B 2 .   ? 0.35838   -3.06779  21.88767  1.000 30.76468 ? 274 HOH A O   1 
HETATM 1415 O O   . HOH B 2 .   ? -14.87001 7.69232   -1.91649  1.000 32.24993 ? 275 HOH A O   1 
HETATM 1416 O O   . HOH B 2 .   ? 10.88876  7.77489   14.23653  1.000 34.59227 ? 276 HOH A O   1 
HETATM 1417 O O   . HOH B 2 .   ? 8.77611   7.44050   0.26597   1.000 27.10625 ? 277 HOH A O   1 
HETATM 1418 O O   . HOH B 2 .   ? 6.69179   12.85324  1.14990   1.000 33.57632 ? 278 HOH A O   1 
HETATM 1419 O O   . HOH B 2 .   ? 10.41674  -7.11596  -9.54256  1.000 18.45257 ? 279 HOH A O   1 
HETATM 1420 O O   . HOH B 2 .   ? 9.66692   -3.42900  -13.58798 1.000 16.02106 ? 280 HOH A O   1 
HETATM 1421 O O   . HOH B 2 .   ? -0.04091  -9.85887  -25.49780 1.000 37.30506 ? 281 HOH A O   1 
HETATM 1422 O O   . HOH B 2 .   ? 10.47609  -0.21231  -7.20938  1.000 38.89426 ? 282 HOH A O   1 
HETATM 1423 O O   . HOH B 2 .   ? 9.37475   1.76132   -9.41090  1.000 26.99324 ? 283 HOH A O   1 
HETATM 1424 O O   . HOH B 2 .   ? -6.18144  -6.13884  10.54674  1.000 34.97747 ? 284 HOH A O   1 
HETATM 1425 O O   . HOH B 2 .   ? 5.90829   -1.70903  -24.75146 1.000 28.14558 ? 285 HOH A O   1 
HETATM 1426 O O   . HOH B 2 .   ? -1.62984  -2.91457  23.76125  1.000 36.76822 ? 286 HOH A O   1 
HETATM 1427 O O   . HOH B 2 .   ? 8.05809   10.13724  20.10952  1.000 29.35503 ? 287 HOH A O   1 
HETATM 1428 O O   . HOH B 2 .   ? -2.85651  4.62747   25.96212  1.000 24.99554 ? 288 HOH A O   1 
HETATM 1429 O O   . HOH B 2 .   ? -1.69580  10.72824  29.66561  1.000 37.80877 ? 289 HOH A O   1 
HETATM 1430 O O   . HOH B 2 .   ? 11.01831  0.01169   -2.05417  1.000 34.44425 ? 290 HOH A O   1 
HETATM 1431 O O   . HOH B 2 .   ? -7.71433  -2.78209  -9.70265  1.000 33.90060 ? 291 HOH A O   1 
HETATM 1432 O O   . HOH B 2 .   ? -13.62620 11.89634  8.96893   1.000 24.04317 ? 292 HOH A O   1 
HETATM 1433 O O   . HOH B 2 .   ? -0.90879  -4.80612  -25.31815 1.000 28.79623 ? 293 HOH A O   1 
HETATM 1434 O O   . HOH B 2 .   ? -10.86116 1.57177   -25.28255 1.000 45.35864 ? 294 HOH A O   1 
HETATM 1435 O O   . HOH B 2 .   ? -2.95352  -10.92328 3.64796   1.000 23.44714 ? 295 HOH A O   1 
HETATM 1436 O O   . HOH B 2 .   ? 8.46360   3.50392   19.87273  1.000 40.21376 ? 296 HOH A O   1 
HETATM 1437 O O   . HOH B 2 .   ? 6.53455   7.89902   -6.11962  1.000 26.10272 ? 297 HOH A O   1 
HETATM 1438 O O   . HOH B 2 .   ? -6.00508  18.54483  5.42229   1.000 25.63422 ? 298 HOH A O   1 
HETATM 1439 O O   . HOH B 2 .   ? -5.95488  12.91620  27.07305  1.000 37.90264 ? 299 HOH A O   1 
HETATM 1440 O O   . HOH B 2 .   ? -5.26998  -16.93637 -19.67753 1.000 29.26558 ? 300 HOH A O   1 
HETATM 1441 O O   . HOH B 2 .   ? 5.13988   15.31436  14.95099  1.000 36.02300 ? 301 HOH A O   1 
HETATM 1442 O O   . HOH B 2 .   ? -2.29802  -4.37447  18.63701  1.000 39.57485 ? 302 HOH A O   1 
HETATM 1443 O O   . HOH B 2 .   ? 16.07177  -13.66043 -9.61858  1.000 22.00472 ? 303 HOH A O   1 
HETATM 1444 O O   . HOH B 2 .   ? -4.09624  -10.91261 -7.99906  1.000 16.22292 ? 304 HOH A O   1 
HETATM 1445 O O   . HOH B 2 .   ? -9.30512  12.75800  4.02932   1.000 19.04851 ? 305 HOH A O   1 
HETATM 1446 O O   . HOH B 2 .   ? -2.45412  -13.50541 1.71614   1.000 26.26071 ? 306 HOH A O   1 
HETATM 1447 O O   . HOH B 2 .   ? -6.67444  20.50164  13.72704  1.000 32.47276 ? 307 HOH A O   1 
HETATM 1448 O O   . HOH B 2 .   ? 3.60535   -20.58837 -19.91920 1.000 31.38064 ? 308 HOH A O   1 
HETATM 1449 O O   . HOH B 2 .   ? 11.66409  -6.51943  -2.06514  1.000 21.88798 ? 309 HOH A O   1 
HETATM 1450 O O   . HOH B 2 .   ? 1.94859   -11.60074 -24.16020 1.000 37.80186 ? 310 HOH A O   1 
HETATM 1451 O O   . HOH B 2 .   ? 7.27736   -12.25916 -19.18918 1.000 24.33001 ? 311 HOH A O   1 
HETATM 1452 O O   . HOH B 2 .   ? -4.70553  14.13747  30.53306  1.000 41.00605 ? 312 HOH A O   1 
HETATM 1453 O O   . HOH B 2 .   ? 8.25788   13.40733  5.19251   1.000 29.03512 ? 313 HOH A O   1 
HETATM 1454 O O   . HOH B 2 .   ? -13.16083 23.05364  6.81497   1.000 36.91453 ? 314 HOH A O   1 
HETATM 1455 O O   . HOH B 2 .   ? -16.58676 6.91975   5.08060   1.000 30.51695 ? 315 HOH A O   1 
HETATM 1456 O O   . HOH B 2 .   ? 8.80280   6.42260   5.68750   1.000 33.32617 ? 316 HOH A O   1 
HETATM 1457 O O   . HOH B 2 .   ? 3.27543   15.44381  17.89273  1.000 23.86229 ? 317 HOH A O   1 
HETATM 1458 O O   . HOH B 2 .   ? -2.16264  -13.61821 -24.38759 1.000 32.02523 ? 318 HOH A O   1 
HETATM 1459 O O   . HOH B 2 .   ? 5.22155   -9.35858  8.18708   1.000 26.34055 ? 319 HOH A O   1 
HETATM 1460 O O   . HOH B 2 .   ? 11.82625  -0.90380  -0.52429  1.000 48.27083 ? 320 HOH A O   1 
HETATM 1461 O O   . HOH B 2 .   ? -7.85576  10.55831  17.13153  1.000 29.22125 ? 321 HOH A O   1 
HETATM 1462 O O   . HOH B 2 .   ? -13.35314 2.37526   -11.34076 1.000 45.46468 ? 322 HOH A O   1 
HETATM 1463 O O   . HOH B 2 .   ? 4.47209   -11.05842 -23.62073 1.000 34.64743 ? 323 HOH A O   1 
HETATM 1464 O O   . HOH B 2 .   ? -11.71664 12.90990  5.62412   1.000 34.19941 ? 324 HOH A O   1 
HETATM 1465 O O   . HOH B 2 .   ? -16.37374 8.87489   11.35735  1.000 37.01046 ? 325 HOH A O   1 
HETATM 1466 O O   . HOH B 2 .   ? -15.40984 6.01889   -4.59309  1.000 29.65662 ? 326 HOH A O   1 
HETATM 1467 O O   . HOH B 2 .   ? -8.48008  -2.21835  -12.73415 1.000 33.32649 ? 327 HOH A O   1 
HETATM 1468 O O   . HOH B 2 .   ? -2.86654  0.08069   26.77760  1.000 36.94879 ? 328 HOH A O   1 
HETATM 1469 O O   . HOH B 2 .   ? 11.42953  -0.85353  -17.49333 1.000 34.50364 ? 329 HOH A O   1 
HETATM 1470 O O   . HOH B 2 .   ? 11.02134  -2.15091  3.11405   1.000 36.97161 ? 330 HOH A O   1 
HETATM 1471 O O   . HOH B 2 .   ? 9.23719   4.21623   1.99745   1.000 44.48806 ? 331 HOH A O   1 
HETATM 1472 O O   . HOH B 2 .   ? -7.16197  10.52823  23.98633  1.000 47.47286 ? 332 HOH A O   1 
HETATM 1473 O O   . HOH B 2 .   ? -0.99766  -24.26108 -17.22015 1.000 39.75061 ? 333 HOH A O   1 
HETATM 1474 O O   . HOH B 2 .   ? -7.57953  -8.44174  6.80429   1.000 46.71064 ? 334 HOH A O   1 
HETATM 1475 O O   . HOH B 2 .   ? 11.65486  -11.63631 -14.53953 1.000 25.49622 ? 335 HOH A O   1 
HETATM 1476 O O   . HOH B 2 .   ? 6.25567   13.64491  3.49930   1.000 32.47631 ? 336 HOH A O   1 
HETATM 1477 O O   . HOH B 2 .   ? 5.67432   -2.06370  17.76311  1.000 30.82972 ? 337 HOH A O   1 
HETATM 1478 O O   . HOH B 2 .   ? -6.20164  0.13255   19.60474  1.000 40.46867 ? 338 HOH A O   1 
HETATM 1479 O O   . HOH B 2 .   ? -6.82452  -1.48089  21.55522  1.000 48.35887 ? 339 HOH A O   1 
HETATM 1480 O O   . HOH B 2 .   ? -0.35541  -5.32598  20.79177  1.000 37.24126 ? 340 HOH A O   1 
HETATM 1481 O O   . HOH B 2 .   ? 3.51399   -8.92988  -26.77480 1.000 42.76854 ? 341 HOH A O   1 
HETATM 1482 O O   . HOH B 2 .   ? -7.10035  -3.31872  -14.80806 1.000 19.59501 ? 342 HOH A O   1 
HETATM 1483 O O   . HOH B 2 .   ? 0.98711   -13.11158 3.75069   1.000 29.23985 ? 343 HOH A O   1 
HETATM 1484 O O   . HOH B 2 .   ? 2.64963   19.28502  4.09344   1.000 32.59548 ? 344 HOH A O   1 
HETATM 1485 O O   . HOH B 2 .   ? 4.67435   -18.49057 -25.66469 1.000 42.11054 ? 345 HOH A O   1 
HETATM 1486 O O   . HOH B 2 .   ? 11.12164  -5.56874  -11.91822 1.000 30.94739 ? 346 HOH A O   1 
HETATM 1487 O O   . HOH B 2 .   ? -4.76738  -19.00718 -10.06261 1.000 34.56476 ? 347 HOH A O   1 
HETATM 1488 O O   . HOH B 2 .   ? -8.53405  10.68452  25.65093  1.000 57.25386 ? 348 HOH A O   1 
HETATM 1489 O O   . HOH B 2 .   ? 5.16532   -19.18071 -23.42025 1.000 52.53573 ? 349 HOH A O   1 
HETATM 1490 O O   . HOH B 2 .   ? -12.78853 3.28854   5.52408   1.000 30.49086 ? 350 HOH A O   1 
HETATM 1491 O O   . HOH B 2 .   ? -8.69571  -11.03628 -20.82985 1.000 43.52799 ? 351 HOH A O   1 
HETATM 1492 O O   . HOH B 2 .   ? -11.77571 4.33213   1.56082   1.000 28.72054 ? 352 HOH A O   1 
HETATM 1493 O O   . HOH B 2 .   ? 10.13695  -1.13723  7.25350   1.000 39.13951 ? 353 HOH A O   1 
HETATM 1494 O O   . HOH B 2 .   ? -7.55801  -5.89910  -7.05621  1.000 25.56242 ? 354 HOH A O   1 
HETATM 1495 O O   . HOH B 2 .   ? 13.79424  -14.76923 -7.25494  1.000 26.94881 ? 355 HOH A O   1 
HETATM 1496 O O   . HOH B 2 .   ? 8.91724   -2.59787  11.35835  1.000 34.00753 ? 356 HOH A O   1 
HETATM 1497 O O   . HOH B 2 .   ? -9.55928  1.64020   3.09099   1.000 31.53869 ? 357 HOH A O   1 
HETATM 1498 O O   . HOH B 2 .   ? 2.37054   22.25635  10.69502  1.000 38.39067 ? 358 HOH A O   1 
HETATM 1499 O O   . HOH B 2 .   ? 12.19318  -11.96377 6.18821   1.000 28.42412 ? 359 HOH A O   1 
HETATM 1500 O O   . HOH B 2 .   ? -10.52165 -1.02316  -0.93072  1.000 48.14445 ? 360 HOH A O   1 
HETATM 1501 O O   . HOH B 2 .   ? 12.80766  -8.17788  -9.33264  1.000 27.98022 ? 361 HOH A O   1 
HETATM 1502 O O   . HOH B 2 .   ? 3.53900   -11.53239 3.93604   1.000 22.60174 ? 362 HOH A O   1 
HETATM 1503 O O   . HOH B 2 .   ? -6.81709  -7.79905  -20.11433 1.000 35.32977 ? 363 HOH A O   1 
HETATM 1504 O O   . HOH B 2 .   ? 12.26430  3.97081   1.54799   1.000 51.34947 ? 364 HOH A O   1 
HETATM 1505 O O   . HOH B 2 .   ? 11.24080  -1.30470  -12.41620 1.000 38.39369 ? 365 HOH A O   1 
HETATM 1506 O O   . HOH B 2 .   ? 8.46477   11.63812  -4.89755  1.000 52.41168 ? 366 HOH A O   1 
HETATM 1507 O O   . HOH B 2 .   ? -15.59860 3.93004   -4.46696  1.000 31.01716 ? 367 HOH A O   1 
HETATM 1508 O O   . HOH B 2 .   ? -6.71826  -3.76526  -19.03517 1.000 30.55751 ? 368 HOH A O   1 
HETATM 1509 O O   . HOH B 2 .   ? 12.15104  -9.45783  -14.30150 1.000 27.20986 ? 369 HOH A O   1 
HETATM 1510 O O   . HOH B 2 .   ? 5.86819   -7.79328  -28.41983 1.000 51.45458 ? 370 HOH A O   1 
HETATM 1511 O O   . HOH B 2 .   ? 4.96107   10.48254  -8.94998  1.000 32.65395 ? 371 HOH A O   1 
HETATM 1512 O O   . HOH B 2 .   ? -9.45005  -1.49336  -2.91703  1.000 37.60508 ? 372 HOH A O   1 
HETATM 1513 O O   . HOH B 2 .   ? 13.30713  -8.61180  -3.11130  1.000 39.48904 ? 373 HOH A O   1 
HETATM 1514 O O   . HOH B 2 .   ? -7.39477  -17.00806 -21.16947 1.000 50.31594 ? 374 HOH A O   1 
HETATM 1515 O O   . HOH B 2 .   ? 11.59953  -18.19023 -6.30674  0.33  18.20661 ? 375 HOH A O   1 
HETATM 1516 O O   . HOH B 2 .   ? -4.39253  13.05774  32.43286  1.000 46.83912 ? 376 HOH A O   1 
HETATM 1517 O O   . HOH B 2 .   ? 7.32168   -11.83061 -21.83898 1.000 37.85634 ? 377 HOH A O   1 
HETATM 1518 O O   . HOH B 2 .   ? 8.75484   15.70820  6.72735   1.000 37.76863 ? 378 HOH A O   1 
HETATM 1519 O O   . HOH B 2 .   ? -7.45362  -5.81573  -18.41673 1.000 33.05479 ? 379 HOH A O   1 
HETATM 1520 O O   . HOH B 2 .   ? -5.24325  -9.98522  -23.37864 1.000 40.92328 ? 380 HOH A O   1 
HETATM 1521 O O   . HOH B 2 .   ? -9.22982  13.13771  16.25062  1.000 39.72750 ? 381 HOH A O   1 
HETATM 1522 O O   . HOH B 2 .   ? -8.49950  9.17238   19.59655  1.000 48.80057 ? 382 HOH A O   1 
HETATM 1523 O O   . HOH B 2 .   ? -11.25146 -0.21997  13.63863  1.000 45.18838 ? 383 HOH A O   1 
HETATM 1524 O O   . HOH B 2 .   ? -14.37167 19.30324  4.40326   1.000 43.35865 ? 384 HOH A O   1 
HETATM 1525 O O   . HOH B 2 .   ? -4.41840  -7.57971  -24.00349 1.000 40.81223 ? 385 HOH A O   1 
HETATM 1526 O O   . HOH B 2 .   ? 14.97125  -8.58707  -5.27639  1.000 40.86340 ? 386 HOH A O   1 
HETATM 1527 O O   . HOH B 2 .   ? 3.86917   -21.73829 -23.95686 1.000 41.13112 ? 387 HOH A O   1 
HETATM 1528 O O   . HOH B 2 .   ? 10.92945  17.08568  5.94834   1.000 51.02252 ? 388 HOH A O   1 
# 
